data_2DMC
#
_entry.id   2DMC
#
_entity_poly.entity_id   1
_entity_poly.type   'polypeptide(L)'
_entity_poly.pdbx_seq_one_letter_code
;GSSGSSGIPGSPFTAKITDDSRRCSQVKLGSAADFLLDISETDLSSLTASIKAPSGRDEPCLLKRLPNNHIGISFIPREV
GEHLVSIKKNGNHVANSPVSIMVVQSEIGDSGPSSG
;
_entity_poly.pdbx_strand_id   A
#
# COMPACT_ATOMS: atom_id res chain seq x y z
N GLY A 1 -6.52 18.12 -1.30
CA GLY A 1 -7.31 19.02 -2.13
C GLY A 1 -8.52 19.56 -1.41
N SER A 2 -9.34 20.33 -2.11
CA SER A 2 -10.54 20.91 -1.53
C SER A 2 -11.80 20.35 -2.20
N SER A 3 -12.63 19.69 -1.40
CA SER A 3 -13.86 19.10 -1.93
C SER A 3 -15.08 19.73 -1.25
N GLY A 4 -16.22 19.68 -1.94
CA GLY A 4 -17.44 20.25 -1.40
C GLY A 4 -18.67 19.81 -2.17
N SER A 5 -19.16 20.68 -3.06
CA SER A 5 -20.34 20.37 -3.86
C SER A 5 -20.00 19.37 -4.96
N SER A 6 -19.93 18.10 -4.61
CA SER A 6 -19.62 17.05 -5.57
C SER A 6 -18.58 17.52 -6.57
N GLY A 7 -17.45 18.02 -6.05
CA GLY A 7 -16.39 18.51 -6.92
C GLY A 7 -15.07 17.79 -6.68
N ILE A 8 -14.53 17.19 -7.74
CA ILE A 8 -13.27 16.46 -7.65
C ILE A 8 -12.10 17.41 -7.51
N PRO A 9 -11.12 17.03 -6.69
CA PRO A 9 -9.92 17.84 -6.44
C PRO A 9 -9.00 17.89 -7.67
N GLY A 10 -8.66 19.11 -8.07
CA GLY A 10 -7.79 19.29 -9.23
C GLY A 10 -6.40 19.76 -8.84
N SER A 11 -6.02 20.93 -9.34
CA SER A 11 -4.71 21.49 -9.06
C SER A 11 -4.57 22.89 -9.65
N PRO A 12 -3.87 23.78 -8.93
CA PRO A 12 -3.65 25.16 -9.36
C PRO A 12 -2.71 25.24 -10.56
N PHE A 13 -2.35 26.47 -10.93
CA PHE A 13 -1.46 26.70 -12.07
C PHE A 13 -0.02 26.37 -11.69
N THR A 14 0.47 27.01 -10.64
CA THR A 14 1.84 26.79 -10.18
C THR A 14 2.00 25.40 -9.56
N ALA A 15 3.20 24.85 -9.67
CA ALA A 15 3.49 23.53 -9.12
C ALA A 15 3.87 23.61 -7.65
N LYS A 16 3.13 22.89 -6.81
CA LYS A 16 3.39 22.87 -5.38
C LYS A 16 3.50 21.45 -4.85
N ILE A 17 3.74 20.51 -5.76
CA ILE A 17 3.87 19.11 -5.39
C ILE A 17 4.67 18.95 -4.10
N THR A 18 4.28 17.98 -3.28
CA THR A 18 4.97 17.73 -2.02
C THR A 18 5.47 16.29 -1.95
N ASP A 19 6.05 15.81 -3.05
CA ASP A 19 6.58 14.46 -3.11
C ASP A 19 7.44 14.28 -4.36
N ASP A 20 8.73 14.03 -4.14
CA ASP A 20 9.66 13.83 -5.25
C ASP A 20 9.45 12.46 -5.89
N SER A 21 10.02 12.28 -7.08
CA SER A 21 9.89 11.03 -7.81
C SER A 21 10.99 10.05 -7.39
N ARG A 22 11.35 10.09 -6.11
CA ARG A 22 12.38 9.20 -5.59
C ARG A 22 12.18 7.77 -6.08
N ARG A 23 13.18 6.92 -5.84
CA ARG A 23 13.12 5.54 -6.26
C ARG A 23 12.37 4.69 -5.23
N CYS A 24 11.27 5.23 -4.72
CA CYS A 24 10.47 4.52 -3.73
C CYS A 24 8.98 4.72 -3.99
N SER A 25 8.16 3.86 -3.39
CA SER A 25 6.72 3.94 -3.57
C SER A 25 6.09 4.89 -2.53
N GLN A 26 4.95 5.47 -2.88
CA GLN A 26 4.27 6.39 -1.98
C GLN A 26 2.84 5.93 -1.73
N VAL A 27 2.46 5.87 -0.46
CA VAL A 27 1.12 5.45 -0.07
C VAL A 27 0.49 6.43 0.90
N LYS A 28 -0.84 6.40 0.99
CA LYS A 28 -1.57 7.29 1.90
C LYS A 28 -1.75 6.64 3.26
N LEU A 29 -1.00 7.10 4.24
CA LEU A 29 -1.09 6.57 5.59
C LEU A 29 -2.44 6.88 6.22
N GLY A 30 -3.06 5.88 6.85
CA GLY A 30 -4.35 6.09 7.47
C GLY A 30 -5.50 5.95 6.50
N SER A 31 -5.23 5.35 5.35
CA SER A 31 -6.25 5.16 4.32
C SER A 31 -5.99 3.90 3.51
N ALA A 32 -6.99 3.04 3.41
CA ALA A 32 -6.87 1.79 2.67
C ALA A 32 -6.36 2.05 1.25
N ALA A 33 -5.13 1.60 0.99
CA ALA A 33 -4.53 1.77 -0.33
C ALA A 33 -4.28 0.44 -1.01
N ASP A 34 -4.62 0.35 -2.29
CA ASP A 34 -4.44 -0.87 -3.05
C ASP A 34 -3.00 -1.00 -3.55
N PHE A 35 -2.54 -2.23 -3.71
CA PHE A 35 -1.18 -2.48 -4.19
C PHE A 35 -1.18 -3.50 -5.33
N LEU A 36 -0.61 -3.10 -6.46
CA LEU A 36 -0.55 -3.98 -7.63
C LEU A 36 0.76 -4.76 -7.65
N LEU A 37 0.66 -6.06 -7.37
CA LEU A 37 1.84 -6.92 -7.36
C LEU A 37 1.71 -8.05 -8.38
N ASP A 38 2.79 -8.36 -9.07
CA ASP A 38 2.80 -9.42 -10.07
C ASP A 38 3.00 -10.79 -9.42
N ILE A 39 1.89 -11.50 -9.20
CA ILE A 39 1.94 -12.81 -8.59
C ILE A 39 1.30 -13.87 -9.49
N SER A 40 1.93 -15.04 -9.56
CA SER A 40 1.42 -16.13 -10.38
C SER A 40 0.35 -16.92 -9.65
N GLU A 41 -0.48 -16.21 -8.89
CA GLU A 41 -1.55 -16.84 -8.13
C GLU A 41 -2.88 -16.12 -8.36
N THR A 42 -3.84 -16.84 -8.91
CA THR A 42 -5.17 -16.27 -9.19
C THR A 42 -6.08 -16.40 -7.98
N ASP A 43 -6.34 -17.64 -7.58
CA ASP A 43 -7.21 -17.92 -6.43
C ASP A 43 -6.97 -16.89 -5.32
N LEU A 44 -8.03 -16.19 -4.93
CA LEU A 44 -7.94 -15.19 -3.88
C LEU A 44 -8.15 -15.82 -2.50
N SER A 45 -9.33 -16.38 -2.28
CA SER A 45 -9.66 -17.01 -1.01
C SER A 45 -8.60 -18.04 -0.63
N SER A 46 -8.22 -18.87 -1.60
CA SER A 46 -7.21 -19.90 -1.35
C SER A 46 -5.94 -19.30 -0.77
N LEU A 47 -5.80 -17.99 -0.91
CA LEU A 47 -4.63 -17.28 -0.39
C LEU A 47 -4.95 -16.57 0.93
N THR A 48 -3.92 -16.21 1.68
CA THR A 48 -4.09 -15.53 2.94
C THR A 48 -3.58 -14.10 2.88
N ALA A 49 -4.13 -13.23 3.72
CA ALA A 49 -3.72 -11.83 3.76
C ALA A 49 -3.36 -11.40 5.18
N SER A 50 -2.09 -11.03 5.37
CA SER A 50 -1.61 -10.61 6.68
C SER A 50 -0.49 -9.58 6.55
N ILE A 51 -0.51 -8.59 7.43
CA ILE A 51 0.51 -7.54 7.41
C ILE A 51 0.91 -7.14 8.82
N LYS A 52 2.16 -6.72 8.98
CA LYS A 52 2.68 -6.31 10.28
C LYS A 52 3.68 -5.16 10.13
N ALA A 53 3.25 -3.96 10.50
CA ALA A 53 4.11 -2.78 10.40
C ALA A 53 5.52 -3.10 10.91
N PRO A 54 6.46 -2.17 10.67
CA PRO A 54 7.85 -2.32 11.09
C PRO A 54 8.01 -2.22 12.60
N SER A 55 7.02 -1.62 13.26
CA SER A 55 7.06 -1.47 14.70
C SER A 55 6.31 -2.61 15.40
N GLY A 56 5.88 -3.58 14.61
CA GLY A 56 5.15 -4.72 15.16
C GLY A 56 3.69 -4.43 15.37
N ARG A 57 3.16 -3.48 14.61
CA ARG A 57 1.75 -3.10 14.73
C ARG A 57 0.93 -3.70 13.59
N ASP A 58 0.08 -4.67 13.92
CA ASP A 58 -0.77 -5.32 12.93
C ASP A 58 -1.63 -4.31 12.21
N GLU A 59 -1.94 -4.60 10.94
CA GLU A 59 -2.76 -3.70 10.14
C GLU A 59 -3.83 -4.49 9.38
N PRO A 60 -5.02 -3.88 9.24
CA PRO A 60 -6.15 -4.51 8.54
C PRO A 60 -5.92 -4.61 7.04
N CYS A 61 -5.64 -5.83 6.58
CA CYS A 61 -5.41 -6.06 5.15
C CYS A 61 -6.55 -6.86 4.53
N LEU A 62 -6.86 -6.55 3.28
CA LEU A 62 -7.94 -7.21 2.56
C LEU A 62 -7.57 -7.45 1.10
N LEU A 63 -7.59 -8.71 0.69
CA LEU A 63 -7.25 -9.06 -0.69
C LEU A 63 -8.50 -9.03 -1.58
N LYS A 64 -8.37 -8.41 -2.75
CA LYS A 64 -9.48 -8.31 -3.68
C LYS A 64 -9.01 -8.56 -5.12
N ARG A 65 -9.95 -8.88 -6.00
CA ARG A 65 -9.62 -9.14 -7.39
C ARG A 65 -9.66 -7.85 -8.21
N LEU A 66 -8.52 -7.49 -8.79
CA LEU A 66 -8.43 -6.27 -9.59
C LEU A 66 -8.74 -6.57 -11.05
N PRO A 67 -9.22 -5.54 -11.77
CA PRO A 67 -9.57 -5.67 -13.20
C PRO A 67 -8.34 -5.84 -14.08
N ASN A 68 -8.55 -5.85 -15.39
CA ASN A 68 -7.46 -6.01 -16.34
C ASN A 68 -6.64 -7.26 -16.03
N ASN A 69 -7.30 -8.26 -15.46
CA ASN A 69 -6.64 -9.50 -15.10
C ASN A 69 -5.50 -9.26 -14.12
N HIS A 70 -5.81 -8.57 -13.03
CA HIS A 70 -4.81 -8.26 -12.00
C HIS A 70 -5.39 -8.47 -10.61
N ILE A 71 -4.50 -8.61 -9.62
CA ILE A 71 -4.92 -8.81 -8.25
C ILE A 71 -3.96 -8.12 -7.27
N GLY A 72 -4.53 -7.41 -6.30
CA GLY A 72 -3.72 -6.72 -5.32
C GLY A 72 -4.35 -6.71 -3.94
N ILE A 73 -3.57 -6.33 -2.94
CA ILE A 73 -4.06 -6.28 -1.57
C ILE A 73 -4.44 -4.85 -1.16
N SER A 74 -5.32 -4.73 -0.18
CA SER A 74 -5.76 -3.42 0.29
C SER A 74 -5.80 -3.39 1.82
N PHE A 75 -4.88 -2.63 2.41
CA PHE A 75 -4.82 -2.50 3.86
C PHE A 75 -4.60 -1.05 4.28
N ILE A 76 -4.85 -0.77 5.55
CA ILE A 76 -4.69 0.59 6.07
C ILE A 76 -3.43 0.70 6.93
N PRO A 77 -2.32 1.11 6.28
CA PRO A 77 -1.04 1.26 6.96
C PRO A 77 -1.02 2.43 7.93
N ARG A 78 -0.59 2.18 9.16
CA ARG A 78 -0.54 3.23 10.18
C ARG A 78 0.87 3.78 10.32
N GLU A 79 1.86 2.91 10.15
CA GLU A 79 3.26 3.32 10.24
C GLU A 79 3.91 3.37 8.87
N VAL A 80 4.96 4.18 8.75
CA VAL A 80 5.68 4.32 7.49
C VAL A 80 7.02 3.61 7.53
N GLY A 81 7.38 2.97 6.43
CA GLY A 81 8.65 2.26 6.37
C GLY A 81 8.57 1.00 5.52
N GLU A 82 9.22 -0.05 5.98
CA GLU A 82 9.23 -1.32 5.24
C GLU A 82 8.23 -2.31 5.87
N HIS A 83 7.09 -2.48 5.20
CA HIS A 83 6.06 -3.39 5.69
C HIS A 83 6.21 -4.77 5.04
N LEU A 84 5.90 -5.80 5.81
CA LEU A 84 6.01 -7.18 5.32
C LEU A 84 4.63 -7.84 5.28
N VAL A 85 4.19 -8.19 4.07
CA VAL A 85 2.89 -8.84 3.90
C VAL A 85 3.04 -10.36 3.80
N SER A 86 2.41 -11.07 4.73
CA SER A 86 2.47 -12.53 4.74
C SER A 86 1.38 -13.13 3.87
N ILE A 87 1.76 -13.60 2.69
CA ILE A 87 0.81 -14.21 1.76
C ILE A 87 1.07 -15.70 1.60
N LYS A 88 0.14 -16.52 2.07
CA LYS A 88 0.26 -17.97 1.97
C LYS A 88 -1.01 -18.59 1.40
N LYS A 89 -0.95 -19.88 1.10
CA LYS A 89 -2.09 -20.60 0.55
C LYS A 89 -2.43 -21.81 1.40
N ASN A 90 -3.52 -21.71 2.15
CA ASN A 90 -3.96 -22.81 3.02
C ASN A 90 -2.90 -23.13 4.06
N GLY A 91 -2.13 -22.12 4.45
CA GLY A 91 -1.09 -22.32 5.44
C GLY A 91 0.26 -22.63 4.81
N ASN A 92 0.40 -22.31 3.53
CA ASN A 92 1.65 -22.56 2.82
C ASN A 92 2.10 -21.32 2.06
N HIS A 93 3.09 -20.62 2.60
CA HIS A 93 3.62 -19.42 1.99
C HIS A 93 3.66 -19.57 0.46
N VAL A 94 3.34 -18.48 -0.24
CA VAL A 94 3.35 -18.49 -1.70
C VAL A 94 4.58 -17.78 -2.24
N ALA A 95 4.70 -17.75 -3.57
CA ALA A 95 5.83 -17.10 -4.22
C ALA A 95 5.77 -15.58 -4.04
N ASN A 96 6.93 -14.96 -3.87
CA ASN A 96 7.00 -13.52 -3.68
C ASN A 96 6.42 -13.11 -2.34
N SER A 97 6.44 -14.04 -1.38
CA SER A 97 5.90 -13.78 -0.05
C SER A 97 6.93 -14.08 1.02
N PRO A 98 6.93 -13.30 2.10
CA PRO A 98 5.99 -12.18 2.26
C PRO A 98 6.27 -11.04 1.30
N VAL A 99 5.23 -10.39 0.82
CA VAL A 99 5.37 -9.27 -0.11
C VAL A 99 5.84 -8.01 0.62
N SER A 100 6.93 -7.43 0.13
CA SER A 100 7.49 -6.21 0.73
C SER A 100 6.85 -4.97 0.13
N ILE A 101 6.49 -4.02 0.98
CA ILE A 101 5.88 -2.77 0.54
C ILE A 101 6.45 -1.58 1.29
N MET A 102 6.61 -0.46 0.58
CA MET A 102 7.15 0.75 1.19
C MET A 102 6.03 1.75 1.49
N VAL A 103 5.94 2.16 2.76
CA VAL A 103 4.92 3.10 3.18
C VAL A 103 5.54 4.43 3.58
N VAL A 104 5.03 5.52 3.00
CA VAL A 104 5.53 6.86 3.30
C VAL A 104 4.39 7.85 3.48
N GLN A 105 4.57 8.81 4.38
CA GLN A 105 3.55 9.81 4.64
C GLN A 105 3.43 10.79 3.46
N SER A 106 2.20 10.96 2.97
CA SER A 106 1.96 11.85 1.85
C SER A 106 2.11 13.31 2.27
N GLU A 107 1.41 13.69 3.32
CA GLU A 107 1.47 15.06 3.83
C GLU A 107 1.79 15.08 5.32
N ILE A 108 2.53 16.10 5.75
CA ILE A 108 2.89 16.23 7.15
C ILE A 108 1.72 16.71 7.99
N GLY A 109 1.06 15.77 8.66
CA GLY A 109 -0.07 16.11 9.50
C GLY A 109 -0.58 14.93 10.30
N ASP A 110 -0.85 15.16 11.58
CA ASP A 110 -1.35 14.10 12.46
C ASP A 110 -2.87 14.01 12.39
N SER A 111 -3.37 13.11 11.56
CA SER A 111 -4.81 12.93 11.39
C SER A 111 -5.46 14.20 10.88
N GLY A 112 -4.82 14.85 9.92
CA GLY A 112 -5.35 16.08 9.36
C GLY A 112 -5.06 17.29 10.22
N PRO A 113 -5.64 18.44 9.85
CA PRO A 113 -5.44 19.69 10.59
C PRO A 113 -6.12 19.67 11.95
N SER A 114 -5.31 19.50 13.01
CA SER A 114 -5.83 19.46 14.36
C SER A 114 -4.71 19.70 15.37
N SER A 115 -5.02 20.48 16.42
CA SER A 115 -4.04 20.78 17.45
C SER A 115 -3.36 19.51 17.96
N GLY A 116 -2.38 19.69 18.84
CA GLY A 116 -1.67 18.55 19.38
C GLY A 116 -2.39 17.92 20.55
N GLY A 1 9.02 19.34 12.51
CA GLY A 1 9.33 18.56 11.33
C GLY A 1 8.10 17.99 10.66
N SER A 2 7.31 17.24 11.42
CA SER A 2 6.09 16.64 10.90
C SER A 2 4.91 17.60 11.02
N SER A 3 4.05 17.62 10.00
CA SER A 3 2.89 18.49 9.99
C SER A 3 1.64 17.73 10.41
N GLY A 4 0.66 18.45 10.94
CA GLY A 4 -0.58 17.83 11.38
C GLY A 4 -1.20 16.97 10.29
N SER A 5 -1.39 15.69 10.59
CA SER A 5 -1.97 14.76 9.63
C SER A 5 -3.17 15.38 8.93
N SER A 6 -3.27 15.16 7.62
CA SER A 6 -4.36 15.71 6.83
C SER A 6 -4.95 14.64 5.91
N GLY A 7 -6.10 14.95 5.31
CA GLY A 7 -6.75 14.01 4.42
C GLY A 7 -7.34 14.69 3.20
N ILE A 8 -6.52 15.41 2.46
CA ILE A 8 -6.97 16.11 1.27
C ILE A 8 -7.17 15.15 0.10
N PRO A 9 -8.15 15.44 -0.76
CA PRO A 9 -8.45 14.61 -1.93
C PRO A 9 -7.36 14.68 -2.99
N GLY A 10 -7.20 13.59 -3.73
CA GLY A 10 -6.20 13.55 -4.78
C GLY A 10 -6.70 14.11 -6.09
N SER A 11 -5.81 14.18 -7.08
CA SER A 11 -6.17 14.71 -8.39
C SER A 11 -6.71 13.61 -9.29
N PRO A 12 -7.70 13.96 -10.12
CA PRO A 12 -8.33 13.01 -11.05
C PRO A 12 -7.39 12.60 -12.18
N PHE A 13 -6.22 13.21 -12.22
CA PHE A 13 -5.23 12.91 -13.25
C PHE A 13 -4.87 11.42 -13.24
N THR A 14 -5.67 10.63 -13.94
CA THR A 14 -5.44 9.19 -14.02
C THR A 14 -4.57 8.82 -15.22
N ALA A 15 -3.56 8.01 -14.99
CA ALA A 15 -2.67 7.58 -16.05
C ALA A 15 -1.77 6.43 -15.60
N LYS A 16 -1.45 5.54 -16.53
CA LYS A 16 -0.60 4.39 -16.23
C LYS A 16 0.84 4.83 -15.96
N ILE A 17 1.40 5.61 -16.87
CA ILE A 17 2.76 6.10 -16.72
C ILE A 17 2.99 6.69 -15.34
N THR A 18 4.25 6.98 -15.03
CA THR A 18 4.60 7.54 -13.73
C THR A 18 5.53 8.75 -13.89
N ASP A 19 4.98 9.95 -13.73
CA ASP A 19 5.75 11.17 -13.85
C ASP A 19 6.70 11.34 -12.67
N ASP A 20 6.19 11.09 -11.47
CA ASP A 20 6.99 11.21 -10.26
C ASP A 20 8.19 10.26 -10.30
N SER A 21 9.29 10.73 -10.89
CA SER A 21 10.50 9.92 -11.00
C SER A 21 11.08 9.64 -9.62
N ARG A 22 10.49 8.66 -8.93
CA ARG A 22 10.95 8.28 -7.60
C ARG A 22 11.27 6.79 -7.54
N ARG A 23 11.95 6.37 -6.47
CA ARG A 23 12.31 4.97 -6.30
C ARG A 23 11.44 4.32 -5.23
N CYS A 24 11.27 5.00 -4.10
CA CYS A 24 10.47 4.48 -3.00
C CYS A 24 8.99 4.57 -3.32
N SER A 25 8.22 3.60 -2.84
CA SER A 25 6.78 3.58 -3.08
C SER A 25 6.07 4.65 -2.25
N GLN A 26 5.11 5.33 -2.86
CA GLN A 26 4.35 6.37 -2.18
C GLN A 26 2.96 5.87 -1.81
N VAL A 27 2.63 5.96 -0.52
CA VAL A 27 1.33 5.52 -0.04
C VAL A 27 0.70 6.56 0.89
N LYS A 28 -0.62 6.62 0.90
CA LYS A 28 -1.33 7.56 1.75
C LYS A 28 -1.64 6.96 3.11
N LEU A 29 -0.87 7.35 4.12
CA LEU A 29 -1.05 6.84 5.47
C LEU A 29 -2.45 7.18 5.99
N GLY A 30 -3.05 6.23 6.70
CA GLY A 30 -4.38 6.45 7.24
C GLY A 30 -5.47 6.37 6.19
N SER A 31 -5.14 5.74 5.05
CA SER A 31 -6.10 5.61 3.97
C SER A 31 -5.88 4.30 3.20
N ALA A 32 -6.96 3.63 2.86
CA ALA A 32 -6.89 2.37 2.14
C ALA A 32 -6.16 2.55 0.80
N ALA A 33 -4.98 1.95 0.69
CA ALA A 33 -4.19 2.05 -0.52
C ALA A 33 -4.06 0.69 -1.20
N ASP A 34 -4.21 0.67 -2.53
CA ASP A 34 -4.12 -0.56 -3.29
C ASP A 34 -2.67 -0.84 -3.70
N PHE A 35 -2.34 -2.12 -3.85
CA PHE A 35 -0.99 -2.52 -4.23
C PHE A 35 -1.03 -3.57 -5.34
N LEU A 36 -0.34 -3.29 -6.43
CA LEU A 36 -0.28 -4.20 -7.56
C LEU A 36 0.91 -5.13 -7.46
N LEU A 37 0.64 -6.41 -7.24
CA LEU A 37 1.69 -7.42 -7.12
C LEU A 37 1.53 -8.50 -8.16
N ASP A 38 2.61 -8.80 -8.88
CA ASP A 38 2.58 -9.83 -9.91
C ASP A 38 2.66 -11.23 -9.29
N ILE A 39 1.51 -11.88 -9.18
CA ILE A 39 1.45 -13.22 -8.59
C ILE A 39 0.64 -14.16 -9.48
N SER A 40 1.13 -15.39 -9.64
CA SER A 40 0.46 -16.39 -10.46
C SER A 40 -0.61 -17.12 -9.64
N GLU A 41 -1.17 -16.44 -8.66
CA GLU A 41 -2.20 -17.03 -7.81
C GLU A 41 -3.50 -16.24 -7.90
N THR A 42 -4.55 -16.89 -8.41
CA THR A 42 -5.85 -16.25 -8.56
C THR A 42 -6.89 -16.92 -7.68
N ASP A 43 -6.48 -17.30 -6.47
CA ASP A 43 -7.38 -17.95 -5.53
C ASP A 43 -7.36 -17.24 -4.17
N LEU A 44 -7.98 -16.06 -4.13
CA LEU A 44 -8.03 -15.28 -2.90
C LEU A 44 -8.19 -16.17 -1.69
N SER A 45 -9.36 -16.80 -1.56
CA SER A 45 -9.64 -17.68 -0.44
C SER A 45 -8.44 -18.57 -0.13
N SER A 46 -8.10 -19.43 -1.09
CA SER A 46 -6.97 -20.34 -0.93
C SER A 46 -5.73 -19.60 -0.40
N LEU A 47 -5.64 -18.32 -0.74
CA LEU A 47 -4.52 -17.50 -0.30
C LEU A 47 -4.88 -16.71 0.95
N THR A 48 -3.86 -16.32 1.72
CA THR A 48 -4.06 -15.55 2.94
C THR A 48 -3.41 -14.18 2.85
N ALA A 49 -3.93 -13.24 3.64
CA ALA A 49 -3.38 -11.89 3.65
C ALA A 49 -3.07 -11.44 5.07
N SER A 50 -1.82 -11.07 5.31
CA SER A 50 -1.39 -10.62 6.64
C SER A 50 -0.33 -9.53 6.52
N ILE A 51 -0.40 -8.54 7.41
CA ILE A 51 0.56 -7.45 7.42
C ILE A 51 0.89 -7.01 8.84
N LYS A 52 2.17 -6.95 9.14
CA LYS A 52 2.62 -6.53 10.47
C LYS A 52 3.65 -5.42 10.37
N ALA A 53 3.22 -4.19 10.66
CA ALA A 53 4.11 -3.03 10.61
C ALA A 53 5.46 -3.35 11.24
N PRO A 54 6.44 -2.45 11.05
CA PRO A 54 7.78 -2.61 11.59
C PRO A 54 7.83 -2.45 13.10
N SER A 55 6.78 -1.85 13.66
CA SER A 55 6.70 -1.64 15.10
C SER A 55 5.88 -2.74 15.76
N GLY A 56 5.49 -3.74 14.97
CA GLY A 56 4.72 -4.85 15.50
C GLY A 56 3.24 -4.52 15.58
N ARG A 57 2.79 -3.59 14.75
CA ARG A 57 1.39 -3.19 14.73
C ARG A 57 0.65 -3.83 13.56
N ASP A 58 -0.35 -4.63 13.85
CA ASP A 58 -1.13 -5.30 12.82
C ASP A 58 -1.95 -4.30 12.02
N GLU A 59 -2.21 -4.62 10.76
CA GLU A 59 -2.99 -3.75 9.90
C GLU A 59 -4.10 -4.51 9.20
N PRO A 60 -5.28 -3.87 9.06
CA PRO A 60 -6.44 -4.48 8.42
C PRO A 60 -6.24 -4.65 6.91
N CYS A 61 -5.74 -5.82 6.52
CA CYS A 61 -5.51 -6.11 5.11
C CYS A 61 -6.66 -6.90 4.52
N LEU A 62 -7.07 -6.53 3.30
CA LEU A 62 -8.17 -7.20 2.64
C LEU A 62 -7.84 -7.47 1.17
N LEU A 63 -7.79 -8.74 0.79
CA LEU A 63 -7.47 -9.13 -0.57
C LEU A 63 -8.68 -8.94 -1.48
N LYS A 64 -8.47 -8.33 -2.64
CA LYS A 64 -9.53 -8.08 -3.60
C LYS A 64 -9.02 -8.24 -5.03
N ARG A 65 -9.94 -8.54 -5.95
CA ARG A 65 -9.58 -8.71 -7.36
C ARG A 65 -9.51 -7.36 -8.06
N LEU A 66 -8.48 -7.19 -8.89
CA LEU A 66 -8.29 -5.94 -9.62
C LEU A 66 -8.63 -6.12 -11.10
N PRO A 67 -9.00 -5.01 -11.76
CA PRO A 67 -9.35 -5.04 -13.19
C PRO A 67 -8.14 -5.30 -14.08
N ASN A 68 -8.40 -5.57 -15.35
CA ASN A 68 -7.33 -5.83 -16.32
C ASN A 68 -6.62 -7.15 -15.98
N ASN A 69 -7.37 -8.08 -15.40
CA ASN A 69 -6.80 -9.37 -15.03
C ASN A 69 -5.63 -9.20 -14.06
N HIS A 70 -5.85 -8.42 -13.01
CA HIS A 70 -4.82 -8.18 -12.00
C HIS A 70 -5.39 -8.32 -10.59
N ILE A 71 -4.51 -8.39 -9.61
CA ILE A 71 -4.91 -8.53 -8.22
C ILE A 71 -3.98 -7.75 -7.29
N GLY A 72 -4.51 -7.33 -6.15
CA GLY A 72 -3.70 -6.58 -5.19
C GLY A 72 -4.30 -6.61 -3.80
N ILE A 73 -3.58 -6.03 -2.84
CA ILE A 73 -4.04 -5.98 -1.46
C ILE A 73 -4.44 -4.57 -1.05
N SER A 74 -5.45 -4.47 -0.20
CA SER A 74 -5.93 -3.16 0.27
C SER A 74 -5.95 -3.10 1.79
N PHE A 75 -5.18 -2.19 2.36
CA PHE A 75 -5.11 -2.04 3.81
C PHE A 75 -4.78 -0.59 4.18
N ILE A 76 -5.12 -0.22 5.42
CA ILE A 76 -4.86 1.13 5.90
C ILE A 76 -3.64 1.16 6.83
N PRO A 77 -2.48 1.52 6.25
CA PRO A 77 -1.23 1.61 7.02
C PRO A 77 -1.22 2.76 8.01
N ARG A 78 -1.00 2.43 9.28
CA ARG A 78 -0.97 3.44 10.33
C ARG A 78 0.42 4.05 10.46
N GLU A 79 1.44 3.28 10.09
CA GLU A 79 2.82 3.75 10.17
C GLU A 79 3.49 3.68 8.79
N VAL A 80 4.68 4.27 8.70
CA VAL A 80 5.43 4.28 7.45
C VAL A 80 6.76 3.56 7.60
N GLY A 81 7.17 2.84 6.56
CA GLY A 81 8.43 2.12 6.60
C GLY A 81 8.41 0.88 5.72
N GLU A 82 9.09 -0.17 6.19
CA GLU A 82 9.16 -1.42 5.43
C GLU A 82 8.19 -2.45 6.01
N HIS A 83 7.02 -2.58 5.38
CA HIS A 83 6.00 -3.53 5.83
C HIS A 83 6.17 -4.87 5.12
N LEU A 84 5.91 -5.94 5.85
CA LEU A 84 6.03 -7.29 5.30
C LEU A 84 4.67 -7.97 5.24
N VAL A 85 4.20 -8.24 4.02
CA VAL A 85 2.91 -8.89 3.83
C VAL A 85 3.07 -10.41 3.71
N SER A 86 2.57 -11.13 4.70
CA SER A 86 2.66 -12.59 4.71
C SER A 86 1.56 -13.21 3.85
N ILE A 87 1.97 -13.78 2.72
CA ILE A 87 1.02 -14.41 1.81
C ILE A 87 1.34 -15.88 1.60
N LYS A 88 0.44 -16.76 2.03
CA LYS A 88 0.62 -18.19 1.89
C LYS A 88 -0.64 -18.86 1.35
N LYS A 89 -0.53 -20.15 1.04
CA LYS A 89 -1.66 -20.90 0.52
C LYS A 89 -1.86 -22.19 1.30
N ASN A 90 -2.94 -22.25 2.08
CA ASN A 90 -3.24 -23.43 2.88
C ASN A 90 -2.13 -23.70 3.89
N GLY A 91 -1.42 -22.65 4.29
CA GLY A 91 -0.34 -22.80 5.24
C GLY A 91 1.00 -22.99 4.57
N ASN A 92 1.08 -22.66 3.29
CA ASN A 92 2.31 -22.79 2.53
C ASN A 92 2.62 -21.51 1.76
N HIS A 93 3.58 -20.74 2.27
CA HIS A 93 3.98 -19.48 1.63
C HIS A 93 3.93 -19.61 0.11
N VAL A 94 3.52 -18.54 -0.55
CA VAL A 94 3.43 -18.53 -2.01
C VAL A 94 4.59 -17.74 -2.63
N ALA A 95 4.57 -17.61 -3.94
CA ALA A 95 5.61 -16.89 -4.65
C ALA A 95 5.50 -15.39 -4.40
N ASN A 96 6.65 -14.71 -4.37
CA ASN A 96 6.69 -13.27 -4.13
C ASN A 96 6.13 -12.93 -2.75
N SER A 97 6.29 -13.87 -1.82
CA SER A 97 5.82 -13.66 -0.46
C SER A 97 6.90 -14.02 0.57
N PRO A 98 6.94 -13.25 1.66
CA PRO A 98 6.02 -12.13 1.89
C PRO A 98 6.27 -10.96 0.94
N VAL A 99 5.22 -10.21 0.63
CA VAL A 99 5.32 -9.08 -0.26
C VAL A 99 5.85 -7.85 0.48
N SER A 100 7.01 -7.35 0.05
CA SER A 100 7.62 -6.19 0.67
C SER A 100 7.02 -4.90 0.12
N ILE A 101 6.51 -4.06 1.02
CA ILE A 101 5.92 -2.79 0.63
C ILE A 101 6.53 -1.63 1.39
N MET A 102 6.77 -0.53 0.69
CA MET A 102 7.36 0.66 1.30
C MET A 102 6.31 1.74 1.51
N VAL A 103 6.07 2.09 2.77
CA VAL A 103 5.09 3.12 3.11
C VAL A 103 5.78 4.41 3.52
N VAL A 104 5.26 5.53 3.01
CA VAL A 104 5.82 6.85 3.32
C VAL A 104 4.71 7.86 3.61
N GLN A 105 5.09 8.94 4.27
CA GLN A 105 4.13 9.99 4.61
C GLN A 105 4.04 11.04 3.50
N SER A 106 2.87 11.18 2.91
CA SER A 106 2.66 12.15 1.83
C SER A 106 3.41 13.44 2.11
N GLU A 107 4.32 13.81 1.22
CA GLU A 107 5.11 15.02 1.37
C GLU A 107 4.21 16.26 1.32
N ILE A 108 4.00 16.87 2.48
CA ILE A 108 3.17 18.07 2.57
C ILE A 108 2.01 18.00 1.57
N GLY A 109 1.36 16.85 1.51
CA GLY A 109 0.24 16.68 0.61
C GLY A 109 0.68 16.34 -0.81
N ASP A 110 -0.20 16.56 -1.77
CA ASP A 110 0.10 16.27 -3.17
C ASP A 110 0.25 17.56 -3.97
N SER A 111 1.11 17.53 -4.98
CA SER A 111 1.34 18.70 -5.82
C SER A 111 0.04 19.44 -6.10
N GLY A 112 0.08 20.77 -5.96
CA GLY A 112 -1.11 21.57 -6.20
C GLY A 112 -1.98 21.68 -4.96
N PRO A 113 -2.58 22.88 -4.77
CA PRO A 113 -3.45 23.15 -3.63
C PRO A 113 -4.77 22.39 -3.71
N SER A 114 -5.40 22.43 -4.89
CA SER A 114 -6.67 21.75 -5.11
C SER A 114 -6.87 21.43 -6.57
N SER A 115 -7.78 20.50 -6.86
CA SER A 115 -8.06 20.09 -8.23
C SER A 115 -9.36 20.72 -8.72
N GLY A 116 -9.24 21.90 -9.33
CA GLY A 116 -10.42 22.59 -9.83
C GLY A 116 -11.48 22.80 -8.77
N GLY A 1 5.69 11.14 20.84
CA GLY A 1 4.40 10.94 20.21
C GLY A 1 3.45 10.14 21.06
N SER A 2 3.20 10.61 22.28
CA SER A 2 2.30 9.92 23.20
C SER A 2 0.88 9.89 22.65
N SER A 3 0.42 11.04 22.15
CA SER A 3 -0.92 11.14 21.60
C SER A 3 -0.99 10.54 20.21
N GLY A 4 -2.20 10.23 19.75
CA GLY A 4 -2.38 9.65 18.43
C GLY A 4 -2.26 10.68 17.32
N SER A 5 -2.52 10.26 16.09
CA SER A 5 -2.44 11.15 14.94
C SER A 5 -3.83 11.52 14.44
N SER A 6 -3.90 12.57 13.61
CA SER A 6 -5.16 13.02 13.07
C SER A 6 -4.94 13.94 11.87
N GLY A 7 -5.83 13.85 10.89
CA GLY A 7 -5.70 14.67 9.69
C GLY A 7 -7.05 14.97 9.06
N ILE A 8 -7.12 16.11 8.36
CA ILE A 8 -8.36 16.51 7.70
C ILE A 8 -8.99 15.34 6.96
N PRO A 9 -10.34 15.34 6.86
CA PRO A 9 -11.08 14.29 6.16
C PRO A 9 -10.88 14.33 4.65
N GLY A 10 -11.49 13.38 3.96
CA GLY A 10 -11.36 13.32 2.51
C GLY A 10 -12.59 12.73 1.85
N SER A 11 -12.36 11.88 0.84
CA SER A 11 -13.45 11.24 0.12
C SER A 11 -13.26 9.73 0.08
N PRO A 12 -14.38 9.00 0.16
CA PRO A 12 -14.37 7.53 0.14
C PRO A 12 -13.99 6.97 -1.24
N PHE A 13 -14.12 7.81 -2.25
CA PHE A 13 -13.79 7.41 -3.62
C PHE A 13 -12.53 8.11 -4.12
N THR A 14 -11.42 7.39 -4.15
CA THR A 14 -10.15 7.95 -4.60
C THR A 14 -9.43 7.00 -5.55
N ALA A 15 -9.40 7.35 -6.82
CA ALA A 15 -8.75 6.52 -7.82
C ALA A 15 -7.23 6.53 -7.64
N LYS A 16 -6.57 5.49 -8.14
CA LYS A 16 -5.12 5.37 -8.02
C LYS A 16 -4.44 5.89 -9.28
N ILE A 17 -3.14 6.14 -9.18
CA ILE A 17 -2.36 6.63 -10.31
C ILE A 17 -1.28 5.63 -10.72
N THR A 18 -1.26 5.28 -12.00
CA THR A 18 -0.28 4.33 -12.52
C THR A 18 1.14 4.74 -12.13
N ASP A 19 1.99 3.74 -11.90
CA ASP A 19 3.37 3.98 -11.52
C ASP A 19 4.23 2.74 -11.74
N ASP A 20 5.54 2.93 -11.72
CA ASP A 20 6.47 1.82 -11.91
C ASP A 20 7.03 1.34 -10.58
N SER A 21 7.54 0.11 -10.56
CA SER A 21 8.11 -0.47 -9.34
C SER A 21 9.60 -0.18 -9.25
N ARG A 22 10.02 0.95 -9.83
CA ARG A 22 11.42 1.35 -9.81
C ARG A 22 11.73 2.19 -8.58
N ARG A 23 10.99 3.28 -8.42
CA ARG A 23 11.19 4.18 -7.29
C ARG A 23 10.25 3.81 -6.14
N CYS A 24 10.50 4.40 -4.97
CA CYS A 24 9.67 4.14 -3.79
C CYS A 24 8.22 4.56 -4.05
N SER A 25 7.29 3.74 -3.56
CA SER A 25 5.87 4.03 -3.74
C SER A 25 5.34 4.88 -2.59
N GLN A 26 4.54 5.88 -2.94
CA GLN A 26 3.97 6.77 -1.93
C GLN A 26 2.53 6.38 -1.61
N VAL A 27 2.28 6.10 -0.33
CA VAL A 27 0.95 5.71 0.12
C VAL A 27 0.39 6.70 1.13
N LYS A 28 -0.93 6.86 1.13
CA LYS A 28 -1.59 7.79 2.04
C LYS A 28 -1.81 7.13 3.40
N LEU A 29 -0.99 7.50 4.37
CA LEU A 29 -1.11 6.96 5.72
C LEU A 29 -2.48 7.23 6.31
N GLY A 30 -3.19 6.17 6.68
CA GLY A 30 -4.51 6.31 7.24
C GLY A 30 -5.61 6.27 6.20
N SER A 31 -5.27 5.75 5.02
CA SER A 31 -6.23 5.65 3.93
C SER A 31 -6.00 4.38 3.11
N ALA A 32 -7.03 3.54 3.03
CA ALA A 32 -6.93 2.29 2.29
C ALA A 32 -6.33 2.52 0.89
N ALA A 33 -5.16 1.94 0.66
CA ALA A 33 -4.48 2.09 -0.61
C ALA A 33 -4.25 0.74 -1.28
N ASP A 34 -4.54 0.66 -2.57
CA ASP A 34 -4.36 -0.58 -3.33
C ASP A 34 -2.89 -0.85 -3.60
N PHE A 35 -2.55 -2.12 -3.76
CA PHE A 35 -1.17 -2.52 -4.03
C PHE A 35 -1.11 -3.59 -5.12
N LEU A 36 -0.37 -3.30 -6.18
CA LEU A 36 -0.23 -4.24 -7.28
C LEU A 36 0.96 -5.18 -7.06
N LEU A 37 0.67 -6.47 -6.93
CA LEU A 37 1.71 -7.46 -6.71
C LEU A 37 1.65 -8.57 -7.77
N ASP A 38 2.81 -9.08 -8.15
CA ASP A 38 2.88 -10.14 -9.16
C ASP A 38 2.88 -11.51 -8.50
N ILE A 39 1.70 -12.12 -8.43
CA ILE A 39 1.56 -13.44 -7.81
C ILE A 39 1.05 -14.46 -8.83
N SER A 40 1.78 -15.56 -8.96
CA SER A 40 1.39 -16.61 -9.90
C SER A 40 0.06 -17.23 -9.51
N GLU A 41 -0.42 -16.90 -8.31
CA GLU A 41 -1.69 -17.42 -7.81
C GLU A 41 -2.79 -16.36 -7.90
N THR A 42 -3.88 -16.70 -8.57
CA THR A 42 -5.00 -15.79 -8.72
C THR A 42 -5.99 -15.91 -7.57
N ASP A 43 -6.57 -17.10 -7.42
CA ASP A 43 -7.53 -17.36 -6.35
C ASP A 43 -7.04 -16.78 -5.04
N LEU A 44 -7.67 -15.68 -4.61
CA LEU A 44 -7.29 -15.03 -3.35
C LEU A 44 -7.76 -15.84 -2.15
N SER A 45 -9.03 -16.27 -2.19
CA SER A 45 -9.59 -17.05 -1.10
C SER A 45 -8.62 -18.13 -0.64
N SER A 46 -8.24 -19.01 -1.56
CA SER A 46 -7.32 -20.10 -1.25
C SER A 46 -6.03 -19.56 -0.63
N LEU A 47 -5.75 -18.29 -0.89
CA LEU A 47 -4.56 -17.65 -0.35
C LEU A 47 -4.88 -16.85 0.91
N THR A 48 -3.86 -16.54 1.70
CA THR A 48 -4.04 -15.78 2.93
C THR A 48 -3.47 -14.38 2.80
N ALA A 49 -3.95 -13.46 3.63
CA ALA A 49 -3.49 -12.08 3.60
C ALA A 49 -3.20 -11.57 5.01
N SER A 50 -1.97 -11.12 5.23
CA SER A 50 -1.57 -10.61 6.53
C SER A 50 -0.53 -9.50 6.40
N ILE A 51 -0.66 -8.46 7.20
CA ILE A 51 0.27 -7.34 7.17
C ILE A 51 0.49 -6.76 8.56
N LYS A 52 1.74 -6.43 8.87
CA LYS A 52 2.08 -5.87 10.17
C LYS A 52 3.26 -4.89 10.04
N ALA A 53 3.04 -3.65 10.46
CA ALA A 53 4.08 -2.63 10.40
C ALA A 53 5.39 -3.14 10.98
N PRO A 54 6.47 -2.39 10.75
CA PRO A 54 7.80 -2.76 11.25
C PRO A 54 7.91 -2.62 12.77
N SER A 55 6.96 -1.92 13.36
CA SER A 55 6.94 -1.72 14.81
C SER A 55 6.22 -2.87 15.52
N GLY A 56 5.70 -3.80 14.73
CA GLY A 56 5.00 -4.94 15.30
C GLY A 56 3.51 -4.69 15.42
N ARG A 57 3.01 -3.72 14.67
CA ARG A 57 1.59 -3.38 14.69
C ARG A 57 0.87 -3.94 13.48
N ASP A 58 -0.04 -4.89 13.72
CA ASP A 58 -0.80 -5.51 12.64
C ASP A 58 -1.63 -4.47 11.88
N GLU A 59 -2.08 -4.84 10.69
CA GLU A 59 -2.88 -3.95 9.88
C GLU A 59 -4.00 -4.70 9.16
N PRO A 60 -5.18 -4.07 9.07
CA PRO A 60 -6.35 -4.68 8.42
C PRO A 60 -6.18 -4.78 6.91
N CYS A 61 -5.69 -5.92 6.45
CA CYS A 61 -5.48 -6.15 5.03
C CYS A 61 -6.55 -7.09 4.47
N LEU A 62 -6.90 -6.87 3.20
CA LEU A 62 -7.91 -7.70 2.54
C LEU A 62 -7.56 -7.93 1.08
N LEU A 63 -7.44 -9.19 0.69
CA LEU A 63 -7.11 -9.54 -0.69
C LEU A 63 -8.34 -9.46 -1.58
N LYS A 64 -8.23 -8.72 -2.68
CA LYS A 64 -9.32 -8.57 -3.63
C LYS A 64 -8.81 -8.50 -5.06
N ARG A 65 -9.74 -8.42 -6.01
CA ARG A 65 -9.37 -8.36 -7.42
C ARG A 65 -9.28 -6.91 -7.89
N LEU A 66 -8.33 -6.64 -8.77
CA LEU A 66 -8.14 -5.28 -9.30
C LEU A 66 -8.83 -5.13 -10.65
N PRO A 67 -9.23 -3.89 -10.97
CA PRO A 67 -9.90 -3.58 -12.23
C PRO A 67 -8.97 -3.68 -13.42
N ASN A 68 -7.71 -3.30 -13.24
CA ASN A 68 -6.71 -3.36 -14.30
C ASN A 68 -6.27 -4.80 -14.55
N ASN A 69 -7.23 -5.66 -14.90
CA ASN A 69 -6.94 -7.06 -15.17
C ASN A 69 -5.81 -7.57 -14.26
N HIS A 70 -5.87 -7.18 -13.00
CA HIS A 70 -4.87 -7.60 -12.02
C HIS A 70 -5.50 -7.86 -10.66
N ILE A 71 -4.67 -8.14 -9.67
CA ILE A 71 -5.14 -8.41 -8.31
C ILE A 71 -4.18 -7.85 -7.27
N GLY A 72 -4.74 -7.22 -6.24
CA GLY A 72 -3.91 -6.66 -5.18
C GLY A 72 -4.58 -6.72 -3.83
N ILE A 73 -3.94 -6.14 -2.83
CA ILE A 73 -4.48 -6.14 -1.47
C ILE A 73 -4.90 -4.74 -1.04
N SER A 74 -5.89 -4.67 -0.16
CA SER A 74 -6.39 -3.39 0.33
C SER A 74 -6.29 -3.30 1.84
N PHE A 75 -5.37 -2.47 2.32
CA PHE A 75 -5.17 -2.30 3.76
C PHE A 75 -4.86 -0.83 4.10
N ILE A 76 -4.98 -0.49 5.38
CA ILE A 76 -4.73 0.87 5.82
C ILE A 76 -3.46 0.93 6.67
N PRO A 77 -2.39 1.48 6.09
CA PRO A 77 -1.09 1.62 6.77
C PRO A 77 -1.15 2.66 7.88
N ARG A 78 -0.69 2.27 9.06
CA ARG A 78 -0.67 3.16 10.21
C ARG A 78 0.73 3.73 10.46
N GLU A 79 1.70 3.20 9.71
CA GLU A 79 3.08 3.65 9.85
C GLU A 79 3.76 3.74 8.48
N VAL A 80 5.01 4.18 8.47
CA VAL A 80 5.77 4.32 7.23
C VAL A 80 7.09 3.54 7.31
N GLY A 81 7.45 2.91 6.21
CA GLY A 81 8.69 2.14 6.17
C GLY A 81 8.59 0.92 5.29
N GLU A 82 9.14 -0.20 5.77
CA GLU A 82 9.11 -1.45 5.00
C GLU A 82 8.13 -2.44 5.64
N HIS A 83 6.95 -2.57 5.03
CA HIS A 83 5.94 -3.48 5.52
C HIS A 83 6.08 -4.86 4.89
N LEU A 84 5.82 -5.90 5.67
CA LEU A 84 5.93 -7.27 5.19
C LEU A 84 4.56 -7.95 5.17
N VAL A 85 4.14 -8.39 3.99
CA VAL A 85 2.86 -9.06 3.83
C VAL A 85 3.03 -10.58 3.78
N SER A 86 2.32 -11.27 4.66
CA SER A 86 2.39 -12.74 4.71
C SER A 86 1.34 -13.36 3.80
N ILE A 87 1.80 -13.93 2.69
CA ILE A 87 0.90 -14.56 1.74
C ILE A 87 1.23 -16.05 1.58
N LYS A 88 0.34 -16.89 2.08
CA LYS A 88 0.54 -18.35 2.00
C LYS A 88 -0.71 -19.03 1.46
N LYS A 89 -0.60 -20.32 1.19
CA LYS A 89 -1.72 -21.10 0.68
C LYS A 89 -2.01 -22.31 1.55
N ASN A 90 -3.08 -22.24 2.33
CA ASN A 90 -3.46 -23.33 3.22
C ASN A 90 -2.37 -23.59 4.25
N GLY A 91 -1.63 -22.55 4.60
CA GLY A 91 -0.57 -22.68 5.57
C GLY A 91 0.79 -22.92 4.93
N ASN A 92 0.88 -22.67 3.63
CA ASN A 92 2.13 -22.86 2.90
C ASN A 92 2.49 -21.62 2.09
N HIS A 93 3.43 -20.83 2.62
CA HIS A 93 3.86 -19.61 1.96
C HIS A 93 3.85 -19.79 0.44
N VAL A 94 3.53 -18.71 -0.28
CA VAL A 94 3.48 -18.75 -1.73
C VAL A 94 4.65 -17.98 -2.34
N ALA A 95 4.67 -17.89 -3.66
CA ALA A 95 5.73 -17.18 -4.36
C ALA A 95 5.64 -15.67 -4.13
N ASN A 96 6.79 -15.02 -4.09
CA ASN A 96 6.84 -13.57 -3.86
C ASN A 96 6.27 -13.22 -2.49
N SER A 97 6.41 -14.14 -1.55
CA SER A 97 5.91 -13.92 -0.20
C SER A 97 6.97 -14.28 0.84
N PRO A 98 7.03 -13.49 1.93
CA PRO A 98 6.13 -12.34 2.12
C PRO A 98 6.43 -11.20 1.15
N VAL A 99 5.47 -10.30 0.98
CA VAL A 99 5.64 -9.17 0.08
C VAL A 99 6.24 -7.98 0.80
N SER A 100 7.18 -7.30 0.15
CA SER A 100 7.84 -6.13 0.75
C SER A 100 7.27 -4.84 0.16
N ILE A 101 6.55 -4.10 0.99
CA ILE A 101 5.95 -2.83 0.56
C ILE A 101 6.63 -1.65 1.24
N MET A 102 6.72 -0.53 0.52
CA MET A 102 7.34 0.68 1.06
C MET A 102 6.30 1.76 1.30
N VAL A 103 6.15 2.15 2.56
CA VAL A 103 5.18 3.18 2.93
C VAL A 103 5.89 4.47 3.33
N VAL A 104 5.32 5.60 2.93
CA VAL A 104 5.89 6.90 3.24
C VAL A 104 4.81 7.97 3.34
N GLN A 105 4.99 8.91 4.26
CA GLN A 105 4.03 10.00 4.45
C GLN A 105 3.95 10.89 3.22
N SER A 106 2.95 10.64 2.38
CA SER A 106 2.77 11.42 1.16
C SER A 106 2.74 12.91 1.46
N GLU A 107 1.72 13.34 2.21
CA GLU A 107 1.59 14.74 2.57
C GLU A 107 1.25 15.59 1.35
N ILE A 108 0.38 15.06 0.48
CA ILE A 108 -0.02 15.77 -0.72
C ILE A 108 -1.52 16.05 -0.72
N GLY A 109 -1.87 17.34 -0.77
CA GLY A 109 -3.26 17.72 -0.77
C GLY A 109 -3.51 19.00 -1.55
N ASP A 110 -4.29 18.90 -2.62
CA ASP A 110 -4.60 20.06 -3.45
C ASP A 110 -5.77 20.85 -2.86
N SER A 111 -5.45 21.95 -2.18
CA SER A 111 -6.47 22.80 -1.57
C SER A 111 -7.27 23.54 -2.64
N GLY A 112 -8.47 23.05 -2.91
CA GLY A 112 -9.32 23.69 -3.90
C GLY A 112 -10.71 23.09 -3.93
N PRO A 113 -11.53 23.43 -2.92
CA PRO A 113 -12.91 22.95 -2.80
C PRO A 113 -13.82 23.54 -3.87
N SER A 114 -14.50 22.68 -4.61
CA SER A 114 -15.40 23.12 -5.68
C SER A 114 -16.86 23.01 -5.22
N SER A 115 -17.31 24.01 -4.46
CA SER A 115 -18.68 24.04 -3.95
C SER A 115 -19.65 24.48 -5.04
N GLY A 116 -20.61 23.62 -5.35
CA GLY A 116 -21.59 23.94 -6.37
C GLY A 116 -22.99 24.05 -5.82
N GLY A 1 3.61 16.35 13.89
CA GLY A 1 3.13 15.13 13.25
C GLY A 1 1.62 14.99 13.32
N SER A 2 0.91 15.66 12.41
CA SER A 2 -0.54 15.61 12.38
C SER A 2 -1.08 16.27 11.11
N SER A 3 -1.93 15.55 10.39
CA SER A 3 -2.51 16.06 9.15
C SER A 3 -3.49 17.19 9.46
N GLY A 4 -3.19 18.38 8.95
CA GLY A 4 -4.05 19.52 9.17
C GLY A 4 -3.72 20.69 8.26
N SER A 5 -3.90 20.48 6.95
CA SER A 5 -3.62 21.51 5.96
C SER A 5 -4.32 21.22 4.65
N SER A 6 -4.32 22.19 3.75
CA SER A 6 -4.97 22.04 2.45
C SER A 6 -3.97 21.52 1.41
N GLY A 7 -2.76 21.23 1.86
CA GLY A 7 -1.73 20.73 0.96
C GLY A 7 -1.53 21.64 -0.25
N ILE A 8 -1.25 22.91 0.01
CA ILE A 8 -1.03 23.87 -1.06
C ILE A 8 0.30 23.62 -1.77
N PRO A 9 0.35 23.92 -3.07
CA PRO A 9 1.55 23.74 -3.88
C PRO A 9 2.65 24.74 -3.52
N GLY A 10 3.80 24.21 -3.12
CA GLY A 10 4.91 25.06 -2.75
C GLY A 10 6.21 24.66 -3.41
N SER A 11 7.28 24.57 -2.63
CA SER A 11 8.59 24.19 -3.15
C SER A 11 9.25 23.15 -2.25
N PRO A 12 9.94 22.18 -2.88
CA PRO A 12 10.63 21.11 -2.16
C PRO A 12 11.85 21.62 -1.40
N PHE A 13 12.46 20.73 -0.61
CA PHE A 13 13.64 21.09 0.17
C PHE A 13 14.87 20.36 -0.33
N THR A 14 14.76 19.04 -0.46
CA THR A 14 15.87 18.21 -0.93
C THR A 14 15.95 18.21 -2.45
N ALA A 15 17.17 18.27 -2.98
CA ALA A 15 17.38 18.28 -4.42
C ALA A 15 17.53 16.86 -4.96
N LYS A 16 16.44 16.30 -5.48
CA LYS A 16 16.46 14.96 -6.02
C LYS A 16 17.73 14.69 -6.81
N ILE A 17 18.60 13.86 -6.25
CA ILE A 17 19.86 13.52 -6.91
C ILE A 17 19.63 12.83 -8.25
N THR A 18 18.45 12.23 -8.39
CA THR A 18 18.10 11.53 -9.62
C THR A 18 19.22 10.60 -10.06
N ASP A 19 19.78 9.87 -9.11
CA ASP A 19 20.87 8.93 -9.39
C ASP A 19 20.43 7.49 -9.13
N ASP A 20 19.93 7.25 -7.93
CA ASP A 20 19.47 5.91 -7.55
C ASP A 20 18.38 5.41 -8.50
N SER A 21 17.33 6.20 -8.63
CA SER A 21 16.21 5.84 -9.50
C SER A 21 15.69 4.45 -9.17
N ARG A 22 15.88 4.03 -7.93
CA ARG A 22 15.43 2.71 -7.48
C ARG A 22 13.91 2.66 -7.39
N ARG A 23 13.39 1.50 -7.01
CA ARG A 23 11.95 1.32 -6.88
C ARG A 23 11.44 1.89 -5.56
N CYS A 24 10.33 2.63 -5.63
CA CYS A 24 9.75 3.24 -4.44
C CYS A 24 8.29 3.60 -4.68
N SER A 25 7.45 3.31 -3.69
CA SER A 25 6.02 3.60 -3.79
C SER A 25 5.58 4.54 -2.68
N GLN A 26 4.89 5.62 -3.07
CA GLN A 26 4.41 6.60 -2.10
C GLN A 26 2.98 6.30 -1.69
N VAL A 27 2.78 5.98 -0.41
CA VAL A 27 1.46 5.68 0.11
C VAL A 27 1.06 6.64 1.22
N LYS A 28 -0.24 6.84 1.40
CA LYS A 28 -0.75 7.73 2.43
C LYS A 28 -1.04 6.98 3.72
N LEU A 29 -0.66 7.57 4.84
CA LEU A 29 -0.89 6.95 6.15
C LEU A 29 -2.32 7.14 6.60
N GLY A 30 -2.90 6.11 7.22
CA GLY A 30 -4.26 6.19 7.69
C GLY A 30 -5.27 6.22 6.56
N SER A 31 -4.86 5.74 5.39
CA SER A 31 -5.73 5.72 4.23
C SER A 31 -5.61 4.40 3.47
N ALA A 32 -6.76 3.85 3.08
CA ALA A 32 -6.78 2.59 2.35
C ALA A 32 -6.24 2.75 0.94
N ALA A 33 -5.03 2.23 0.71
CA ALA A 33 -4.40 2.33 -0.60
C ALA A 33 -4.24 0.95 -1.23
N ASP A 34 -4.48 0.87 -2.54
CA ASP A 34 -4.36 -0.39 -3.26
C ASP A 34 -2.91 -0.68 -3.60
N PHE A 35 -2.61 -1.95 -3.85
CA PHE A 35 -1.25 -2.36 -4.19
C PHE A 35 -1.26 -3.37 -5.34
N LEU A 36 -0.54 -3.03 -6.42
CA LEU A 36 -0.46 -3.89 -7.58
C LEU A 36 0.75 -4.81 -7.51
N LEU A 37 0.51 -6.08 -7.20
CA LEU A 37 1.58 -7.06 -7.09
C LEU A 37 1.43 -8.14 -8.16
N ASP A 38 2.57 -8.58 -8.71
CA ASP A 38 2.57 -9.61 -9.74
C ASP A 38 2.70 -11.00 -9.11
N ILE A 39 1.58 -11.71 -9.02
CA ILE A 39 1.56 -13.04 -8.44
C ILE A 39 0.88 -14.03 -9.37
N SER A 40 1.46 -15.21 -9.51
CA SER A 40 0.91 -16.25 -10.37
C SER A 40 -0.16 -17.06 -9.64
N GLU A 41 -0.90 -16.38 -8.76
CA GLU A 41 -1.96 -17.03 -8.00
C GLU A 41 -3.26 -16.24 -8.09
N THR A 42 -4.29 -16.88 -8.63
CA THR A 42 -5.59 -16.25 -8.78
C THR A 42 -6.49 -16.54 -7.58
N ASP A 43 -6.51 -17.80 -7.16
CA ASP A 43 -7.32 -18.21 -6.02
C ASP A 43 -7.07 -17.32 -4.82
N LEU A 44 -8.08 -16.55 -4.43
CA LEU A 44 -7.97 -15.65 -3.29
C LEU A 44 -8.11 -16.41 -1.98
N SER A 45 -9.27 -17.05 -1.79
CA SER A 45 -9.54 -17.81 -0.57
C SER A 45 -8.35 -18.71 -0.24
N SER A 46 -7.89 -19.48 -1.22
CA SER A 46 -6.77 -20.39 -1.02
C SER A 46 -5.57 -19.65 -0.43
N LEU A 47 -5.41 -18.39 -0.82
CA LEU A 47 -4.30 -17.58 -0.33
C LEU A 47 -4.67 -16.88 0.97
N THR A 48 -3.66 -16.44 1.71
CA THR A 48 -3.88 -15.76 2.98
C THR A 48 -3.43 -14.30 2.90
N ALA A 49 -3.98 -13.47 3.78
CA ALA A 49 -3.64 -12.05 3.81
C ALA A 49 -3.29 -11.60 5.23
N SER A 50 -2.07 -11.14 5.42
CA SER A 50 -1.63 -10.68 6.73
C SER A 50 -0.54 -9.61 6.60
N ILE A 51 -0.64 -8.57 7.42
CA ILE A 51 0.33 -7.48 7.40
C ILE A 51 0.72 -7.05 8.81
N LYS A 52 2.02 -6.91 9.04
CA LYS A 52 2.53 -6.51 10.35
C LYS A 52 3.59 -5.41 10.21
N ALA A 53 3.20 -4.17 10.49
CA ALA A 53 4.11 -3.05 10.39
C ALA A 53 5.47 -3.39 11.01
N PRO A 54 6.46 -2.52 10.79
CA PRO A 54 7.82 -2.70 11.31
C PRO A 54 7.88 -2.54 12.82
N SER A 55 6.86 -1.90 13.39
CA SER A 55 6.80 -1.67 14.83
C SER A 55 5.95 -2.74 15.51
N GLY A 56 5.58 -3.76 14.75
CA GLY A 56 4.76 -4.84 15.30
C GLY A 56 3.30 -4.46 15.40
N ARG A 57 2.88 -3.50 14.58
CA ARG A 57 1.49 -3.05 14.58
C ARG A 57 0.71 -3.67 13.44
N ASP A 58 -0.28 -4.50 13.78
CA ASP A 58 -1.11 -5.16 12.80
C ASP A 58 -1.92 -4.15 11.99
N GLU A 59 -2.29 -4.53 10.77
CA GLU A 59 -3.06 -3.65 9.90
C GLU A 59 -4.15 -4.43 9.16
N PRO A 60 -5.31 -3.79 8.97
CA PRO A 60 -6.45 -4.41 8.28
C PRO A 60 -6.19 -4.60 6.79
N CYS A 61 -5.86 -5.82 6.40
CA CYS A 61 -5.59 -6.13 5.01
C CYS A 61 -6.71 -6.98 4.41
N LEU A 62 -7.00 -6.75 3.14
CA LEU A 62 -8.06 -7.48 2.44
C LEU A 62 -7.66 -7.78 1.00
N LEU A 63 -7.76 -9.04 0.61
CA LEU A 63 -7.42 -9.46 -0.74
C LEU A 63 -8.64 -9.43 -1.65
N LYS A 64 -8.49 -8.83 -2.82
CA LYS A 64 -9.59 -8.74 -3.79
C LYS A 64 -9.07 -8.91 -5.22
N ARG A 65 -10.00 -9.05 -6.16
CA ARG A 65 -9.64 -9.22 -7.56
C ARG A 65 -9.66 -7.89 -8.30
N LEU A 66 -8.58 -7.58 -9.00
CA LEU A 66 -8.47 -6.34 -9.75
C LEU A 66 -8.76 -6.56 -11.24
N PRO A 67 -9.23 -5.50 -11.91
CA PRO A 67 -9.55 -5.56 -13.34
C PRO A 67 -8.31 -5.70 -14.22
N ASN A 68 -8.52 -5.83 -15.52
CA ASN A 68 -7.42 -5.97 -16.46
C ASN A 68 -6.60 -7.23 -16.16
N ASN A 69 -7.27 -8.23 -15.60
CA ASN A 69 -6.61 -9.48 -15.26
C ASN A 69 -5.48 -9.26 -14.26
N HIS A 70 -5.76 -8.51 -13.20
CA HIS A 70 -4.77 -8.21 -12.18
C HIS A 70 -5.36 -8.41 -10.79
N ILE A 71 -4.48 -8.43 -9.78
CA ILE A 71 -4.91 -8.62 -8.41
C ILE A 71 -4.06 -7.80 -7.45
N GLY A 72 -4.69 -7.29 -6.39
CA GLY A 72 -3.98 -6.49 -5.41
C GLY A 72 -4.62 -6.55 -4.03
N ILE A 73 -3.88 -6.11 -3.02
CA ILE A 73 -4.38 -6.12 -1.66
C ILE A 73 -4.77 -4.72 -1.20
N SER A 74 -5.69 -4.65 -0.25
CA SER A 74 -6.15 -3.37 0.27
C SER A 74 -6.01 -3.30 1.79
N PHE A 75 -5.30 -2.29 2.27
CA PHE A 75 -5.08 -2.11 3.69
C PHE A 75 -4.71 -0.66 4.02
N ILE A 76 -4.86 -0.30 5.29
CA ILE A 76 -4.55 1.05 5.73
C ILE A 76 -3.29 1.08 6.58
N PRO A 77 -2.20 1.63 6.03
CA PRO A 77 -0.92 1.73 6.71
C PRO A 77 -0.95 2.73 7.87
N ARG A 78 -0.72 2.23 9.08
CA ARG A 78 -0.73 3.08 10.27
C ARG A 78 0.66 3.65 10.54
N GLU A 79 1.67 3.01 9.96
CA GLU A 79 3.05 3.45 10.15
C GLU A 79 3.78 3.53 8.81
N VAL A 80 4.92 4.21 8.81
CA VAL A 80 5.72 4.37 7.60
C VAL A 80 7.00 3.55 7.67
N GLY A 81 7.36 2.91 6.56
CA GLY A 81 8.57 2.10 6.53
C GLY A 81 8.44 0.91 5.60
N GLU A 82 9.09 -0.19 5.97
CA GLU A 82 9.05 -1.40 5.16
C GLU A 82 8.06 -2.41 5.73
N HIS A 83 6.86 -2.46 5.14
CA HIS A 83 5.83 -3.38 5.59
C HIS A 83 5.97 -4.74 4.91
N LEU A 84 5.72 -5.80 5.67
CA LEU A 84 5.81 -7.16 5.12
C LEU A 84 4.45 -7.85 5.14
N VAL A 85 3.95 -8.17 3.95
CA VAL A 85 2.66 -8.84 3.83
C VAL A 85 2.84 -10.35 3.73
N SER A 86 2.37 -11.06 4.75
CA SER A 86 2.47 -12.51 4.78
C SER A 86 1.39 -13.16 3.92
N ILE A 87 1.80 -13.74 2.81
CA ILE A 87 0.87 -14.39 1.90
C ILE A 87 1.23 -15.87 1.72
N LYS A 88 0.31 -16.74 2.12
CA LYS A 88 0.51 -18.17 2.00
C LYS A 88 -0.74 -18.86 1.46
N LYS A 89 -0.62 -20.15 1.14
CA LYS A 89 -1.74 -20.92 0.62
C LYS A 89 -2.01 -22.14 1.49
N ASN A 90 -3.13 -22.10 2.21
CA ASN A 90 -3.52 -23.21 3.08
C ASN A 90 -2.40 -23.51 4.09
N GLY A 91 -1.63 -22.48 4.43
CA GLY A 91 -0.55 -22.66 5.38
C GLY A 91 0.78 -22.89 4.70
N ASN A 92 0.87 -22.55 3.42
CA ASN A 92 2.10 -22.73 2.65
C ASN A 92 2.47 -21.45 1.91
N HIS A 93 3.38 -20.68 2.48
CA HIS A 93 3.82 -19.44 1.86
C HIS A 93 3.86 -19.56 0.34
N VAL A 94 3.45 -18.49 -0.33
CA VAL A 94 3.43 -18.48 -1.79
C VAL A 94 4.64 -17.73 -2.36
N ALA A 95 4.69 -17.62 -3.68
CA ALA A 95 5.79 -16.92 -4.34
C ALA A 95 5.70 -15.42 -4.10
N ASN A 96 6.86 -14.77 -4.04
CA ASN A 96 6.92 -13.33 -3.82
C ASN A 96 6.29 -12.96 -2.47
N SER A 97 6.33 -13.90 -1.54
CA SER A 97 5.76 -13.68 -0.21
C SER A 97 6.79 -13.97 0.87
N PRO A 98 6.76 -13.16 1.94
CA PRO A 98 5.82 -12.06 2.08
C PRO A 98 6.10 -10.92 1.10
N VAL A 99 5.09 -10.11 0.82
CA VAL A 99 5.24 -8.98 -0.09
C VAL A 99 5.87 -7.79 0.61
N SER A 100 6.89 -7.21 -0.03
CA SER A 100 7.59 -6.05 0.52
C SER A 100 7.00 -4.75 -0.01
N ILE A 101 6.47 -3.94 0.90
CA ILE A 101 5.88 -2.66 0.52
C ILE A 101 6.56 -1.51 1.23
N MET A 102 6.68 -0.38 0.53
CA MET A 102 7.31 0.81 1.10
C MET A 102 6.28 1.89 1.41
N VAL A 103 6.19 2.28 2.67
CA VAL A 103 5.25 3.30 3.10
C VAL A 103 5.98 4.55 3.61
N VAL A 104 5.53 5.71 3.16
CA VAL A 104 6.13 6.97 3.58
C VAL A 104 5.08 8.06 3.77
N GLN A 105 5.20 8.82 4.85
CA GLN A 105 4.26 9.89 5.15
C GLN A 105 4.64 11.17 4.42
N SER A 106 4.00 11.41 3.28
CA SER A 106 4.28 12.60 2.49
C SER A 106 4.08 13.87 3.31
N GLU A 107 5.18 14.43 3.79
CA GLU A 107 5.14 15.64 4.60
C GLU A 107 4.90 16.88 3.72
N ILE A 108 3.63 17.16 3.46
CA ILE A 108 3.26 18.31 2.64
C ILE A 108 3.95 19.58 3.13
N GLY A 109 4.23 19.63 4.42
CA GLY A 109 4.89 20.79 5.00
C GLY A 109 6.18 20.44 5.71
N ASP A 110 6.40 21.04 6.87
CA ASP A 110 7.60 20.79 7.65
C ASP A 110 7.31 19.83 8.80
N SER A 111 8.37 19.35 9.45
CA SER A 111 8.23 18.42 10.56
C SER A 111 8.72 19.05 11.86
N GLY A 112 9.94 19.57 11.83
CA GLY A 112 10.52 20.19 13.02
C GLY A 112 9.93 21.56 13.29
N PRO A 113 10.62 22.34 14.14
CA PRO A 113 10.18 23.69 14.51
C PRO A 113 10.32 24.67 13.35
N SER A 114 11.42 24.58 12.62
CA SER A 114 11.68 25.47 11.49
C SER A 114 10.38 25.80 10.77
N SER A 115 9.92 27.03 10.92
CA SER A 115 8.69 27.48 10.29
C SER A 115 8.98 28.29 9.03
N GLY A 116 8.01 28.33 8.12
CA GLY A 116 8.19 29.07 6.88
C GLY A 116 7.83 28.25 5.66
N GLY A 1 -5.01 10.85 10.66
CA GLY A 1 -5.00 11.17 12.08
C GLY A 1 -5.68 12.49 12.38
N SER A 2 -5.60 12.92 13.64
CA SER A 2 -6.22 14.17 14.06
C SER A 2 -5.28 15.34 13.84
N SER A 3 -5.78 16.55 14.08
CA SER A 3 -4.99 17.76 13.90
C SER A 3 -4.53 17.91 12.44
N GLY A 4 -5.45 17.65 11.53
CA GLY A 4 -5.14 17.76 10.11
C GLY A 4 -6.32 17.46 9.22
N SER A 5 -6.61 18.36 8.29
CA SER A 5 -7.73 18.20 7.38
C SER A 5 -7.45 17.10 6.36
N SER A 6 -8.50 16.42 5.93
CA SER A 6 -8.36 15.34 4.95
C SER A 6 -9.38 15.49 3.83
N GLY A 7 -8.92 15.97 2.69
CA GLY A 7 -9.79 16.16 1.54
C GLY A 7 -9.41 15.29 0.37
N ILE A 8 -10.34 14.44 -0.08
CA ILE A 8 -10.08 13.56 -1.20
C ILE A 8 -9.66 14.35 -2.44
N PRO A 9 -8.76 13.77 -3.25
CA PRO A 9 -8.26 14.40 -4.46
C PRO A 9 -9.31 14.45 -5.56
N GLY A 10 -8.98 15.11 -6.66
CA GLY A 10 -9.92 15.23 -7.77
C GLY A 10 -9.29 15.88 -8.99
N SER A 11 -7.99 15.66 -9.19
CA SER A 11 -7.28 16.23 -10.31
C SER A 11 -7.24 17.75 -10.22
N PRO A 12 -6.74 18.26 -9.08
CA PRO A 12 -6.63 19.71 -8.84
C PRO A 12 -5.57 20.36 -9.72
N PHE A 13 -4.44 19.69 -9.88
CA PHE A 13 -3.35 20.21 -10.69
C PHE A 13 -2.46 19.08 -11.19
N THR A 14 -1.91 19.25 -12.39
CA THR A 14 -1.04 18.24 -12.98
C THR A 14 0.41 18.72 -13.03
N ALA A 15 1.16 18.45 -11.98
CA ALA A 15 2.55 18.84 -11.91
C ALA A 15 3.44 17.69 -11.43
N LYS A 16 4.37 17.28 -12.29
CA LYS A 16 5.27 16.19 -11.96
C LYS A 16 6.73 16.63 -12.06
N ILE A 17 7.59 15.99 -11.28
CA ILE A 17 9.01 16.33 -11.28
C ILE A 17 9.86 15.14 -10.83
N THR A 18 11.07 15.04 -11.38
CA THR A 18 11.98 13.96 -11.03
C THR A 18 13.18 14.48 -10.25
N ASP A 19 13.08 14.47 -8.93
CA ASP A 19 14.15 14.94 -8.07
C ASP A 19 15.11 13.81 -7.73
N ASP A 20 14.59 12.78 -7.05
CA ASP A 20 15.41 11.63 -6.67
C ASP A 20 15.36 10.55 -7.74
N SER A 21 14.15 10.15 -8.11
CA SER A 21 13.97 9.13 -9.14
C SER A 21 14.38 7.75 -8.60
N ARG A 22 14.23 7.57 -7.29
CA ARG A 22 14.59 6.31 -6.66
C ARG A 22 13.43 5.32 -6.72
N ARG A 23 13.63 4.14 -6.15
CA ARG A 23 12.61 3.10 -6.14
C ARG A 23 11.86 3.09 -4.81
N CYS A 24 10.54 3.26 -4.88
CA CYS A 24 9.71 3.27 -3.69
C CYS A 24 8.23 3.34 -4.05
N SER A 25 7.37 3.10 -3.07
CA SER A 25 5.92 3.14 -3.29
C SER A 25 5.25 4.15 -2.36
N GLN A 26 4.90 5.30 -2.91
CA GLN A 26 4.25 6.35 -2.14
C GLN A 26 2.80 5.99 -1.82
N VAL A 27 2.44 6.08 -0.55
CA VAL A 27 1.09 5.76 -0.12
C VAL A 27 0.60 6.74 0.94
N LYS A 28 -0.72 6.86 1.07
CA LYS A 28 -1.31 7.77 2.05
C LYS A 28 -1.50 7.08 3.39
N LEU A 29 -0.79 7.57 4.41
CA LEU A 29 -0.87 7.00 5.75
C LEU A 29 -2.25 7.27 6.37
N GLY A 30 -2.86 6.22 6.90
CA GLY A 30 -4.16 6.36 7.53
C GLY A 30 -5.29 6.35 6.52
N SER A 31 -5.05 5.70 5.38
CA SER A 31 -6.06 5.63 4.33
C SER A 31 -5.87 4.37 3.49
N ALA A 32 -6.96 3.61 3.34
CA ALA A 32 -6.92 2.37 2.55
C ALA A 32 -6.40 2.62 1.15
N ALA A 33 -5.21 2.09 0.85
CA ALA A 33 -4.60 2.27 -0.46
C ALA A 33 -4.39 0.92 -1.15
N ASP A 34 -4.57 0.90 -2.45
CA ASP A 34 -4.40 -0.33 -3.23
C ASP A 34 -2.93 -0.56 -3.55
N PHE A 35 -2.55 -1.83 -3.70
CA PHE A 35 -1.17 -2.19 -4.01
C PHE A 35 -1.12 -3.20 -5.15
N LEU A 36 -0.58 -2.77 -6.29
CA LEU A 36 -0.47 -3.63 -7.46
C LEU A 36 0.78 -4.50 -7.38
N LEU A 37 0.60 -5.80 -7.45
CA LEU A 37 1.73 -6.74 -7.39
C LEU A 37 1.56 -7.85 -8.42
N ASP A 38 2.66 -8.16 -9.12
CA ASP A 38 2.64 -9.20 -10.13
C ASP A 38 2.84 -10.58 -9.50
N ILE A 39 1.73 -11.30 -9.32
CA ILE A 39 1.78 -12.63 -8.73
C ILE A 39 0.95 -13.62 -9.53
N SER A 40 1.49 -14.81 -9.76
CA SER A 40 0.81 -15.84 -10.52
C SER A 40 -0.18 -16.60 -9.64
N GLU A 41 -0.95 -15.85 -8.84
CA GLU A 41 -1.93 -16.44 -7.95
C GLU A 41 -3.31 -15.80 -8.17
N THR A 42 -4.32 -16.65 -8.29
CA THR A 42 -5.68 -16.17 -8.50
C THR A 42 -6.55 -16.42 -7.27
N ASP A 43 -6.84 -17.68 -7.00
CA ASP A 43 -7.66 -18.06 -5.85
C ASP A 43 -7.38 -17.13 -4.67
N LEU A 44 -8.43 -16.50 -4.15
CA LEU A 44 -8.30 -15.60 -3.02
C LEU A 44 -8.42 -16.34 -1.70
N SER A 45 -9.53 -17.04 -1.52
CA SER A 45 -9.78 -17.80 -0.30
C SER A 45 -8.63 -18.77 -0.03
N SER A 46 -8.23 -19.51 -1.06
CA SER A 46 -7.14 -20.47 -0.93
C SER A 46 -5.89 -19.81 -0.39
N LEU A 47 -5.76 -18.50 -0.62
CA LEU A 47 -4.61 -17.75 -0.15
C LEU A 47 -4.93 -17.00 1.14
N THR A 48 -3.89 -16.56 1.83
CA THR A 48 -4.06 -15.83 3.08
C THR A 48 -3.44 -14.44 3.00
N ALA A 49 -4.05 -13.48 3.68
CA ALA A 49 -3.55 -12.11 3.69
C ALA A 49 -3.26 -11.64 5.11
N SER A 50 -2.04 -11.19 5.35
CA SER A 50 -1.64 -10.72 6.66
C SER A 50 -0.53 -9.66 6.55
N ILE A 51 -0.64 -8.62 7.36
CA ILE A 51 0.35 -7.54 7.36
C ILE A 51 0.70 -7.11 8.78
N LYS A 52 2.00 -6.96 9.02
CA LYS A 52 2.48 -6.55 10.34
C LYS A 52 3.53 -5.45 10.22
N ALA A 53 3.12 -4.22 10.50
CA ALA A 53 4.03 -3.08 10.42
C ALA A 53 5.38 -3.41 11.07
N PRO A 54 6.36 -2.51 10.87
CA PRO A 54 7.71 -2.69 11.42
C PRO A 54 7.73 -2.52 12.93
N SER A 55 6.67 -1.92 13.48
CA SER A 55 6.59 -1.69 14.92
C SER A 55 5.72 -2.76 15.58
N GLY A 56 5.39 -3.80 14.83
CA GLY A 56 4.57 -4.88 15.35
C GLY A 56 3.10 -4.51 15.40
N ARG A 57 2.71 -3.51 14.62
CA ARG A 57 1.33 -3.05 14.59
C ARG A 57 0.57 -3.72 13.45
N ASP A 58 -0.39 -4.58 13.80
CA ASP A 58 -1.19 -5.28 12.81
C ASP A 58 -2.06 -4.30 12.02
N GLU A 59 -2.32 -4.63 10.76
CA GLU A 59 -3.13 -3.78 9.91
C GLU A 59 -4.21 -4.60 9.19
N PRO A 60 -5.40 -4.01 9.04
CA PRO A 60 -6.53 -4.65 8.37
C PRO A 60 -6.31 -4.83 6.87
N CYS A 61 -5.73 -5.96 6.49
CA CYS A 61 -5.45 -6.25 5.08
C CYS A 61 -6.53 -7.16 4.51
N LEU A 62 -6.83 -6.96 3.22
CA LEU A 62 -7.85 -7.77 2.55
C LEU A 62 -7.46 -8.01 1.09
N LEU A 63 -7.69 -9.23 0.62
CA LEU A 63 -7.37 -9.58 -0.77
C LEU A 63 -8.58 -9.39 -1.66
N LYS A 64 -8.36 -8.75 -2.81
CA LYS A 64 -9.44 -8.51 -3.77
C LYS A 64 -8.92 -8.58 -5.20
N ARG A 65 -9.81 -8.88 -6.13
CA ARG A 65 -9.44 -8.99 -7.54
C ARG A 65 -9.52 -7.63 -8.22
N LEU A 66 -8.47 -7.29 -8.96
CA LEU A 66 -8.41 -6.01 -9.67
C LEU A 66 -8.76 -6.19 -11.14
N PRO A 67 -9.28 -5.11 -11.76
CA PRO A 67 -9.67 -5.13 -13.18
C PRO A 67 -8.47 -5.21 -14.11
N ASN A 68 -8.72 -5.47 -15.38
CA ASN A 68 -7.66 -5.57 -16.38
C ASN A 68 -6.82 -6.83 -16.14
N ASN A 69 -7.43 -7.84 -15.52
CA ASN A 69 -6.74 -9.09 -15.24
C ASN A 69 -5.57 -8.87 -14.28
N HIS A 70 -5.85 -8.18 -13.18
CA HIS A 70 -4.82 -7.91 -12.17
C HIS A 70 -5.34 -8.18 -10.77
N ILE A 71 -4.42 -8.24 -9.81
CA ILE A 71 -4.79 -8.52 -8.42
C ILE A 71 -3.89 -7.74 -7.46
N GLY A 72 -4.47 -7.30 -6.35
CA GLY A 72 -3.71 -6.55 -5.37
C GLY A 72 -4.28 -6.68 -3.97
N ILE A 73 -3.59 -6.11 -2.99
CA ILE A 73 -4.04 -6.16 -1.61
C ILE A 73 -4.49 -4.79 -1.12
N SER A 74 -5.47 -4.77 -0.22
CA SER A 74 -6.00 -3.53 0.31
C SER A 74 -5.86 -3.49 1.83
N PHE A 75 -5.14 -2.50 2.33
CA PHE A 75 -4.94 -2.35 3.77
C PHE A 75 -4.66 -0.89 4.14
N ILE A 76 -5.01 -0.53 5.36
CA ILE A 76 -4.79 0.84 5.84
C ILE A 76 -3.51 0.94 6.66
N PRO A 77 -2.47 1.52 6.05
CA PRO A 77 -1.17 1.69 6.71
C PRO A 77 -1.22 2.74 7.83
N ARG A 78 -0.72 2.35 9.01
CA ARG A 78 -0.71 3.25 10.15
C ARG A 78 0.66 3.91 10.33
N GLU A 79 1.70 3.22 9.85
CA GLU A 79 3.06 3.73 9.94
C GLU A 79 3.77 3.67 8.59
N VAL A 80 4.91 4.33 8.50
CA VAL A 80 5.69 4.36 7.27
C VAL A 80 7.00 3.61 7.43
N GLY A 81 7.43 2.93 6.36
CA GLY A 81 8.66 2.17 6.40
C GLY A 81 8.62 0.94 5.54
N GLU A 82 9.21 -0.15 6.02
CA GLU A 82 9.23 -1.41 5.29
C GLU A 82 8.22 -2.40 5.86
N HIS A 83 7.08 -2.51 5.19
CA HIS A 83 6.02 -3.42 5.64
C HIS A 83 6.20 -4.79 5.00
N LEU A 84 5.90 -5.83 5.78
CA LEU A 84 6.02 -7.21 5.29
C LEU A 84 4.66 -7.90 5.27
N VAL A 85 4.20 -8.23 4.06
CA VAL A 85 2.92 -8.90 3.90
C VAL A 85 3.09 -10.41 3.82
N SER A 86 2.46 -11.13 4.75
CA SER A 86 2.54 -12.58 4.77
C SER A 86 1.48 -13.21 3.88
N ILE A 87 1.90 -13.83 2.79
CA ILE A 87 0.99 -14.47 1.86
C ILE A 87 1.29 -15.96 1.73
N LYS A 88 0.34 -16.78 2.13
CA LYS A 88 0.50 -18.24 2.05
C LYS A 88 -0.76 -18.89 1.50
N LYS A 89 -0.67 -20.19 1.23
CA LYS A 89 -1.82 -20.94 0.70
C LYS A 89 -2.12 -22.15 1.58
N ASN A 90 -3.17 -22.06 2.38
CA ASN A 90 -3.57 -23.14 3.25
C ASN A 90 -2.46 -23.45 4.27
N GLY A 91 -1.66 -22.44 4.59
CA GLY A 91 -0.59 -22.61 5.54
C GLY A 91 0.75 -22.88 4.87
N ASN A 92 0.83 -22.55 3.59
CA ASN A 92 2.06 -22.76 2.83
C ASN A 92 2.44 -21.50 2.05
N HIS A 93 3.40 -20.74 2.58
CA HIS A 93 3.84 -19.51 1.94
C HIS A 93 3.83 -19.66 0.42
N VAL A 94 3.55 -18.55 -0.26
CA VAL A 94 3.50 -18.56 -1.73
C VAL A 94 4.71 -17.85 -2.32
N ALA A 95 4.74 -17.72 -3.64
CA ALA A 95 5.84 -17.06 -4.33
C ALA A 95 5.78 -15.55 -4.13
N ASN A 96 6.95 -14.92 -4.05
CA ASN A 96 7.03 -13.48 -3.86
C ASN A 96 6.44 -13.07 -2.51
N SER A 97 6.51 -13.98 -1.54
CA SER A 97 5.99 -13.72 -0.21
C SER A 97 7.05 -13.98 0.86
N PRO A 98 7.03 -13.17 1.93
CA PRO A 98 6.06 -12.08 2.07
C PRO A 98 6.30 -10.95 1.09
N VAL A 99 5.26 -10.16 0.83
CA VAL A 99 5.36 -9.04 -0.10
C VAL A 99 5.98 -7.82 0.57
N SER A 100 7.14 -7.41 0.07
CA SER A 100 7.84 -6.26 0.64
C SER A 100 7.28 -4.96 0.09
N ILE A 101 6.68 -4.16 0.97
CA ILE A 101 6.09 -2.88 0.58
C ILE A 101 6.75 -1.72 1.32
N MET A 102 6.94 -0.61 0.63
CA MET A 102 7.54 0.57 1.22
C MET A 102 6.52 1.69 1.39
N VAL A 103 6.31 2.11 2.62
CA VAL A 103 5.35 3.17 2.92
C VAL A 103 6.06 4.44 3.35
N VAL A 104 5.60 5.58 2.84
CA VAL A 104 6.20 6.87 3.17
C VAL A 104 5.12 7.95 3.32
N GLN A 105 5.33 8.85 4.27
CA GLN A 105 4.38 9.93 4.51
C GLN A 105 4.25 10.83 3.28
N SER A 106 3.10 10.76 2.62
CA SER A 106 2.85 11.56 1.43
C SER A 106 1.64 12.46 1.63
N GLU A 107 1.88 13.75 1.88
CA GLU A 107 0.82 14.70 2.09
C GLU A 107 0.59 15.55 0.84
N ILE A 108 -0.67 15.75 0.49
CA ILE A 108 -1.02 16.54 -0.69
C ILE A 108 -1.10 18.03 -0.35
N GLY A 109 -1.97 18.35 0.61
CA GLY A 109 -2.13 19.74 1.01
C GLY A 109 -1.08 20.18 2.01
N ASP A 110 -1.37 21.25 2.74
CA ASP A 110 -0.44 21.77 3.75
C ASP A 110 -1.18 22.59 4.80
N SER A 111 -1.04 22.17 6.06
CA SER A 111 -1.70 22.87 7.16
C SER A 111 -3.16 23.15 6.84
N GLY A 112 -3.83 22.15 6.28
CA GLY A 112 -5.24 22.31 5.92
C GLY A 112 -5.42 22.95 4.57
N PRO A 113 -6.60 23.55 4.34
CA PRO A 113 -6.93 24.23 3.08
C PRO A 113 -6.13 25.50 2.89
N SER A 114 -5.40 25.58 1.78
CA SER A 114 -4.59 26.75 1.48
C SER A 114 -5.28 27.64 0.44
N SER A 115 -6.14 28.53 0.91
CA SER A 115 -6.87 29.43 0.02
C SER A 115 -7.37 28.68 -1.21
N GLY A 116 -7.90 27.49 -0.99
CA GLY A 116 -8.41 26.69 -2.10
C GLY A 116 -9.72 27.22 -2.64
N GLY A 1 -5.06 16.09 -2.07
CA GLY A 1 -4.01 16.48 -3.00
C GLY A 1 -3.81 17.97 -3.06
N SER A 2 -4.08 18.55 -4.23
CA SER A 2 -3.93 19.99 -4.42
C SER A 2 -4.89 20.49 -5.50
N SER A 3 -5.21 21.78 -5.45
CA SER A 3 -6.12 22.39 -6.41
C SER A 3 -5.56 22.26 -7.83
N GLY A 4 -4.29 22.59 -7.98
CA GLY A 4 -3.65 22.50 -9.29
C GLY A 4 -2.17 22.77 -9.24
N SER A 5 -1.65 23.49 -10.24
CA SER A 5 -0.24 23.81 -10.30
C SER A 5 0.05 25.13 -9.59
N SER A 6 0.87 25.06 -8.54
CA SER A 6 1.23 26.24 -7.78
C SER A 6 2.71 26.54 -7.91
N GLY A 7 3.54 25.58 -7.49
CA GLY A 7 4.98 25.77 -7.57
C GLY A 7 5.52 26.65 -6.45
N ILE A 8 6.47 26.12 -5.69
CA ILE A 8 7.06 26.87 -4.58
C ILE A 8 8.09 27.88 -5.09
N PRO A 9 8.18 29.02 -4.41
CA PRO A 9 9.13 30.08 -4.77
C PRO A 9 10.57 29.70 -4.49
N GLY A 10 11.33 29.46 -5.56
CA GLY A 10 12.72 29.07 -5.41
C GLY A 10 13.09 27.87 -6.26
N SER A 11 14.15 28.01 -7.04
CA SER A 11 14.60 26.93 -7.92
C SER A 11 14.96 25.69 -7.10
N PRO A 12 14.65 24.51 -7.66
CA PRO A 12 14.93 23.23 -7.01
C PRO A 12 16.42 22.92 -6.93
N PHE A 13 16.76 21.72 -6.50
CA PHE A 13 18.14 21.30 -6.38
C PHE A 13 18.66 20.74 -7.71
N THR A 14 19.96 20.92 -7.95
CA THR A 14 20.57 20.44 -9.19
C THR A 14 19.92 19.14 -9.64
N ALA A 15 20.14 18.07 -8.88
CA ALA A 15 19.58 16.77 -9.21
C ALA A 15 18.12 16.66 -8.74
N LYS A 16 17.29 16.02 -9.56
CA LYS A 16 15.89 15.85 -9.23
C LYS A 16 15.55 14.38 -9.02
N ILE A 17 16.26 13.51 -9.73
CA ILE A 17 16.03 12.08 -9.62
C ILE A 17 16.36 11.58 -8.22
N THR A 18 15.58 10.61 -7.74
CA THR A 18 15.79 10.05 -6.42
C THR A 18 17.22 9.56 -6.24
N ASP A 19 17.73 9.66 -5.01
CA ASP A 19 19.09 9.24 -4.71
C ASP A 19 19.47 8.00 -5.54
N ASP A 20 18.77 6.90 -5.29
CA ASP A 20 19.02 5.66 -6.00
C ASP A 20 18.03 5.46 -7.14
N SER A 21 18.23 4.41 -7.92
CA SER A 21 17.35 4.11 -9.05
C SER A 21 16.34 3.05 -8.67
N ARG A 22 15.78 3.15 -7.47
CA ARG A 22 14.80 2.20 -6.99
C ARG A 22 13.39 2.70 -7.23
N ARG A 23 12.39 1.90 -6.86
CA ARG A 23 11.00 2.27 -7.05
C ARG A 23 10.22 2.09 -5.75
N CYS A 24 9.25 2.97 -5.52
CA CYS A 24 8.43 2.91 -4.32
C CYS A 24 7.07 3.57 -4.55
N SER A 25 6.01 2.82 -4.25
CA SER A 25 4.65 3.33 -4.43
C SER A 25 4.28 4.30 -3.31
N GLN A 26 3.83 5.49 -3.71
CA GLN A 26 3.45 6.52 -2.75
C GLN A 26 2.09 6.19 -2.11
N VAL A 27 2.09 5.96 -0.80
CA VAL A 27 0.86 5.64 -0.09
C VAL A 27 0.55 6.69 0.97
N LYS A 28 -0.73 6.82 1.30
CA LYS A 28 -1.15 7.80 2.31
C LYS A 28 -1.40 7.11 3.65
N LEU A 29 -0.71 7.59 4.69
CA LEU A 29 -0.85 7.03 6.03
C LEU A 29 -2.25 7.28 6.58
N GLY A 30 -2.87 6.22 7.10
CA GLY A 30 -4.21 6.35 7.66
C GLY A 30 -5.28 6.41 6.59
N SER A 31 -4.97 5.86 5.42
CA SER A 31 -5.91 5.86 4.31
C SER A 31 -5.79 4.57 3.49
N ALA A 32 -6.89 3.83 3.39
CA ALA A 32 -6.91 2.59 2.64
C ALA A 32 -6.38 2.78 1.23
N ALA A 33 -5.27 2.11 0.92
CA ALA A 33 -4.66 2.21 -0.41
C ALA A 33 -4.47 0.84 -1.03
N ASP A 34 -4.47 0.78 -2.36
CA ASP A 34 -4.30 -0.47 -3.07
C ASP A 34 -2.82 -0.72 -3.37
N PHE A 35 -2.44 -2.00 -3.41
CA PHE A 35 -1.06 -2.38 -3.68
C PHE A 35 -0.99 -3.45 -4.77
N LEU A 36 -0.26 -3.16 -5.83
CA LEU A 36 -0.12 -4.10 -6.95
C LEU A 36 1.07 -5.04 -6.71
N LEU A 37 0.77 -6.31 -6.49
CA LEU A 37 1.81 -7.31 -6.26
C LEU A 37 1.78 -8.39 -7.35
N ASP A 38 2.95 -8.71 -7.88
CA ASP A 38 3.06 -9.74 -8.91
C ASP A 38 3.00 -11.14 -8.31
N ILE A 39 1.84 -11.77 -8.41
CA ILE A 39 1.66 -13.10 -7.87
C ILE A 39 1.02 -14.02 -8.91
N SER A 40 1.73 -15.10 -9.24
CA SER A 40 1.24 -16.06 -10.23
C SER A 40 -0.04 -16.74 -9.74
N GLU A 41 -0.39 -16.48 -8.48
CA GLU A 41 -1.59 -17.07 -7.89
C GLU A 41 -2.74 -16.05 -7.87
N THR A 42 -3.83 -16.41 -8.53
CA THR A 42 -5.00 -15.53 -8.59
C THR A 42 -5.97 -15.83 -7.45
N ASP A 43 -6.46 -17.07 -7.42
CA ASP A 43 -7.41 -17.49 -6.39
C ASP A 43 -7.09 -16.79 -5.06
N LEU A 44 -7.96 -15.89 -4.64
CA LEU A 44 -7.77 -15.16 -3.39
C LEU A 44 -8.03 -16.07 -2.20
N SER A 45 -9.24 -16.63 -2.14
CA SER A 45 -9.60 -17.52 -1.04
C SER A 45 -8.47 -18.48 -0.71
N SER A 46 -8.05 -19.26 -1.72
CA SER A 46 -6.99 -20.23 -1.54
C SER A 46 -5.78 -19.58 -0.85
N LEU A 47 -5.57 -18.30 -1.11
CA LEU A 47 -4.45 -17.57 -0.53
C LEU A 47 -4.91 -16.78 0.69
N THR A 48 -3.96 -16.38 1.53
CA THR A 48 -4.25 -15.63 2.74
C THR A 48 -3.71 -14.21 2.63
N ALA A 49 -4.18 -13.33 3.53
CA ALA A 49 -3.74 -11.94 3.54
C ALA A 49 -3.36 -11.51 4.95
N SER A 50 -2.12 -11.07 5.13
CA SER A 50 -1.64 -10.61 6.43
C SER A 50 -0.55 -9.56 6.26
N ILE A 51 -0.55 -8.59 7.17
CA ILE A 51 0.44 -7.51 7.13
C ILE A 51 0.87 -7.11 8.54
N LYS A 52 2.17 -6.89 8.71
CA LYS A 52 2.72 -6.50 10.01
C LYS A 52 3.66 -5.32 9.87
N ALA A 53 3.20 -4.13 10.27
CA ALA A 53 4.01 -2.93 10.19
C ALA A 53 5.44 -3.19 10.66
N PRO A 54 6.33 -2.21 10.42
CA PRO A 54 7.74 -2.32 10.83
C PRO A 54 7.91 -2.26 12.34
N SER A 55 6.89 -1.77 13.04
CA SER A 55 6.93 -1.66 14.48
C SER A 55 6.27 -2.86 15.15
N GLY A 56 5.87 -3.84 14.33
CA GLY A 56 5.22 -5.02 14.86
C GLY A 56 3.75 -4.81 15.11
N ARG A 57 3.17 -3.83 14.44
CA ARG A 57 1.75 -3.51 14.61
C ARG A 57 0.93 -4.07 13.43
N ASP A 58 0.08 -5.05 13.73
CA ASP A 58 -0.75 -5.68 12.70
C ASP A 58 -1.64 -4.64 12.03
N GLU A 59 -2.13 -4.96 10.84
CA GLU A 59 -2.98 -4.06 10.09
C GLU A 59 -4.09 -4.83 9.36
N PRO A 60 -5.28 -4.22 9.31
CA PRO A 60 -6.45 -4.83 8.65
C PRO A 60 -6.29 -4.89 7.13
N CYS A 61 -5.68 -5.97 6.65
CA CYS A 61 -5.47 -6.15 5.22
C CYS A 61 -6.53 -7.06 4.62
N LEU A 62 -6.91 -6.78 3.37
CA LEU A 62 -7.93 -7.57 2.69
C LEU A 62 -7.57 -7.77 1.22
N LEU A 63 -7.40 -9.02 0.82
CA LEU A 63 -7.05 -9.35 -0.55
C LEU A 63 -8.26 -9.18 -1.47
N LYS A 64 -8.05 -8.49 -2.59
CA LYS A 64 -9.12 -8.25 -3.55
C LYS A 64 -8.59 -8.32 -4.99
N ARG A 65 -9.50 -8.32 -5.96
CA ARG A 65 -9.13 -8.39 -7.36
C ARG A 65 -8.96 -6.98 -7.94
N LEU A 66 -7.99 -6.82 -8.82
CA LEU A 66 -7.73 -5.53 -9.45
C LEU A 66 -8.00 -5.59 -10.95
N PRO A 67 -8.31 -4.43 -11.55
CA PRO A 67 -8.59 -4.33 -12.98
C PRO A 67 -7.35 -4.55 -13.84
N ASN A 68 -7.54 -4.56 -15.15
CA ASN A 68 -6.42 -4.76 -16.08
C ASN A 68 -5.80 -6.14 -15.90
N ASN A 69 -6.60 -7.08 -15.38
CA ASN A 69 -6.13 -8.43 -15.16
C ASN A 69 -5.01 -8.47 -14.13
N HIS A 70 -5.20 -7.72 -13.04
CA HIS A 70 -4.20 -7.66 -11.98
C HIS A 70 -4.84 -7.92 -10.62
N ILE A 71 -4.01 -8.02 -9.58
CA ILE A 71 -4.50 -8.28 -8.23
C ILE A 71 -3.66 -7.52 -7.21
N GLY A 72 -4.31 -7.10 -6.12
CA GLY A 72 -3.62 -6.38 -5.07
C GLY A 72 -4.33 -6.45 -3.74
N ILE A 73 -3.70 -5.92 -2.70
CA ILE A 73 -4.30 -5.92 -1.36
C ILE A 73 -4.75 -4.52 -0.97
N SER A 74 -5.68 -4.46 -0.01
CA SER A 74 -6.21 -3.19 0.46
C SER A 74 -6.18 -3.12 1.98
N PHE A 75 -5.34 -2.24 2.52
CA PHE A 75 -5.21 -2.08 3.96
C PHE A 75 -4.88 -0.63 4.32
N ILE A 76 -5.17 -0.26 5.56
CA ILE A 76 -4.90 1.09 6.03
C ILE A 76 -3.64 1.14 6.89
N PRO A 77 -2.52 1.53 6.28
CA PRO A 77 -1.23 1.63 6.96
C PRO A 77 -1.20 2.77 7.97
N ARG A 78 -0.86 2.44 9.22
CA ARG A 78 -0.79 3.44 10.28
C ARG A 78 0.61 4.00 10.40
N GLU A 79 1.60 3.23 9.94
CA GLU A 79 2.99 3.65 10.02
C GLU A 79 3.63 3.65 8.63
N VAL A 80 4.86 4.15 8.54
CA VAL A 80 5.58 4.20 7.28
C VAL A 80 6.86 3.38 7.34
N GLY A 81 7.30 2.91 6.18
CA GLY A 81 8.52 2.11 6.13
C GLY A 81 8.39 0.92 5.20
N GLU A 82 8.88 -0.23 5.65
CA GLU A 82 8.83 -1.45 4.85
C GLU A 82 7.87 -2.46 5.47
N HIS A 83 6.65 -2.52 4.93
CA HIS A 83 5.64 -3.45 5.42
C HIS A 83 5.81 -4.84 4.80
N LEU A 84 5.68 -5.87 5.62
CA LEU A 84 5.82 -7.25 5.15
C LEU A 84 4.46 -7.94 5.08
N VAL A 85 4.04 -8.28 3.87
CA VAL A 85 2.76 -8.95 3.67
C VAL A 85 2.94 -10.46 3.62
N SER A 86 2.33 -11.15 4.58
CA SER A 86 2.42 -12.61 4.65
C SER A 86 1.35 -13.27 3.79
N ILE A 87 1.76 -13.83 2.66
CA ILE A 87 0.84 -14.49 1.75
C ILE A 87 1.15 -15.98 1.63
N LYS A 88 0.21 -16.81 2.09
CA LYS A 88 0.38 -18.25 2.03
C LYS A 88 -0.86 -18.92 1.45
N LYS A 89 -0.77 -20.23 1.21
CA LYS A 89 -1.87 -20.99 0.65
C LYS A 89 -2.20 -22.20 1.52
N ASN A 90 -3.28 -22.11 2.28
CA ASN A 90 -3.70 -23.20 3.15
C ASN A 90 -2.65 -23.46 4.23
N GLY A 91 -1.88 -22.43 4.56
CA GLY A 91 -0.85 -22.58 5.58
C GLY A 91 0.51 -22.87 4.98
N ASN A 92 0.66 -22.61 3.68
CA ASN A 92 1.92 -22.86 2.99
C ASN A 92 2.34 -21.64 2.19
N HIS A 93 3.26 -20.86 2.73
CA HIS A 93 3.76 -19.66 2.06
C HIS A 93 3.80 -19.87 0.56
N VAL A 94 3.44 -18.82 -0.19
CA VAL A 94 3.44 -18.89 -1.65
C VAL A 94 4.67 -18.19 -2.22
N ALA A 95 4.74 -18.14 -3.56
CA ALA A 95 5.85 -17.50 -4.23
C ALA A 95 5.79 -15.98 -4.12
N ASN A 96 6.93 -15.35 -3.91
CA ASN A 96 7.00 -13.90 -3.77
C ASN A 96 6.39 -13.45 -2.45
N SER A 97 6.42 -14.33 -1.45
CA SER A 97 5.87 -14.02 -0.14
C SER A 97 6.88 -14.31 0.95
N PRO A 98 6.89 -13.46 1.99
CA PRO A 98 5.98 -12.32 2.09
C PRO A 98 6.31 -11.23 1.07
N VAL A 99 5.31 -10.41 0.74
CA VAL A 99 5.50 -9.33 -0.22
C VAL A 99 5.98 -8.06 0.47
N SER A 100 7.12 -7.55 0.04
CA SER A 100 7.70 -6.34 0.62
C SER A 100 7.03 -5.10 0.04
N ILE A 101 6.59 -4.20 0.92
CA ILE A 101 5.94 -2.97 0.49
C ILE A 101 6.60 -1.74 1.12
N MET A 102 6.48 -0.60 0.46
CA MET A 102 7.05 0.64 0.96
C MET A 102 5.97 1.68 1.21
N VAL A 103 5.93 2.22 2.43
CA VAL A 103 4.95 3.23 2.79
C VAL A 103 5.63 4.54 3.19
N VAL A 104 5.11 5.64 2.66
CA VAL A 104 5.67 6.96 2.96
C VAL A 104 4.56 7.98 3.24
N GLN A 105 4.87 8.97 4.06
CA GLN A 105 3.90 10.00 4.41
C GLN A 105 3.85 11.09 3.35
N SER A 106 3.08 10.83 2.29
CA SER A 106 2.95 11.78 1.19
C SER A 106 2.14 13.00 1.62
N GLU A 107 2.83 14.11 1.84
CA GLU A 107 2.18 15.35 2.26
C GLU A 107 2.34 16.44 1.20
N ILE A 108 1.28 16.70 0.45
CA ILE A 108 1.30 17.71 -0.59
C ILE A 108 0.17 18.72 -0.41
N GLY A 109 0.47 19.99 -0.61
CA GLY A 109 -0.53 21.03 -0.47
C GLY A 109 -0.96 21.24 0.97
N ASP A 110 -0.74 22.44 1.49
CA ASP A 110 -1.11 22.76 2.87
C ASP A 110 -2.62 22.82 3.03
N SER A 111 -3.28 23.53 2.11
CA SER A 111 -4.73 23.69 2.15
C SER A 111 -5.41 22.45 1.57
N GLY A 112 -6.72 22.33 1.81
CA GLY A 112 -7.47 21.20 1.31
C GLY A 112 -8.15 21.49 -0.01
N PRO A 113 -8.85 20.48 -0.56
CA PRO A 113 -9.55 20.61 -1.84
C PRO A 113 -10.76 21.54 -1.75
N SER A 114 -11.46 21.46 -0.62
CA SER A 114 -12.64 22.28 -0.40
C SER A 114 -12.27 23.76 -0.25
N SER A 115 -12.97 24.63 -0.97
CA SER A 115 -12.70 26.06 -0.92
C SER A 115 -13.87 26.80 -0.29
N GLY A 116 -14.96 26.09 -0.03
CA GLY A 116 -16.14 26.69 0.57
C GLY A 116 -17.23 26.97 -0.45
N GLY A 1 19.80 6.36 6.27
CA GLY A 1 19.38 7.36 5.30
C GLY A 1 18.61 8.50 5.93
N SER A 2 17.29 8.44 5.87
CA SER A 2 16.44 9.48 6.44
C SER A 2 15.91 9.06 7.80
N SER A 3 15.28 9.99 8.50
CA SER A 3 14.72 9.72 9.81
C SER A 3 13.19 9.76 9.78
N GLY A 4 12.64 10.78 9.13
CA GLY A 4 11.21 10.92 9.03
C GLY A 4 10.78 12.31 8.60
N SER A 5 9.55 12.44 8.13
CA SER A 5 9.02 13.72 7.68
C SER A 5 7.98 14.26 8.65
N SER A 6 7.88 15.58 8.73
CA SER A 6 6.92 16.22 9.64
C SER A 6 5.74 16.79 8.86
N GLY A 7 4.54 16.36 9.20
CA GLY A 7 3.35 16.84 8.53
C GLY A 7 2.33 15.75 8.29
N ILE A 8 1.45 15.55 9.27
CA ILE A 8 0.42 14.52 9.16
C ILE A 8 -0.30 14.60 7.82
N PRO A 9 -0.77 13.44 7.34
CA PRO A 9 -1.48 13.34 6.06
C PRO A 9 -2.86 13.99 6.11
N GLY A 10 -3.03 15.07 5.37
CA GLY A 10 -4.30 15.77 5.35
C GLY A 10 -5.00 15.66 4.01
N SER A 11 -6.09 16.41 3.85
CA SER A 11 -6.85 16.39 2.61
C SER A 11 -6.68 17.72 1.86
N PRO A 12 -5.60 17.82 1.09
CA PRO A 12 -5.30 19.02 0.29
C PRO A 12 -6.26 19.21 -0.87
N PHE A 13 -6.12 20.32 -1.58
CA PHE A 13 -6.98 20.61 -2.72
C PHE A 13 -6.53 19.85 -3.96
N THR A 14 -5.25 19.97 -4.30
CA THR A 14 -4.70 19.29 -5.46
C THR A 14 -3.83 18.10 -5.04
N ALA A 15 -3.87 17.04 -5.84
CA ALA A 15 -3.09 15.84 -5.55
C ALA A 15 -2.40 15.32 -6.80
N LYS A 16 -1.65 14.23 -6.66
CA LYS A 16 -0.94 13.64 -7.78
C LYS A 16 -1.70 12.45 -8.34
N ILE A 17 -2.24 12.60 -9.54
CA ILE A 17 -2.99 11.54 -10.20
C ILE A 17 -2.05 10.54 -10.87
N THR A 18 -0.85 11.00 -11.21
CA THR A 18 0.14 10.14 -11.86
C THR A 18 1.21 9.70 -10.88
N ASP A 19 1.44 8.40 -10.81
CA ASP A 19 2.44 7.84 -9.91
C ASP A 19 3.60 7.22 -10.69
N ASP A 20 4.77 7.18 -10.07
CA ASP A 20 5.95 6.62 -10.72
C ASP A 20 6.41 5.35 -10.00
N SER A 21 6.56 5.45 -8.69
CA SER A 21 7.00 4.30 -7.89
C SER A 21 8.34 3.78 -8.38
N ARG A 22 9.25 4.70 -8.66
CA ARG A 22 10.58 4.35 -9.14
C ARG A 22 11.35 3.57 -8.06
N ARG A 23 11.55 4.19 -6.91
CA ARG A 23 12.27 3.57 -5.81
C ARG A 23 11.33 3.26 -4.66
N CYS A 24 10.69 4.30 -4.12
CA CYS A 24 9.77 4.15 -3.00
C CYS A 24 8.34 4.47 -3.44
N SER A 25 7.42 3.56 -3.13
CA SER A 25 6.02 3.75 -3.49
C SER A 25 5.34 4.73 -2.54
N GLN A 26 4.90 5.86 -3.08
CA GLN A 26 4.23 6.88 -2.28
C GLN A 26 2.81 6.45 -1.92
N VAL A 27 2.53 6.39 -0.62
CA VAL A 27 1.21 5.99 -0.14
C VAL A 27 0.70 6.95 0.93
N LYS A 28 -0.62 7.05 1.04
CA LYS A 28 -1.23 7.93 2.04
C LYS A 28 -1.54 7.17 3.33
N LEU A 29 -0.85 7.53 4.40
CA LEU A 29 -1.05 6.89 5.69
C LEU A 29 -2.48 7.11 6.19
N GLY A 30 -2.97 6.15 6.98
CA GLY A 30 -4.31 6.26 7.51
C GLY A 30 -5.36 6.29 6.42
N SER A 31 -4.99 5.87 5.21
CA SER A 31 -5.91 5.87 4.09
C SER A 31 -5.75 4.59 3.27
N ALA A 32 -6.83 3.82 3.18
CA ALA A 32 -6.82 2.58 2.42
C ALA A 32 -6.24 2.78 1.02
N ALA A 33 -5.09 2.17 0.77
CA ALA A 33 -4.43 2.29 -0.53
C ALA A 33 -4.27 0.92 -1.19
N ASP A 34 -4.49 0.88 -2.50
CA ASP A 34 -4.37 -0.35 -3.25
C ASP A 34 -2.91 -0.67 -3.55
N PHE A 35 -2.63 -1.96 -3.78
CA PHE A 35 -1.27 -2.39 -4.08
C PHE A 35 -1.26 -3.47 -5.16
N LEU A 36 -0.62 -3.17 -6.28
CA LEU A 36 -0.54 -4.11 -7.39
C LEU A 36 0.73 -4.95 -7.31
N LEU A 37 0.56 -6.25 -7.13
CA LEU A 37 1.70 -7.17 -7.04
C LEU A 37 1.60 -8.26 -8.09
N ASP A 38 2.74 -8.63 -8.66
CA ASP A 38 2.78 -9.68 -9.68
C ASP A 38 2.93 -11.05 -9.03
N ILE A 39 1.80 -11.75 -8.87
CA ILE A 39 1.80 -13.07 -8.27
C ILE A 39 1.15 -14.09 -9.20
N SER A 40 1.83 -15.22 -9.39
CA SER A 40 1.32 -16.28 -10.26
C SER A 40 0.28 -17.12 -9.52
N GLU A 41 -0.63 -16.45 -8.83
CA GLU A 41 -1.68 -17.14 -8.07
C GLU A 41 -3.04 -16.49 -8.33
N THR A 42 -3.96 -17.27 -8.89
CA THR A 42 -5.29 -16.77 -9.20
C THR A 42 -6.34 -17.41 -8.28
N ASP A 43 -5.94 -17.66 -7.03
CA ASP A 43 -6.84 -18.26 -6.06
C ASP A 43 -6.90 -17.42 -4.78
N LEU A 44 -7.68 -16.35 -4.83
CA LEU A 44 -7.82 -15.46 -3.67
C LEU A 44 -7.99 -16.26 -2.39
N SER A 45 -9.18 -16.82 -2.19
CA SER A 45 -9.46 -17.61 -1.01
C SER A 45 -8.28 -18.52 -0.65
N SER A 46 -7.89 -19.35 -1.60
CA SER A 46 -6.76 -20.27 -1.38
C SER A 46 -5.60 -19.56 -0.71
N LEU A 47 -5.40 -18.29 -1.08
CA LEU A 47 -4.32 -17.49 -0.51
C LEU A 47 -4.77 -16.76 0.74
N THR A 48 -3.82 -16.28 1.53
CA THR A 48 -4.13 -15.55 2.75
C THR A 48 -3.48 -14.17 2.75
N ALA A 49 -4.15 -13.20 3.37
CA ALA A 49 -3.64 -11.84 3.45
C ALA A 49 -3.33 -11.45 4.89
N SER A 50 -2.08 -11.08 5.15
CA SER A 50 -1.66 -10.69 6.48
C SER A 50 -0.56 -9.64 6.42
N ILE A 51 -0.79 -8.51 7.09
CA ILE A 51 0.18 -7.42 7.10
C ILE A 51 0.46 -6.95 8.53
N LYS A 52 1.71 -6.56 8.78
CA LYS A 52 2.10 -6.08 10.11
C LYS A 52 3.23 -5.06 10.00
N ALA A 53 2.95 -3.82 10.41
CA ALA A 53 3.94 -2.76 10.36
C ALA A 53 5.28 -3.23 10.92
N PRO A 54 6.33 -2.42 10.71
CA PRO A 54 7.67 -2.74 11.18
C PRO A 54 7.80 -2.67 12.70
N SER A 55 6.80 -2.07 13.33
CA SER A 55 6.80 -1.93 14.79
C SER A 55 6.12 -3.14 15.44
N GLY A 56 5.65 -4.06 14.62
CA GLY A 56 4.99 -5.24 15.14
C GLY A 56 3.51 -5.04 15.35
N ARG A 57 2.95 -4.03 14.68
CA ARG A 57 1.52 -3.73 14.79
C ARG A 57 0.76 -4.24 13.58
N ASP A 58 -0.13 -5.20 13.81
CA ASP A 58 -0.93 -5.78 12.75
C ASP A 58 -1.78 -4.71 12.05
N GLU A 59 -1.95 -4.85 10.75
CA GLU A 59 -2.73 -3.90 9.98
C GLU A 59 -3.88 -4.59 9.26
N PRO A 60 -5.02 -3.90 9.16
CA PRO A 60 -6.22 -4.44 8.50
C PRO A 60 -6.05 -4.54 6.99
N CYS A 61 -5.73 -5.74 6.52
CA CYS A 61 -5.54 -5.98 5.09
C CYS A 61 -6.65 -6.86 4.53
N LEU A 62 -7.03 -6.61 3.29
CA LEU A 62 -8.08 -7.38 2.64
C LEU A 62 -7.75 -7.62 1.16
N LEU A 63 -7.66 -8.90 0.78
CA LEU A 63 -7.36 -9.25 -0.60
C LEU A 63 -8.60 -9.17 -1.48
N LYS A 64 -8.43 -8.62 -2.68
CA LYS A 64 -9.54 -8.47 -3.61
C LYS A 64 -9.07 -8.65 -5.05
N ARG A 65 -10.00 -8.96 -5.95
CA ARG A 65 -9.67 -9.16 -7.35
C ARG A 65 -9.77 -7.85 -8.12
N LEU A 66 -8.64 -7.41 -8.68
CA LEU A 66 -8.59 -6.17 -9.45
C LEU A 66 -8.92 -6.42 -10.91
N PRO A 67 -9.43 -5.38 -11.59
CA PRO A 67 -9.79 -5.46 -13.01
C PRO A 67 -8.58 -5.57 -13.91
N ASN A 68 -8.82 -5.68 -15.22
CA ASN A 68 -7.74 -5.80 -16.19
C ASN A 68 -6.89 -7.04 -15.91
N ASN A 69 -7.52 -8.07 -15.36
CA ASN A 69 -6.82 -9.31 -15.04
C ASN A 69 -5.68 -9.06 -14.06
N HIS A 70 -5.97 -8.34 -12.99
CA HIS A 70 -4.97 -8.03 -11.98
C HIS A 70 -5.51 -8.28 -10.58
N ILE A 71 -4.61 -8.43 -9.61
CA ILE A 71 -5.01 -8.67 -8.23
C ILE A 71 -4.04 -8.01 -7.26
N GLY A 72 -4.59 -7.36 -6.24
CA GLY A 72 -3.75 -6.70 -5.25
C GLY A 72 -4.33 -6.78 -3.85
N ILE A 73 -3.69 -6.08 -2.92
CA ILE A 73 -4.15 -6.08 -1.53
C ILE A 73 -4.57 -4.68 -1.09
N SER A 74 -5.57 -4.60 -0.21
CA SER A 74 -6.06 -3.33 0.29
C SER A 74 -6.02 -3.29 1.81
N PHE A 75 -5.28 -2.34 2.35
CA PHE A 75 -5.15 -2.19 3.79
C PHE A 75 -4.89 -0.73 4.17
N ILE A 76 -4.91 -0.45 5.47
CA ILE A 76 -4.68 0.91 5.96
C ILE A 76 -3.45 0.96 6.86
N PRO A 77 -2.33 1.43 6.29
CA PRO A 77 -1.06 1.55 7.01
C PRO A 77 -1.09 2.64 8.06
N ARG A 78 -0.63 2.32 9.27
CA ARG A 78 -0.61 3.28 10.36
C ARG A 78 0.81 3.78 10.63
N GLU A 79 1.77 3.23 9.88
CA GLU A 79 3.17 3.62 10.04
C GLU A 79 3.87 3.68 8.68
N VAL A 80 5.09 4.20 8.68
CA VAL A 80 5.87 4.32 7.45
C VAL A 80 7.15 3.50 7.54
N GLY A 81 7.55 2.93 6.41
CA GLY A 81 8.76 2.12 6.38
C GLY A 81 8.63 0.91 5.47
N GLU A 82 9.20 -0.21 5.89
CA GLU A 82 9.15 -1.44 5.11
C GLU A 82 8.18 -2.43 5.73
N HIS A 83 6.98 -2.53 5.14
CA HIS A 83 5.96 -3.44 5.64
C HIS A 83 6.11 -4.81 4.99
N LEU A 84 5.87 -5.86 5.78
CA LEU A 84 5.97 -7.23 5.29
C LEU A 84 4.61 -7.88 5.21
N VAL A 85 4.20 -8.26 4.01
CA VAL A 85 2.90 -8.90 3.79
C VAL A 85 3.06 -10.41 3.69
N SER A 86 2.51 -11.13 4.67
CA SER A 86 2.59 -12.58 4.69
C SER A 86 1.50 -13.20 3.81
N ILE A 87 1.91 -13.77 2.69
CA ILE A 87 0.97 -14.40 1.76
C ILE A 87 1.25 -15.89 1.63
N LYS A 88 0.31 -16.70 2.12
CA LYS A 88 0.45 -18.16 2.06
C LYS A 88 -0.83 -18.79 1.51
N LYS A 89 -0.77 -20.09 1.26
CA LYS A 89 -1.92 -20.83 0.75
C LYS A 89 -2.22 -22.05 1.61
N ASN A 90 -3.29 -21.96 2.40
CA ASN A 90 -3.69 -23.06 3.27
C ASN A 90 -2.60 -23.35 4.31
N GLY A 91 -1.83 -22.33 4.65
CA GLY A 91 -0.76 -22.50 5.62
C GLY A 91 0.57 -22.78 4.97
N ASN A 92 0.68 -22.49 3.68
CA ASN A 92 1.92 -22.72 2.95
C ASN A 92 2.32 -21.46 2.15
N HIS A 93 3.30 -20.73 2.66
CA HIS A 93 3.78 -19.52 2.00
C HIS A 93 3.83 -19.72 0.49
N VAL A 94 3.53 -18.65 -0.25
CA VAL A 94 3.54 -18.70 -1.71
C VAL A 94 4.72 -17.92 -2.28
N ALA A 95 4.81 -17.88 -3.60
CA ALA A 95 5.89 -17.15 -4.27
C ALA A 95 5.77 -15.65 -4.06
N ASN A 96 6.90 -14.97 -4.07
CA ASN A 96 6.92 -13.51 -3.88
C ASN A 96 6.31 -13.14 -2.54
N SER A 97 6.43 -14.03 -1.56
CA SER A 97 5.89 -13.79 -0.24
C SER A 97 6.93 -14.09 0.84
N PRO A 98 6.93 -13.29 1.91
CA PRO A 98 5.99 -12.18 2.06
C PRO A 98 6.28 -11.04 1.09
N VAL A 99 5.25 -10.26 0.76
CA VAL A 99 5.39 -9.15 -0.16
C VAL A 99 5.82 -7.88 0.57
N SER A 100 6.99 -7.36 0.20
CA SER A 100 7.53 -6.16 0.82
C SER A 100 6.88 -4.91 0.24
N ILE A 101 6.51 -3.98 1.11
CA ILE A 101 5.88 -2.73 0.68
C ILE A 101 6.51 -1.53 1.37
N MET A 102 6.63 -0.42 0.64
CA MET A 102 7.20 0.79 1.19
C MET A 102 6.12 1.83 1.49
N VAL A 103 6.10 2.32 2.73
CA VAL A 103 5.11 3.31 3.13
C VAL A 103 5.79 4.61 3.56
N VAL A 104 5.37 5.71 2.95
CA VAL A 104 5.93 7.02 3.26
C VAL A 104 4.84 8.02 3.62
N GLN A 105 5.19 9.02 4.42
CA GLN A 105 4.23 10.03 4.85
C GLN A 105 4.11 11.13 3.79
N SER A 106 3.20 10.93 2.84
CA SER A 106 2.99 11.91 1.78
C SER A 106 2.85 13.32 2.34
N GLU A 107 3.78 14.19 1.96
CA GLU A 107 3.77 15.57 2.44
C GLU A 107 2.47 16.27 2.02
N ILE A 108 2.10 17.30 2.78
CA ILE A 108 0.88 18.05 2.50
C ILE A 108 1.10 19.05 1.38
N GLY A 109 2.01 20.00 1.61
CA GLY A 109 2.30 21.01 0.60
C GLY A 109 2.73 22.33 1.21
N ASP A 110 2.02 22.75 2.25
CA ASP A 110 2.33 24.00 2.93
C ASP A 110 3.28 23.77 4.12
N SER A 111 3.90 24.84 4.59
CA SER A 111 4.83 24.75 5.72
C SER A 111 4.38 25.66 6.85
N GLY A 112 4.68 25.24 8.08
CA GLY A 112 4.30 26.03 9.24
C GLY A 112 3.80 25.17 10.39
N PRO A 113 3.56 25.81 11.55
CA PRO A 113 3.07 25.12 12.74
C PRO A 113 1.64 24.64 12.59
N SER A 114 1.40 23.36 12.89
CA SER A 114 0.07 22.78 12.78
C SER A 114 0.04 21.38 13.37
N SER A 115 -0.93 21.14 14.24
CA SER A 115 -1.07 19.83 14.89
C SER A 115 -2.47 19.65 15.44
N GLY A 116 -2.94 18.40 15.46
CA GLY A 116 -4.27 18.12 15.96
C GLY A 116 -5.10 17.30 14.98
N GLY A 1 16.47 24.86 13.99
CA GLY A 1 15.19 24.21 14.27
C GLY A 1 14.43 23.91 12.99
N SER A 2 14.02 22.65 12.84
CA SER A 2 13.27 22.23 11.66
C SER A 2 11.77 22.42 11.87
N SER A 3 11.29 21.97 13.03
CA SER A 3 9.87 22.08 13.35
C SER A 3 9.62 23.23 14.32
N GLY A 4 8.38 23.73 14.35
CA GLY A 4 8.05 24.82 15.24
C GLY A 4 7.85 26.12 14.49
N SER A 5 6.62 26.39 14.07
CA SER A 5 6.30 27.61 13.34
C SER A 5 5.04 28.26 13.89
N SER A 6 5.13 29.55 14.19
CA SER A 6 4.00 30.30 14.73
C SER A 6 3.05 30.74 13.62
N GLY A 7 3.61 31.39 12.60
CA GLY A 7 2.80 31.86 11.49
C GLY A 7 2.82 30.89 10.32
N ILE A 8 1.63 30.52 9.85
CA ILE A 8 1.51 29.60 8.73
C ILE A 8 2.64 29.80 7.73
N PRO A 9 3.05 28.71 7.05
CA PRO A 9 4.12 28.75 6.05
C PRO A 9 3.71 29.50 4.80
N GLY A 10 4.67 29.71 3.90
CA GLY A 10 4.40 30.42 2.66
C GLY A 10 5.52 30.31 1.66
N SER A 11 6.05 29.09 1.50
CA SER A 11 7.15 28.85 0.57
C SER A 11 6.80 27.72 -0.39
N PRO A 12 6.17 28.07 -1.51
CA PRO A 12 5.77 27.10 -2.54
C PRO A 12 6.96 26.52 -3.28
N PHE A 13 8.08 27.25 -3.27
CA PHE A 13 9.29 26.80 -3.93
C PHE A 13 10.08 25.85 -3.05
N THR A 14 9.59 24.62 -2.92
CA THR A 14 10.26 23.61 -2.10
C THR A 14 10.48 22.33 -2.89
N ALA A 15 11.05 21.32 -2.22
CA ALA A 15 11.32 20.04 -2.85
C ALA A 15 11.59 18.96 -1.81
N LYS A 16 11.16 17.73 -2.10
CA LYS A 16 11.36 16.62 -1.19
C LYS A 16 12.14 15.50 -1.87
N ILE A 17 12.20 15.54 -3.19
CA ILE A 17 12.92 14.53 -3.95
C ILE A 17 14.40 14.51 -3.58
N THR A 18 14.99 13.32 -3.64
CA THR A 18 16.40 13.16 -3.31
C THR A 18 17.24 12.85 -4.54
N ASP A 19 18.54 13.13 -4.46
CA ASP A 19 19.44 12.88 -5.58
C ASP A 19 19.40 11.42 -6.00
N ASP A 20 19.42 10.52 -5.02
CA ASP A 20 19.38 9.10 -5.28
C ASP A 20 18.22 8.74 -6.21
N SER A 21 17.02 9.16 -5.82
CA SER A 21 15.83 8.88 -6.62
C SER A 21 15.66 7.39 -6.85
N ARG A 22 15.85 6.61 -5.79
CA ARG A 22 15.72 5.16 -5.88
C ARG A 22 14.25 4.74 -5.93
N ARG A 23 13.96 3.71 -6.72
CA ARG A 23 12.61 3.22 -6.87
C ARG A 23 11.90 3.17 -5.52
N CYS A 24 10.81 3.93 -5.39
CA CYS A 24 10.05 3.98 -4.16
C CYS A 24 8.56 4.17 -4.45
N SER A 25 7.72 3.71 -3.52
CA SER A 25 6.28 3.82 -3.69
C SER A 25 5.70 4.81 -2.67
N GLN A 26 4.70 5.58 -3.10
CA GLN A 26 4.06 6.56 -2.23
C GLN A 26 2.67 6.08 -1.81
N VAL A 27 2.42 6.10 -0.50
CA VAL A 27 1.13 5.68 0.03
C VAL A 27 0.59 6.69 1.02
N LYS A 28 -0.74 6.76 1.13
CA LYS A 28 -1.38 7.69 2.04
C LYS A 28 -1.58 7.06 3.41
N LEU A 29 -0.83 7.55 4.39
CA LEU A 29 -0.92 7.03 5.76
C LEU A 29 -2.29 7.31 6.35
N GLY A 30 -2.94 6.26 6.84
CA GLY A 30 -4.26 6.41 7.44
C GLY A 30 -5.37 6.35 6.40
N SER A 31 -5.10 5.69 5.28
CA SER A 31 -6.08 5.57 4.21
C SER A 31 -5.88 4.28 3.43
N ALA A 32 -6.97 3.55 3.20
CA ALA A 32 -6.91 2.30 2.46
C ALA A 32 -6.37 2.51 1.06
N ALA A 33 -5.19 1.96 0.80
CA ALA A 33 -4.55 2.09 -0.51
C ALA A 33 -4.32 0.73 -1.15
N ASP A 34 -4.58 0.63 -2.44
CA ASP A 34 -4.41 -0.63 -3.17
C ASP A 34 -2.93 -0.86 -3.50
N PHE A 35 -2.54 -2.12 -3.59
CA PHE A 35 -1.17 -2.48 -3.90
C PHE A 35 -1.11 -3.60 -4.94
N LEU A 36 -0.35 -3.37 -6.00
CA LEU A 36 -0.21 -4.36 -7.07
C LEU A 36 1.01 -5.24 -6.84
N LEU A 37 0.77 -6.50 -6.48
CA LEU A 37 1.84 -7.44 -6.23
C LEU A 37 1.94 -8.47 -7.35
N ASP A 38 3.15 -8.68 -7.86
CA ASP A 38 3.38 -9.63 -8.94
C ASP A 38 3.24 -11.07 -8.42
N ILE A 39 2.08 -11.67 -8.65
CA ILE A 39 1.83 -13.04 -8.20
C ILE A 39 1.18 -13.86 -9.31
N SER A 40 1.40 -15.17 -9.27
CA SER A 40 0.84 -16.07 -10.27
C SER A 40 -0.31 -16.88 -9.69
N GLU A 41 -1.05 -16.28 -8.76
CA GLU A 41 -2.17 -16.95 -8.12
C GLU A 41 -3.47 -16.20 -8.36
N THR A 42 -4.49 -16.90 -8.86
CA THR A 42 -5.78 -16.29 -9.14
C THR A 42 -6.71 -16.41 -7.95
N ASP A 43 -6.73 -17.59 -7.33
CA ASP A 43 -7.59 -17.82 -6.17
C ASP A 43 -7.25 -16.86 -5.04
N LEU A 44 -8.28 -16.28 -4.45
CA LEU A 44 -8.10 -15.33 -3.35
C LEU A 44 -8.39 -15.98 -2.00
N SER A 45 -9.60 -16.53 -1.86
CA SER A 45 -10.01 -17.18 -0.63
C SER A 45 -8.97 -18.22 -0.20
N SER A 46 -8.57 -19.08 -1.14
CA SER A 46 -7.58 -20.12 -0.85
C SER A 46 -6.29 -19.50 -0.35
N LEU A 47 -6.11 -18.20 -0.59
CA LEU A 47 -4.90 -17.51 -0.16
C LEU A 47 -5.15 -16.77 1.16
N THR A 48 -4.07 -16.30 1.77
CA THR A 48 -4.16 -15.57 3.02
C THR A 48 -3.57 -14.17 2.90
N ALA A 49 -3.97 -13.28 3.81
CA ALA A 49 -3.47 -11.91 3.79
C ALA A 49 -3.21 -11.42 5.22
N SER A 50 -1.96 -11.04 5.48
CA SER A 50 -1.58 -10.55 6.81
C SER A 50 -0.45 -9.53 6.69
N ILE A 51 -0.57 -8.43 7.42
CA ILE A 51 0.43 -7.38 7.42
C ILE A 51 0.81 -6.97 8.83
N LYS A 52 2.11 -6.85 9.08
CA LYS A 52 2.60 -6.45 10.39
C LYS A 52 3.67 -5.36 10.27
N ALA A 53 3.28 -4.13 10.59
CA ALA A 53 4.21 -3.01 10.52
C ALA A 53 5.56 -3.37 11.10
N PRO A 54 6.55 -2.49 10.89
CA PRO A 54 7.92 -2.70 11.40
C PRO A 54 8.00 -2.57 12.91
N SER A 55 6.99 -1.96 13.51
CA SER A 55 6.94 -1.78 14.96
C SER A 55 6.12 -2.87 15.62
N GLY A 56 5.73 -3.87 14.83
CA GLY A 56 4.93 -4.96 15.36
C GLY A 56 3.46 -4.62 15.47
N ARG A 57 3.02 -3.66 14.65
CA ARG A 57 1.63 -3.24 14.65
C ARG A 57 0.87 -3.84 13.47
N ASP A 58 -0.10 -4.70 13.78
CA ASP A 58 -0.89 -5.34 12.74
C ASP A 58 -1.79 -4.34 12.04
N GLU A 59 -2.19 -4.67 10.81
CA GLU A 59 -3.04 -3.79 10.02
C GLU A 59 -4.13 -4.58 9.31
N PRO A 60 -5.32 -3.97 9.21
CA PRO A 60 -6.48 -4.61 8.55
C PRO A 60 -6.30 -4.72 7.05
N CYS A 61 -5.61 -5.77 6.62
CA CYS A 61 -5.36 -6.00 5.19
C CYS A 61 -6.43 -6.91 4.61
N LEU A 62 -6.80 -6.66 3.35
CA LEU A 62 -7.81 -7.45 2.66
C LEU A 62 -7.40 -7.72 1.22
N LEU A 63 -7.50 -8.98 0.82
CA LEU A 63 -7.15 -9.37 -0.55
C LEU A 63 -8.37 -9.32 -1.46
N LYS A 64 -8.18 -8.76 -2.66
CA LYS A 64 -9.26 -8.66 -3.63
C LYS A 64 -8.74 -8.86 -5.05
N ARG A 65 -9.66 -8.95 -6.01
CA ARG A 65 -9.29 -9.14 -7.40
C ARG A 65 -9.30 -7.81 -8.15
N LEU A 66 -8.16 -7.47 -8.76
CA LEU A 66 -8.04 -6.22 -9.50
C LEU A 66 -8.33 -6.45 -10.99
N PRO A 67 -8.77 -5.38 -11.67
CA PRO A 67 -9.09 -5.44 -13.10
C PRO A 67 -7.85 -5.60 -13.97
N ASN A 68 -8.06 -5.72 -15.28
CA ASN A 68 -6.96 -5.90 -16.21
C ASN A 68 -6.18 -7.16 -15.91
N ASN A 69 -6.88 -8.18 -15.44
CA ASN A 69 -6.24 -9.46 -15.10
C ASN A 69 -5.11 -9.26 -14.11
N HIS A 70 -5.39 -8.52 -13.04
CA HIS A 70 -4.39 -8.26 -12.01
C HIS A 70 -4.98 -8.46 -10.61
N ILE A 71 -4.11 -8.52 -9.61
CA ILE A 71 -4.54 -8.71 -8.24
C ILE A 71 -3.70 -7.86 -7.28
N GLY A 72 -4.36 -7.34 -6.24
CA GLY A 72 -3.66 -6.53 -5.26
C GLY A 72 -4.33 -6.55 -3.90
N ILE A 73 -3.61 -6.05 -2.89
CA ILE A 73 -4.14 -6.03 -1.53
C ILE A 73 -4.59 -4.63 -1.14
N SER A 74 -5.46 -4.56 -0.14
CA SER A 74 -5.98 -3.27 0.33
C SER A 74 -5.97 -3.21 1.86
N PHE A 75 -5.18 -2.30 2.41
CA PHE A 75 -5.09 -2.14 3.85
C PHE A 75 -4.82 -0.68 4.23
N ILE A 76 -5.14 -0.32 5.47
CA ILE A 76 -4.94 1.04 5.94
C ILE A 76 -3.71 1.12 6.83
N PRO A 77 -2.57 1.51 6.24
CA PRO A 77 -1.30 1.65 6.96
C PRO A 77 -1.30 2.82 7.92
N ARG A 78 -0.85 2.58 9.15
CA ARG A 78 -0.81 3.62 10.18
C ARG A 78 0.62 4.15 10.35
N GLU A 79 1.59 3.39 9.85
CA GLU A 79 2.99 3.77 9.96
C GLU A 79 3.65 3.79 8.59
N VAL A 80 4.84 4.38 8.52
CA VAL A 80 5.58 4.46 7.27
C VAL A 80 6.91 3.72 7.36
N GLY A 81 7.23 2.94 6.33
CA GLY A 81 8.47 2.19 6.32
C GLY A 81 8.36 0.91 5.50
N GLU A 82 9.01 -0.15 5.98
CA GLU A 82 8.99 -1.42 5.27
C GLU A 82 7.98 -2.38 5.89
N HIS A 83 6.91 -2.66 5.16
CA HIS A 83 5.87 -3.56 5.63
C HIS A 83 5.97 -4.92 4.95
N LEU A 84 5.90 -5.98 5.76
CA LEU A 84 5.98 -7.34 5.23
C LEU A 84 4.60 -7.99 5.18
N VAL A 85 4.14 -8.29 3.98
CA VAL A 85 2.82 -8.92 3.80
C VAL A 85 2.96 -10.43 3.68
N SER A 86 2.45 -11.14 4.68
CA SER A 86 2.50 -12.59 4.68
C SER A 86 1.40 -13.19 3.82
N ILE A 87 1.81 -13.83 2.72
CA ILE A 87 0.85 -14.45 1.81
C ILE A 87 1.19 -15.92 1.57
N LYS A 88 0.27 -16.81 1.93
CA LYS A 88 0.47 -18.23 1.74
C LYS A 88 -0.78 -18.90 1.18
N LYS A 89 -0.66 -20.17 0.83
CA LYS A 89 -1.79 -20.91 0.27
C LYS A 89 -2.05 -22.18 1.09
N ASN A 90 -3.10 -22.15 1.90
CA ASN A 90 -3.47 -23.29 2.73
C ASN A 90 -2.37 -23.59 3.75
N GLY A 91 -1.62 -22.56 4.13
CA GLY A 91 -0.55 -22.73 5.09
C GLY A 91 0.80 -22.95 4.43
N ASN A 92 0.89 -22.61 3.15
CA ASN A 92 2.14 -22.78 2.40
C ASN A 92 2.48 -21.51 1.65
N HIS A 93 3.43 -20.74 2.18
CA HIS A 93 3.86 -19.50 1.55
C HIS A 93 3.81 -19.61 0.03
N VAL A 94 3.39 -18.53 -0.62
CA VAL A 94 3.30 -18.50 -2.07
C VAL A 94 4.45 -17.70 -2.69
N ALA A 95 4.52 -17.71 -4.01
CA ALA A 95 5.57 -16.98 -4.72
C ALA A 95 5.44 -15.48 -4.50
N ASN A 96 6.57 -14.80 -4.42
CA ASN A 96 6.59 -13.36 -4.20
C ASN A 96 5.99 -13.01 -2.85
N SER A 97 6.20 -13.88 -1.87
CA SER A 97 5.68 -13.66 -0.52
C SER A 97 6.71 -14.03 0.53
N PRO A 98 6.74 -13.26 1.63
CA PRO A 98 5.84 -12.12 1.82
C PRO A 98 6.15 -10.97 0.88
N VAL A 99 5.17 -10.10 0.65
CA VAL A 99 5.34 -8.96 -0.23
C VAL A 99 5.93 -7.77 0.53
N SER A 100 7.04 -7.24 0.01
CA SER A 100 7.70 -6.11 0.64
C SER A 100 7.16 -4.80 0.10
N ILE A 101 6.43 -4.06 0.94
CA ILE A 101 5.86 -2.80 0.53
C ILE A 101 6.48 -1.63 1.31
N MET A 102 6.68 -0.52 0.62
CA MET A 102 7.28 0.67 1.25
C MET A 102 6.23 1.76 1.44
N VAL A 103 5.98 2.13 2.69
CA VAL A 103 5.01 3.17 3.00
C VAL A 103 5.70 4.47 3.41
N VAL A 104 5.19 5.58 2.89
CA VAL A 104 5.76 6.89 3.20
C VAL A 104 4.67 7.92 3.44
N GLN A 105 5.06 9.10 3.93
CA GLN A 105 4.11 10.17 4.20
C GLN A 105 4.11 11.20 3.08
N SER A 106 2.96 11.31 2.40
CA SER A 106 2.83 12.25 1.29
C SER A 106 2.35 13.60 1.80
N GLU A 107 3.19 14.63 1.61
CA GLU A 107 2.86 15.98 2.05
C GLU A 107 2.92 16.96 0.88
N ILE A 108 1.96 17.87 0.84
CA ILE A 108 1.90 18.87 -0.23
C ILE A 108 2.56 20.18 0.21
N GLY A 109 2.27 20.60 1.43
CA GLY A 109 2.84 21.84 1.95
C GLY A 109 4.01 21.59 2.88
N ASP A 110 5.18 21.34 2.31
CA ASP A 110 6.38 21.09 3.09
C ASP A 110 7.14 22.37 3.36
N SER A 111 7.96 22.38 4.39
CA SER A 111 8.75 23.55 4.76
C SER A 111 9.95 23.71 3.83
N GLY A 112 10.65 24.83 3.97
CA GLY A 112 11.81 25.08 3.13
C GLY A 112 12.30 26.51 3.23
N PRO A 113 13.55 26.74 2.81
CA PRO A 113 14.17 28.07 2.86
C PRO A 113 13.54 29.04 1.85
N SER A 114 13.71 30.34 2.10
CA SER A 114 13.16 31.36 1.22
C SER A 114 14.27 32.07 0.45
N SER A 115 14.29 31.88 -0.87
CA SER A 115 15.29 32.51 -1.72
C SER A 115 15.48 33.98 -1.35
N GLY A 116 14.42 34.77 -1.54
CA GLY A 116 14.49 36.18 -1.23
C GLY A 116 13.54 36.57 -0.12
N GLY A 1 -4.96 -11.38 26.76
CA GLY A 1 -4.50 -10.01 26.68
C GLY A 1 -5.15 -9.24 25.55
N SER A 2 -5.40 -7.96 25.77
CA SER A 2 -6.03 -7.10 24.76
C SER A 2 -5.24 -5.81 24.57
N SER A 3 -4.68 -5.63 23.39
CA SER A 3 -3.90 -4.43 23.08
C SER A 3 -4.74 -3.42 22.32
N GLY A 4 -5.45 -2.58 23.04
CA GLY A 4 -6.29 -1.57 22.42
C GLY A 4 -7.70 -1.53 23.00
N SER A 5 -7.91 -0.61 23.94
CA SER A 5 -9.21 -0.48 24.59
C SER A 5 -10.12 0.45 23.80
N SER A 6 -9.68 1.70 23.65
CA SER A 6 -10.45 2.70 22.91
C SER A 6 -9.78 3.03 21.58
N GLY A 7 -10.59 3.39 20.59
CA GLY A 7 -10.06 3.73 19.28
C GLY A 7 -10.35 5.17 18.89
N ILE A 8 -9.51 5.73 18.03
CA ILE A 8 -9.67 7.10 17.58
C ILE A 8 -10.95 7.26 16.77
N PRO A 9 -11.57 8.45 16.86
CA PRO A 9 -12.82 8.75 16.14
C PRO A 9 -12.59 8.87 14.64
N GLY A 10 -12.99 7.83 13.90
CA GLY A 10 -12.82 7.84 12.46
C GLY A 10 -14.11 7.49 11.72
N SER A 11 -15.19 8.21 12.06
CA SER A 11 -16.47 7.96 11.43
C SER A 11 -16.34 7.88 9.91
N PRO A 12 -15.86 8.96 9.30
CA PRO A 12 -15.66 9.03 7.84
C PRO A 12 -14.52 8.15 7.37
N PHE A 13 -14.33 8.09 6.06
CA PHE A 13 -13.28 7.27 5.47
C PHE A 13 -12.59 8.00 4.31
N THR A 14 -11.27 7.89 4.26
CA THR A 14 -10.50 8.55 3.20
C THR A 14 -9.80 7.52 2.31
N ALA A 15 -9.97 7.67 1.01
CA ALA A 15 -9.34 6.77 0.06
C ALA A 15 -8.98 7.49 -1.24
N LYS A 16 -7.69 7.58 -1.53
CA LYS A 16 -7.21 8.25 -2.73
C LYS A 16 -6.16 7.40 -3.43
N ILE A 17 -6.48 6.96 -4.65
CA ILE A 17 -5.55 6.15 -5.43
C ILE A 17 -4.22 6.85 -5.64
N THR A 18 -3.14 6.10 -5.60
CA THR A 18 -1.81 6.65 -5.78
C THR A 18 -0.75 5.54 -5.89
N ASP A 19 0.22 5.75 -6.77
CA ASP A 19 1.28 4.77 -6.97
C ASP A 19 2.33 5.30 -7.95
N ASP A 20 3.60 5.15 -7.59
CA ASP A 20 4.69 5.61 -8.43
C ASP A 20 5.59 4.44 -8.83
N SER A 21 6.18 4.56 -10.02
CA SER A 21 7.07 3.51 -10.53
C SER A 21 8.52 3.78 -10.15
N ARG A 22 8.74 4.12 -8.88
CA ARG A 22 10.08 4.42 -8.39
C ARG A 22 10.52 3.40 -7.35
N ARG A 23 11.80 3.39 -7.04
CA ARG A 23 12.35 2.46 -6.05
C ARG A 23 11.47 2.41 -4.81
N CYS A 24 11.00 3.57 -4.38
CA CYS A 24 10.15 3.66 -3.20
C CYS A 24 8.73 4.06 -3.58
N SER A 25 7.76 3.25 -3.16
CA SER A 25 6.36 3.51 -3.46
C SER A 25 5.79 4.55 -2.51
N GLN A 26 4.69 5.18 -2.92
CA GLN A 26 4.04 6.19 -2.10
C GLN A 26 2.60 5.80 -1.78
N VAL A 27 2.24 5.85 -0.50
CA VAL A 27 0.89 5.50 -0.07
C VAL A 27 0.42 6.42 1.04
N LYS A 28 -0.90 6.55 1.18
CA LYS A 28 -1.48 7.40 2.22
C LYS A 28 -1.59 6.65 3.54
N LEU A 29 -1.13 7.27 4.61
CA LEU A 29 -1.19 6.66 5.94
C LEU A 29 -2.56 6.86 6.58
N GLY A 30 -3.12 5.78 7.12
CA GLY A 30 -4.42 5.87 7.76
C GLY A 30 -5.55 5.88 6.75
N SER A 31 -5.22 5.69 5.48
CA SER A 31 -6.21 5.69 4.41
C SER A 31 -6.07 4.45 3.54
N ALA A 32 -7.13 3.66 3.46
CA ALA A 32 -7.12 2.44 2.66
C ALA A 32 -6.59 2.71 1.26
N ALA A 33 -5.47 2.10 0.92
CA ALA A 33 -4.86 2.28 -0.39
C ALA A 33 -4.66 0.95 -1.09
N ASP A 34 -4.82 0.94 -2.41
CA ASP A 34 -4.66 -0.28 -3.19
C ASP A 34 -3.20 -0.45 -3.62
N PHE A 35 -2.75 -1.70 -3.67
CA PHE A 35 -1.39 -2.02 -4.06
C PHE A 35 -1.36 -2.95 -5.26
N LEU A 36 -0.88 -2.46 -6.40
CA LEU A 36 -0.80 -3.25 -7.61
C LEU A 36 0.47 -4.10 -7.63
N LEU A 37 0.31 -5.39 -7.40
CA LEU A 37 1.45 -6.31 -7.39
C LEU A 37 1.26 -7.42 -8.42
N ASP A 38 2.36 -7.85 -9.03
CA ASP A 38 2.31 -8.91 -10.03
C ASP A 38 2.51 -10.28 -9.39
N ILE A 39 1.41 -10.98 -9.14
CA ILE A 39 1.46 -12.29 -8.54
C ILE A 39 0.74 -13.33 -9.39
N SER A 40 1.46 -14.35 -9.81
CA SER A 40 0.89 -15.41 -10.64
C SER A 40 0.16 -16.44 -9.78
N GLU A 41 -0.59 -15.97 -8.80
CA GLU A 41 -1.34 -16.84 -7.90
C GLU A 41 -2.78 -16.39 -7.78
N THR A 42 -3.70 -17.24 -8.23
CA THR A 42 -5.13 -16.93 -8.17
C THR A 42 -5.78 -17.55 -6.94
N ASP A 43 -7.09 -17.40 -6.83
CA ASP A 43 -7.83 -17.96 -5.70
C ASP A 43 -7.52 -17.18 -4.43
N LEU A 44 -7.60 -15.85 -4.50
CA LEU A 44 -7.33 -15.01 -3.35
C LEU A 44 -7.85 -15.64 -2.07
N SER A 45 -9.06 -16.17 -2.13
CA SER A 45 -9.68 -16.80 -0.97
C SER A 45 -8.80 -17.93 -0.44
N SER A 46 -8.39 -18.83 -1.33
CA SER A 46 -7.56 -19.96 -0.95
C SER A 46 -6.26 -19.48 -0.29
N LEU A 47 -5.88 -18.24 -0.60
CA LEU A 47 -4.66 -17.66 -0.04
C LEU A 47 -4.97 -16.83 1.21
N THR A 48 -3.96 -16.59 2.02
CA THR A 48 -4.12 -15.82 3.24
C THR A 48 -3.51 -14.42 3.09
N ALA A 49 -4.04 -13.47 3.85
CA ALA A 49 -3.55 -12.09 3.81
C ALA A 49 -3.21 -11.59 5.21
N SER A 50 -1.97 -11.15 5.40
CA SER A 50 -1.53 -10.64 6.69
C SER A 50 -0.45 -9.57 6.51
N ILE A 51 -0.53 -8.52 7.32
CA ILE A 51 0.43 -7.43 7.26
C ILE A 51 0.76 -6.90 8.65
N LYS A 52 2.05 -6.70 8.91
CA LYS A 52 2.50 -6.18 10.20
C LYS A 52 3.56 -5.10 10.02
N ALA A 53 3.28 -3.91 10.55
CA ALA A 53 4.20 -2.80 10.45
C ALA A 53 5.52 -3.11 11.16
N PRO A 54 6.54 -2.28 10.92
CA PRO A 54 7.86 -2.44 11.53
C PRO A 54 7.84 -2.15 13.03
N SER A 55 6.76 -1.54 13.49
CA SER A 55 6.62 -1.20 14.91
C SER A 55 5.81 -2.26 15.65
N GLY A 56 5.54 -3.38 14.98
CA GLY A 56 4.78 -4.44 15.58
C GLY A 56 3.30 -4.14 15.64
N ARG A 57 2.84 -3.26 14.76
CA ARG A 57 1.44 -2.88 14.70
C ARG A 57 0.75 -3.52 13.50
N ASP A 58 -0.12 -4.49 13.78
CA ASP A 58 -0.85 -5.19 12.73
C ASP A 58 -1.76 -4.23 11.97
N GLU A 59 -2.02 -4.54 10.71
CA GLU A 59 -2.88 -3.70 9.88
C GLU A 59 -3.93 -4.54 9.16
N PRO A 60 -5.15 -4.00 9.06
CA PRO A 60 -6.27 -4.68 8.41
C PRO A 60 -6.09 -4.77 6.89
N CYS A 61 -5.57 -5.91 6.43
CA CYS A 61 -5.34 -6.12 5.01
C CYS A 61 -6.33 -7.13 4.45
N LEU A 62 -6.73 -6.92 3.19
CA LEU A 62 -7.68 -7.82 2.54
C LEU A 62 -7.33 -8.01 1.07
N LEU A 63 -7.13 -9.26 0.66
CA LEU A 63 -6.79 -9.58 -0.71
C LEU A 63 -8.01 -9.50 -1.61
N LYS A 64 -7.87 -8.81 -2.74
CA LYS A 64 -8.97 -8.66 -3.69
C LYS A 64 -8.45 -8.65 -5.13
N ARG A 65 -9.28 -9.09 -6.06
CA ARG A 65 -8.90 -9.14 -7.46
C ARG A 65 -9.01 -7.76 -8.10
N LEU A 66 -8.15 -7.48 -9.07
CA LEU A 66 -8.16 -6.19 -9.75
C LEU A 66 -8.41 -6.37 -11.25
N PRO A 67 -8.94 -5.31 -11.89
CA PRO A 67 -9.24 -5.33 -13.32
C PRO A 67 -7.98 -5.33 -14.18
N ASN A 68 -8.15 -5.55 -15.48
CA ASN A 68 -7.02 -5.59 -16.40
C ASN A 68 -6.15 -6.82 -16.16
N ASN A 69 -6.77 -7.90 -15.68
CA ASN A 69 -6.05 -9.13 -15.41
C ASN A 69 -4.92 -8.90 -14.40
N HIS A 70 -5.26 -8.23 -13.29
CA HIS A 70 -4.28 -7.93 -12.25
C HIS A 70 -4.86 -8.19 -10.87
N ILE A 71 -4.02 -8.09 -9.85
CA ILE A 71 -4.45 -8.30 -8.48
C ILE A 71 -3.78 -7.32 -7.53
N GLY A 72 -4.44 -7.02 -6.41
CA GLY A 72 -3.90 -6.09 -5.44
C GLY A 72 -4.52 -6.27 -4.06
N ILE A 73 -3.79 -5.85 -3.04
CA ILE A 73 -4.26 -5.96 -1.67
C ILE A 73 -4.70 -4.61 -1.13
N SER A 74 -5.73 -4.61 -0.27
CA SER A 74 -6.24 -3.39 0.32
C SER A 74 -6.08 -3.40 1.83
N PHE A 75 -5.25 -2.49 2.33
CA PHE A 75 -4.99 -2.39 3.76
C PHE A 75 -4.70 -0.95 4.17
N ILE A 76 -4.81 -0.67 5.46
CA ILE A 76 -4.55 0.67 5.99
C ILE A 76 -3.26 0.70 6.80
N PRO A 77 -2.21 1.28 6.22
CA PRO A 77 -0.90 1.39 6.88
C PRO A 77 -0.92 2.38 8.04
N ARG A 78 -0.70 1.87 9.25
CA ARG A 78 -0.69 2.70 10.43
C ARG A 78 0.63 3.44 10.57
N GLU A 79 1.65 2.96 9.87
CA GLU A 79 2.97 3.57 9.92
C GLU A 79 3.62 3.57 8.53
N VAL A 80 4.86 4.06 8.47
CA VAL A 80 5.59 4.12 7.21
C VAL A 80 6.92 3.37 7.32
N GLY A 81 7.34 2.75 6.22
CA GLY A 81 8.58 2.02 6.20
C GLY A 81 8.51 0.76 5.35
N GLU A 82 9.18 -0.30 5.82
CA GLU A 82 9.18 -1.56 5.08
C GLU A 82 8.19 -2.55 5.68
N HIS A 83 7.03 -2.68 5.03
CA HIS A 83 5.99 -3.59 5.50
C HIS A 83 6.14 -4.96 4.85
N LEU A 84 5.90 -6.01 5.63
CA LEU A 84 6.01 -7.37 5.13
C LEU A 84 4.64 -8.06 5.11
N VAL A 85 4.15 -8.37 3.91
CA VAL A 85 2.86 -9.02 3.76
C VAL A 85 3.02 -10.54 3.68
N SER A 86 2.51 -11.24 4.70
CA SER A 86 2.60 -12.69 4.74
C SER A 86 1.47 -13.33 3.93
N ILE A 87 1.83 -13.99 2.83
CA ILE A 87 0.85 -14.64 1.97
C ILE A 87 1.15 -16.13 1.85
N LYS A 88 0.22 -16.96 2.31
CA LYS A 88 0.37 -18.41 2.24
C LYS A 88 -0.91 -19.07 1.76
N LYS A 89 -0.84 -20.38 1.51
CA LYS A 89 -2.01 -21.14 1.06
C LYS A 89 -2.24 -22.36 1.95
N ASN A 90 -3.28 -22.30 2.76
CA ASN A 90 -3.61 -23.41 3.65
C ASN A 90 -2.47 -23.67 4.63
N GLY A 91 -1.69 -22.64 4.92
CA GLY A 91 -0.57 -22.79 5.84
C GLY A 91 0.74 -23.04 5.11
N ASN A 92 0.77 -22.74 3.82
CA ASN A 92 1.97 -22.94 3.02
C ASN A 92 2.30 -21.69 2.21
N HIS A 93 3.29 -20.94 2.68
CA HIS A 93 3.71 -19.72 2.01
C HIS A 93 3.62 -19.88 0.49
N VAL A 94 3.38 -18.76 -0.20
CA VAL A 94 3.27 -18.78 -1.65
C VAL A 94 4.43 -18.02 -2.31
N ALA A 95 4.42 -17.97 -3.63
CA ALA A 95 5.46 -17.28 -4.38
C ALA A 95 5.41 -15.77 -4.13
N ASN A 96 6.57 -15.13 -4.19
CA ASN A 96 6.66 -13.69 -3.98
C ASN A 96 6.09 -13.31 -2.61
N SER A 97 6.30 -14.18 -1.63
CA SER A 97 5.81 -13.94 -0.27
C SER A 97 6.88 -14.26 0.77
N PRO A 98 6.94 -13.45 1.83
CA PRO A 98 6.02 -12.31 2.01
C PRO A 98 6.30 -11.19 1.02
N VAL A 99 5.27 -10.43 0.69
CA VAL A 99 5.41 -9.31 -0.24
C VAL A 99 5.91 -8.06 0.46
N SER A 100 7.05 -7.56 0.01
CA SER A 100 7.64 -6.36 0.61
C SER A 100 7.00 -5.10 0.03
N ILE A 101 6.60 -4.19 0.92
CA ILE A 101 5.98 -2.94 0.50
C ILE A 101 6.65 -1.74 1.16
N MET A 102 6.76 -0.64 0.42
CA MET A 102 7.37 0.57 0.93
C MET A 102 6.33 1.65 1.19
N VAL A 103 6.20 2.05 2.45
CA VAL A 103 5.23 3.07 2.83
C VAL A 103 5.93 4.37 3.22
N VAL A 104 5.43 5.48 2.71
CA VAL A 104 6.01 6.80 3.00
C VAL A 104 4.93 7.87 3.04
N GLN A 105 5.00 8.73 4.04
CA GLN A 105 4.02 9.81 4.20
C GLN A 105 4.16 10.82 3.07
N SER A 106 3.03 11.22 2.50
CA SER A 106 3.02 12.19 1.41
C SER A 106 2.36 13.50 1.84
N GLU A 107 2.53 14.53 1.03
CA GLU A 107 1.94 15.83 1.33
C GLU A 107 1.00 16.28 0.21
N ILE A 108 -0.28 16.41 0.55
CA ILE A 108 -1.28 16.82 -0.42
C ILE A 108 -1.65 18.29 -0.24
N GLY A 109 -2.16 18.63 0.95
CA GLY A 109 -2.54 20.00 1.22
C GLY A 109 -3.93 20.33 0.76
N ASP A 110 -4.05 20.79 -0.49
CA ASP A 110 -5.35 21.13 -1.06
C ASP A 110 -5.30 21.09 -2.58
N SER A 111 -6.45 20.83 -3.20
CA SER A 111 -6.54 20.75 -4.65
C SER A 111 -7.58 21.73 -5.18
N GLY A 112 -7.16 22.59 -6.10
CA GLY A 112 -8.06 23.58 -6.67
C GLY A 112 -7.46 24.32 -7.84
N PRO A 113 -7.24 23.61 -8.96
CA PRO A 113 -6.65 24.19 -10.16
C PRO A 113 -7.59 25.17 -10.85
N SER A 114 -8.85 24.77 -10.99
CA SER A 114 -9.85 25.62 -11.64
C SER A 114 -11.17 25.55 -10.88
N SER A 115 -12.04 26.54 -11.14
CA SER A 115 -13.33 26.60 -10.48
C SER A 115 -14.21 25.43 -10.88
N GLY A 116 -14.45 25.29 -12.18
CA GLY A 116 -15.27 24.21 -12.68
C GLY A 116 -15.76 24.45 -14.09
N GLY A 1 -11.58 12.22 -3.55
CA GLY A 1 -10.18 12.51 -3.78
C GLY A 1 -9.86 12.67 -5.25
N SER A 2 -10.62 13.53 -5.93
CA SER A 2 -10.42 13.76 -7.36
C SER A 2 -9.60 15.03 -7.58
N SER A 3 -8.36 14.84 -8.03
CA SER A 3 -7.46 15.98 -8.29
C SER A 3 -7.76 16.61 -9.64
N GLY A 4 -7.70 15.79 -10.70
CA GLY A 4 -7.96 16.28 -12.03
C GLY A 4 -6.69 16.63 -12.78
N SER A 5 -6.06 17.73 -12.38
CA SER A 5 -4.82 18.17 -13.03
C SER A 5 -3.71 17.14 -12.86
N SER A 6 -3.41 16.42 -13.94
CA SER A 6 -2.37 15.40 -13.91
C SER A 6 -1.80 15.15 -15.30
N GLY A 7 -0.48 15.14 -15.41
CA GLY A 7 0.16 14.92 -16.68
C GLY A 7 0.68 16.19 -17.31
N ILE A 8 1.94 16.51 -17.06
CA ILE A 8 2.56 17.71 -17.59
C ILE A 8 3.22 17.44 -18.94
N PRO A 9 3.27 18.47 -19.79
CA PRO A 9 3.87 18.37 -21.12
C PRO A 9 5.39 18.22 -21.07
N GLY A 10 6.02 18.12 -22.24
CA GLY A 10 7.46 17.96 -22.29
C GLY A 10 7.92 17.31 -23.58
N SER A 11 7.27 17.65 -24.69
CA SER A 11 7.61 17.09 -25.98
C SER A 11 8.97 17.60 -26.45
N PRO A 12 9.07 18.93 -26.61
CA PRO A 12 10.31 19.58 -27.07
C PRO A 12 11.41 19.52 -26.01
N PHE A 13 11.02 19.39 -24.75
CA PHE A 13 11.97 19.32 -23.64
C PHE A 13 12.72 17.99 -23.66
N THR A 14 13.62 17.81 -22.70
CA THR A 14 14.40 16.60 -22.61
C THR A 14 13.58 15.37 -22.96
N ALA A 15 12.66 15.01 -22.07
CA ALA A 15 11.80 13.85 -22.29
C ALA A 15 10.33 14.20 -22.00
N LYS A 16 9.43 13.34 -22.45
CA LYS A 16 8.00 13.55 -22.25
C LYS A 16 7.65 13.48 -20.77
N ILE A 17 8.16 12.45 -20.09
CA ILE A 17 7.91 12.28 -18.67
C ILE A 17 9.18 11.90 -17.92
N THR A 18 9.54 12.71 -16.94
CA THR A 18 10.74 12.47 -16.14
C THR A 18 10.59 11.22 -15.28
N ASP A 19 11.62 10.39 -15.26
CA ASP A 19 11.61 9.16 -14.48
C ASP A 19 12.27 9.37 -13.12
N ASP A 20 11.81 8.62 -12.12
CA ASP A 20 12.37 8.73 -10.78
C ASP A 20 13.43 7.64 -10.54
N SER A 21 13.14 6.43 -10.99
CA SER A 21 14.05 5.31 -10.82
C SER A 21 14.50 5.20 -9.37
N ARG A 22 13.56 5.31 -8.45
CA ARG A 22 13.85 5.22 -7.02
C ARG A 22 13.59 3.81 -6.50
N ARG A 23 13.98 3.56 -5.25
CA ARG A 23 13.78 2.26 -4.64
C ARG A 23 12.78 2.34 -3.49
N CYS A 24 11.65 3.02 -3.75
CA CYS A 24 10.62 3.17 -2.73
C CYS A 24 9.29 3.54 -3.38
N SER A 25 8.19 3.14 -2.75
CA SER A 25 6.86 3.43 -3.26
C SER A 25 6.11 4.36 -2.32
N GLN A 26 5.47 5.38 -2.89
CA GLN A 26 4.71 6.34 -2.10
C GLN A 26 3.32 5.82 -1.78
N VAL A 27 2.90 5.99 -0.53
CA VAL A 27 1.59 5.52 -0.10
C VAL A 27 0.98 6.48 0.92
N LYS A 28 -0.36 6.56 0.92
CA LYS A 28 -1.06 7.44 1.83
C LYS A 28 -1.24 6.79 3.21
N LEU A 29 -0.66 7.42 4.23
CA LEU A 29 -0.75 6.89 5.59
C LEU A 29 -2.10 7.24 6.22
N GLY A 30 -2.85 6.21 6.61
CA GLY A 30 -4.15 6.43 7.23
C GLY A 30 -5.28 6.33 6.23
N SER A 31 -4.99 5.79 5.05
CA SER A 31 -5.99 5.64 4.01
C SER A 31 -5.81 4.33 3.25
N ALA A 32 -6.92 3.75 2.80
CA ALA A 32 -6.87 2.49 2.06
C ALA A 32 -6.12 2.66 0.75
N ALA A 33 -5.00 1.94 0.62
CA ALA A 33 -4.20 2.01 -0.59
C ALA A 33 -4.12 0.65 -1.29
N ASP A 34 -4.22 0.66 -2.61
CA ASP A 34 -4.17 -0.57 -3.39
C ASP A 34 -2.74 -0.86 -3.85
N PHE A 35 -2.37 -2.13 -3.82
CA PHE A 35 -1.03 -2.54 -4.23
C PHE A 35 -1.09 -3.59 -5.33
N LEU A 36 -0.74 -3.20 -6.55
CA LEU A 36 -0.76 -4.11 -7.69
C LEU A 36 0.54 -4.90 -7.78
N LEU A 37 0.44 -6.20 -7.61
CA LEU A 37 1.62 -7.08 -7.67
C LEU A 37 1.40 -8.21 -8.66
N ASP A 38 2.43 -8.52 -9.44
CA ASP A 38 2.35 -9.60 -10.42
C ASP A 38 2.64 -10.95 -9.77
N ILE A 39 1.58 -11.73 -9.54
CA ILE A 39 1.72 -13.04 -8.92
C ILE A 39 0.98 -14.10 -9.73
N SER A 40 1.52 -15.31 -9.73
CA SER A 40 0.91 -16.42 -10.47
C SER A 40 -0.17 -17.10 -9.63
N GLU A 41 -0.88 -16.31 -8.83
CA GLU A 41 -1.95 -16.82 -7.97
C GLU A 41 -3.20 -15.97 -8.09
N THR A 42 -4.34 -16.62 -8.24
CA THR A 42 -5.62 -15.93 -8.37
C THR A 42 -6.54 -16.26 -7.20
N ASP A 43 -6.81 -17.54 -7.02
CA ASP A 43 -7.68 -18.00 -5.93
C ASP A 43 -7.43 -17.19 -4.66
N LEU A 44 -8.28 -16.18 -4.44
CA LEU A 44 -8.17 -15.33 -3.26
C LEU A 44 -8.27 -16.15 -1.98
N SER A 45 -9.42 -16.80 -1.79
CA SER A 45 -9.64 -17.61 -0.60
C SER A 45 -8.46 -18.54 -0.35
N SER A 46 -8.02 -19.23 -1.41
CA SER A 46 -6.90 -20.16 -1.30
C SER A 46 -5.68 -19.47 -0.70
N LEU A 47 -5.53 -18.18 -0.98
CA LEU A 47 -4.40 -17.42 -0.46
C LEU A 47 -4.78 -16.71 0.84
N THR A 48 -3.78 -16.11 1.48
CA THR A 48 -4.01 -15.40 2.73
C THR A 48 -3.36 -14.02 2.71
N ALA A 49 -3.94 -13.09 3.45
CA ALA A 49 -3.42 -11.73 3.53
C ALA A 49 -3.09 -11.34 4.96
N SER A 50 -1.82 -10.97 5.19
CA SER A 50 -1.37 -10.58 6.51
C SER A 50 -0.30 -9.50 6.43
N ILE A 51 -0.40 -8.50 7.30
CA ILE A 51 0.56 -7.41 7.32
C ILE A 51 0.94 -7.04 8.75
N LYS A 52 2.24 -6.91 9.00
CA LYS A 52 2.74 -6.55 10.31
C LYS A 52 3.66 -5.34 10.25
N ALA A 53 3.14 -4.18 10.60
CA ALA A 53 3.92 -2.95 10.58
C ALA A 53 5.31 -3.17 11.17
N PRO A 54 6.19 -2.17 11.00
CA PRO A 54 7.57 -2.24 11.51
C PRO A 54 7.62 -2.16 13.03
N SER A 55 6.52 -1.74 13.64
CA SER A 55 6.45 -1.62 15.09
C SER A 55 5.79 -2.85 15.70
N GLY A 56 5.53 -3.86 14.88
CA GLY A 56 4.91 -5.08 15.35
C GLY A 56 3.41 -4.93 15.51
N ARG A 57 2.85 -3.89 14.90
CA ARG A 57 1.41 -3.64 14.98
C ARG A 57 0.70 -4.20 13.76
N ASP A 58 -0.26 -5.08 14.00
CA ASP A 58 -1.03 -5.71 12.92
C ASP A 58 -1.90 -4.67 12.21
N GLU A 59 -2.20 -4.92 10.94
CA GLU A 59 -3.02 -4.02 10.16
C GLU A 59 -4.16 -4.76 9.47
N PRO A 60 -5.33 -4.12 9.37
CA PRO A 60 -6.51 -4.71 8.74
C PRO A 60 -6.35 -4.85 7.23
N CYS A 61 -5.75 -5.95 6.80
CA CYS A 61 -5.54 -6.20 5.38
C CYS A 61 -6.72 -6.96 4.79
N LEU A 62 -7.03 -6.67 3.53
CA LEU A 62 -8.13 -7.33 2.84
C LEU A 62 -7.79 -7.57 1.37
N LEU A 63 -7.82 -8.84 0.97
CA LEU A 63 -7.52 -9.21 -0.41
C LEU A 63 -8.76 -9.10 -1.29
N LYS A 64 -8.56 -8.68 -2.53
CA LYS A 64 -9.67 -8.53 -3.48
C LYS A 64 -9.20 -8.81 -4.90
N ARG A 65 -10.14 -8.74 -5.85
CA ARG A 65 -9.82 -8.99 -7.25
C ARG A 65 -9.84 -7.69 -8.05
N LEU A 66 -8.67 -7.31 -8.57
CA LEU A 66 -8.56 -6.07 -9.35
C LEU A 66 -8.94 -6.32 -10.81
N PRO A 67 -9.40 -5.26 -11.48
CA PRO A 67 -9.81 -5.33 -12.88
C PRO A 67 -8.64 -5.54 -13.82
N ASN A 68 -8.93 -5.72 -15.11
CA ASN A 68 -7.90 -5.93 -16.12
C ASN A 68 -7.12 -7.22 -15.82
N ASN A 69 -7.79 -8.18 -15.21
CA ASN A 69 -7.16 -9.46 -14.88
C ASN A 69 -6.01 -9.25 -13.91
N HIS A 70 -6.21 -8.39 -12.92
CA HIS A 70 -5.18 -8.10 -11.93
C HIS A 70 -5.70 -8.37 -10.53
N ILE A 71 -4.78 -8.59 -9.59
CA ILE A 71 -5.15 -8.86 -8.20
C ILE A 71 -4.13 -8.27 -7.24
N GLY A 72 -4.62 -7.62 -6.19
CA GLY A 72 -3.73 -7.01 -5.21
C GLY A 72 -4.32 -7.01 -3.81
N ILE A 73 -3.67 -6.32 -2.89
CA ILE A 73 -4.14 -6.24 -1.51
C ILE A 73 -4.67 -4.84 -1.19
N SER A 74 -5.55 -4.77 -0.21
CA SER A 74 -6.13 -3.49 0.21
C SER A 74 -6.14 -3.37 1.72
N PHE A 75 -5.28 -2.50 2.25
CA PHE A 75 -5.19 -2.29 3.70
C PHE A 75 -4.87 -0.83 4.01
N ILE A 76 -5.14 -0.43 5.24
CA ILE A 76 -4.88 0.94 5.68
C ILE A 76 -3.70 1.01 6.63
N PRO A 77 -2.53 1.43 6.11
CA PRO A 77 -1.31 1.55 6.90
C PRO A 77 -1.37 2.68 7.92
N ARG A 78 -0.95 2.39 9.14
CA ARG A 78 -0.98 3.40 10.20
C ARG A 78 0.42 3.94 10.46
N GLU A 79 1.43 3.27 9.90
CA GLU A 79 2.81 3.69 10.08
C GLU A 79 3.56 3.67 8.73
N VAL A 80 4.69 4.36 8.68
CA VAL A 80 5.49 4.43 7.48
C VAL A 80 6.83 3.72 7.66
N GLY A 81 7.29 3.06 6.60
CA GLY A 81 8.56 2.35 6.66
C GLY A 81 8.55 1.08 5.83
N GLU A 82 9.06 -0.01 6.40
CA GLU A 82 9.11 -1.28 5.70
C GLU A 82 8.03 -2.23 6.22
N HIS A 83 6.98 -2.39 5.43
CA HIS A 83 5.88 -3.27 5.80
C HIS A 83 6.00 -4.63 5.11
N LEU A 84 5.94 -5.70 5.89
CA LEU A 84 6.03 -7.06 5.35
C LEU A 84 4.67 -7.72 5.28
N VAL A 85 4.26 -8.10 4.08
CA VAL A 85 2.97 -8.75 3.88
C VAL A 85 3.13 -10.27 3.76
N SER A 86 2.59 -10.99 4.72
CA SER A 86 2.67 -12.45 4.73
C SER A 86 1.59 -13.06 3.85
N ILE A 87 2.01 -13.65 2.73
CA ILE A 87 1.07 -14.27 1.80
C ILE A 87 1.36 -15.76 1.64
N LYS A 88 0.39 -16.59 1.99
CA LYS A 88 0.54 -18.03 1.89
C LYS A 88 -0.73 -18.67 1.32
N LYS A 89 -0.65 -19.97 1.03
CA LYS A 89 -1.79 -20.69 0.48
C LYS A 89 -2.08 -21.94 1.30
N ASN A 90 -3.21 -21.92 2.01
CA ASN A 90 -3.60 -23.06 2.84
C ASN A 90 -2.54 -23.37 3.89
N GLY A 91 -1.75 -22.36 4.25
CA GLY A 91 -0.70 -22.55 5.23
C GLY A 91 0.64 -22.80 4.59
N ASN A 92 0.78 -22.46 3.32
CA ASN A 92 2.02 -22.66 2.59
C ASN A 92 2.42 -21.38 1.85
N HIS A 93 3.37 -20.65 2.40
CA HIS A 93 3.84 -19.41 1.80
C HIS A 93 3.84 -19.52 0.27
N VAL A 94 3.54 -18.40 -0.38
CA VAL A 94 3.50 -18.37 -1.84
C VAL A 94 4.68 -17.60 -2.42
N ALA A 95 4.74 -17.51 -3.73
CA ALA A 95 5.83 -16.79 -4.41
C ALA A 95 5.73 -15.29 -4.16
N ASN A 96 6.89 -14.64 -4.05
CA ASN A 96 6.94 -13.21 -3.81
C ASN A 96 6.36 -12.86 -2.43
N SER A 97 6.49 -13.81 -1.50
CA SER A 97 5.98 -13.60 -0.15
C SER A 97 7.04 -13.97 0.89
N PRO A 98 7.09 -13.20 1.98
CA PRO A 98 6.18 -12.07 2.19
C PRO A 98 6.48 -10.91 1.24
N VAL A 99 5.44 -10.19 0.85
CA VAL A 99 5.59 -9.05 -0.05
C VAL A 99 6.14 -7.83 0.70
N SER A 100 7.31 -7.37 0.26
CA SER A 100 7.95 -6.21 0.88
C SER A 100 7.39 -4.91 0.29
N ILE A 101 6.81 -4.09 1.15
CA ILE A 101 6.24 -2.81 0.72
C ILE A 101 6.80 -1.66 1.56
N MET A 102 7.05 -0.53 0.89
CA MET A 102 7.57 0.64 1.57
C MET A 102 6.50 1.71 1.72
N VAL A 103 6.16 2.04 2.97
CA VAL A 103 5.15 3.04 3.26
C VAL A 103 5.79 4.38 3.63
N VAL A 104 5.31 5.45 3.02
CA VAL A 104 5.83 6.78 3.29
C VAL A 104 4.71 7.79 3.45
N GLN A 105 5.06 9.01 3.86
CA GLN A 105 4.08 10.07 4.04
C GLN A 105 4.08 11.03 2.86
N SER A 106 2.91 11.23 2.26
CA SER A 106 2.78 12.12 1.11
C SER A 106 2.62 13.56 1.57
N GLU A 107 2.97 14.50 0.68
CA GLU A 107 2.88 15.91 0.99
C GLU A 107 1.76 16.57 0.18
N ILE A 108 0.78 17.15 0.87
CA ILE A 108 -0.34 17.81 0.22
C ILE A 108 0.10 19.12 -0.42
N GLY A 109 -0.86 19.87 -0.95
CA GLY A 109 -0.56 21.14 -1.59
C GLY A 109 -1.81 21.84 -2.09
N ASP A 110 -1.76 22.31 -3.32
CA ASP A 110 -2.89 23.02 -3.92
C ASP A 110 -4.21 22.43 -3.44
N SER A 111 -4.32 21.11 -3.51
CA SER A 111 -5.54 20.42 -3.08
C SER A 111 -5.22 19.36 -2.02
N GLY A 112 -5.86 19.48 -0.86
CA GLY A 112 -5.64 18.55 0.22
C GLY A 112 -6.85 18.40 1.12
N PRO A 113 -6.84 19.13 2.24
CA PRO A 113 -7.93 19.09 3.22
C PRO A 113 -9.21 19.75 2.69
N SER A 114 -10.29 19.64 3.46
CA SER A 114 -11.56 20.22 3.06
C SER A 114 -12.27 20.85 4.25
N SER A 115 -12.50 22.16 4.18
CA SER A 115 -13.16 22.89 5.26
C SER A 115 -14.65 23.09 4.95
N GLY A 116 -15.36 23.67 5.90
CA GLY A 116 -16.79 23.90 5.71
C GLY A 116 -17.58 23.67 6.99
N GLY A 1 18.38 29.26 4.11
CA GLY A 1 17.34 29.30 3.10
C GLY A 1 16.57 30.59 3.12
N SER A 2 15.33 30.53 2.64
CA SER A 2 14.46 31.72 2.61
C SER A 2 13.13 31.44 3.27
N SER A 3 12.79 32.23 4.28
CA SER A 3 11.54 32.07 5.00
C SER A 3 10.63 33.27 4.79
N GLY A 4 9.57 33.08 3.99
CA GLY A 4 8.65 34.16 3.73
C GLY A 4 7.22 33.80 4.09
N SER A 5 6.70 32.75 3.46
CA SER A 5 5.34 32.30 3.70
C SER A 5 5.16 30.85 3.29
N SER A 6 4.33 30.12 4.04
CA SER A 6 4.08 28.71 3.77
C SER A 6 2.58 28.43 3.70
N GLY A 7 2.19 27.55 2.80
CA GLY A 7 0.78 27.21 2.65
C GLY A 7 0.07 28.10 1.65
N ILE A 8 0.60 28.16 0.44
CA ILE A 8 0.01 28.98 -0.61
C ILE A 8 -1.50 28.76 -0.70
N PRO A 9 -2.24 29.83 -1.03
CA PRO A 9 -3.69 29.78 -1.16
C PRO A 9 -4.14 28.97 -2.37
N GLY A 10 -5.33 28.39 -2.27
CA GLY A 10 -5.86 27.59 -3.37
C GLY A 10 -5.54 26.12 -3.23
N SER A 11 -6.58 25.30 -3.19
CA SER A 11 -6.41 23.85 -3.04
C SER A 11 -7.30 23.10 -4.03
N PRO A 12 -6.69 22.15 -4.76
CA PRO A 12 -7.40 21.34 -5.75
C PRO A 12 -8.39 20.37 -5.11
N PHE A 13 -9.24 19.77 -5.93
CA PHE A 13 -10.23 18.81 -5.43
C PHE A 13 -9.96 17.41 -5.98
N THR A 14 -9.85 17.31 -7.30
CA THR A 14 -9.59 16.03 -7.96
C THR A 14 -8.11 15.85 -8.21
N ALA A 15 -7.57 14.71 -7.77
CA ALA A 15 -6.16 14.41 -7.95
C ALA A 15 -5.96 13.36 -9.06
N LYS A 16 -5.71 13.84 -10.27
CA LYS A 16 -5.50 12.95 -11.41
C LYS A 16 -4.08 13.06 -11.93
N ILE A 17 -3.66 14.29 -12.25
CA ILE A 17 -2.32 14.54 -12.76
C ILE A 17 -1.33 14.73 -11.61
N THR A 18 -0.26 13.94 -11.61
CA THR A 18 0.76 14.03 -10.59
C THR A 18 2.04 13.31 -11.01
N ASP A 19 3.17 13.74 -10.46
CA ASP A 19 4.46 13.13 -10.78
C ASP A 19 5.35 13.08 -9.54
N ASP A 20 5.62 11.87 -9.07
CA ASP A 20 6.47 11.68 -7.91
C ASP A 20 7.95 11.75 -8.28
N SER A 21 8.32 11.04 -9.34
CA SER A 21 9.70 11.02 -9.81
C SER A 21 10.63 10.54 -8.71
N ARG A 22 10.13 9.62 -7.88
CA ARG A 22 10.92 9.08 -6.78
C ARG A 22 11.13 7.58 -6.95
N ARG A 23 12.11 7.03 -6.23
CA ARG A 23 12.41 5.60 -6.30
C ARG A 23 11.50 4.81 -5.37
N CYS A 24 11.28 5.34 -4.17
CA CYS A 24 10.43 4.67 -3.19
C CYS A 24 8.96 4.83 -3.55
N SER A 25 8.17 3.80 -3.23
CA SER A 25 6.74 3.82 -3.53
C SER A 25 6.02 4.81 -2.62
N GLN A 26 5.02 5.48 -3.17
CA GLN A 26 4.24 6.46 -2.42
C GLN A 26 2.90 5.87 -1.99
N VAL A 27 2.60 5.97 -0.69
CA VAL A 27 1.35 5.45 -0.16
C VAL A 27 0.73 6.43 0.83
N LYS A 28 -0.59 6.33 1.00
CA LYS A 28 -1.30 7.21 1.93
C LYS A 28 -1.42 6.56 3.31
N LEU A 29 -0.79 7.19 4.30
CA LEU A 29 -0.82 6.68 5.66
C LEU A 29 -2.13 7.06 6.35
N GLY A 30 -2.95 6.05 6.66
CA GLY A 30 -4.21 6.30 7.31
C GLY A 30 -5.39 6.13 6.38
N SER A 31 -5.17 5.48 5.25
CA SER A 31 -6.22 5.26 4.26
C SER A 31 -5.96 3.99 3.46
N ALA A 32 -7.03 3.30 3.10
CA ALA A 32 -6.92 2.06 2.33
C ALA A 32 -6.15 2.28 1.03
N ALA A 33 -4.92 1.79 0.98
CA ALA A 33 -4.09 1.94 -0.21
C ALA A 33 -4.00 0.63 -0.98
N ASP A 34 -4.27 0.70 -2.28
CA ASP A 34 -4.22 -0.49 -3.13
C ASP A 34 -2.80 -0.72 -3.65
N PHE A 35 -2.36 -1.97 -3.61
CA PHE A 35 -1.02 -2.33 -4.07
C PHE A 35 -1.10 -3.33 -5.22
N LEU A 36 -0.50 -2.97 -6.35
CA LEU A 36 -0.49 -3.84 -7.52
C LEU A 36 0.78 -4.66 -7.58
N LEU A 37 0.63 -5.98 -7.51
CA LEU A 37 1.78 -6.89 -7.57
C LEU A 37 1.57 -7.97 -8.61
N ASP A 38 2.67 -8.56 -9.07
CA ASP A 38 2.61 -9.61 -10.07
C ASP A 38 2.82 -10.99 -9.44
N ILE A 39 1.71 -11.67 -9.18
CA ILE A 39 1.77 -13.00 -8.57
C ILE A 39 1.12 -14.05 -9.47
N SER A 40 1.63 -15.28 -9.41
CA SER A 40 1.11 -16.36 -10.23
C SER A 40 -0.01 -17.10 -9.48
N GLU A 41 -0.75 -16.36 -8.65
CA GLU A 41 -1.84 -16.95 -7.88
C GLU A 41 -3.13 -16.18 -8.11
N THR A 42 -4.15 -16.88 -8.62
CA THR A 42 -5.44 -16.26 -8.88
C THR A 42 -6.38 -16.42 -7.69
N ASP A 43 -6.45 -17.63 -7.16
CA ASP A 43 -7.31 -17.92 -6.02
C ASP A 43 -7.12 -16.87 -4.91
N LEU A 44 -8.21 -16.27 -4.48
CA LEU A 44 -8.15 -15.25 -3.44
C LEU A 44 -8.32 -15.88 -2.06
N SER A 45 -9.46 -16.54 -1.85
CA SER A 45 -9.73 -17.20 -0.57
C SER A 45 -8.65 -18.23 -0.24
N SER A 46 -8.29 -19.04 -1.23
CA SER A 46 -7.28 -20.07 -1.05
C SER A 46 -5.99 -19.47 -0.51
N LEU A 47 -5.84 -18.16 -0.66
CA LEU A 47 -4.66 -17.46 -0.18
C LEU A 47 -4.94 -16.74 1.13
N THR A 48 -3.87 -16.34 1.82
CA THR A 48 -4.00 -15.63 3.09
C THR A 48 -3.49 -14.21 2.99
N ALA A 49 -4.07 -13.31 3.79
CA ALA A 49 -3.67 -11.91 3.78
C ALA A 49 -3.35 -11.43 5.20
N SER A 50 -2.10 -11.04 5.42
CA SER A 50 -1.68 -10.56 6.74
C SER A 50 -0.57 -9.52 6.60
N ILE A 51 -0.58 -8.53 7.49
CA ILE A 51 0.41 -7.47 7.46
C ILE A 51 0.77 -7.04 8.88
N LYS A 52 2.07 -6.88 9.13
CA LYS A 52 2.55 -6.46 10.44
C LYS A 52 3.60 -5.36 10.31
N ALA A 53 3.20 -4.13 10.58
CA ALA A 53 4.10 -2.99 10.50
C ALA A 53 5.46 -3.32 11.12
N PRO A 54 6.45 -2.43 10.90
CA PRO A 54 7.80 -2.61 11.42
C PRO A 54 7.85 -2.45 12.95
N SER A 55 6.82 -1.82 13.50
CA SER A 55 6.76 -1.59 14.94
C SER A 55 5.94 -2.68 15.62
N GLY A 56 5.59 -3.71 14.86
CA GLY A 56 4.80 -4.81 15.41
C GLY A 56 3.32 -4.49 15.47
N ARG A 57 2.89 -3.54 14.66
CA ARG A 57 1.49 -3.13 14.62
C ARG A 57 0.76 -3.79 13.46
N ASP A 58 -0.28 -4.56 13.78
CA ASP A 58 -1.06 -5.25 12.76
C ASP A 58 -1.98 -4.28 12.03
N GLU A 59 -2.19 -4.54 10.74
CA GLU A 59 -3.04 -3.68 9.92
C GLU A 59 -4.13 -4.50 9.23
N PRO A 60 -5.32 -3.91 9.10
CA PRO A 60 -6.47 -4.56 8.46
C PRO A 60 -6.28 -4.72 6.96
N CYS A 61 -5.74 -5.87 6.56
CA CYS A 61 -5.51 -6.15 5.15
C CYS A 61 -6.61 -7.06 4.58
N LEU A 62 -6.97 -6.83 3.32
CA LEU A 62 -7.99 -7.62 2.67
C LEU A 62 -7.65 -7.85 1.20
N LEU A 63 -7.52 -9.12 0.82
CA LEU A 63 -7.20 -9.48 -0.57
C LEU A 63 -8.44 -9.39 -1.45
N LYS A 64 -8.28 -8.77 -2.62
CA LYS A 64 -9.38 -8.62 -3.56
C LYS A 64 -8.90 -8.81 -5.00
N ARG A 65 -9.84 -8.75 -5.94
CA ARG A 65 -9.51 -8.91 -7.35
C ARG A 65 -9.58 -7.58 -8.08
N LEU A 66 -8.46 -7.19 -8.69
CA LEU A 66 -8.40 -5.93 -9.43
C LEU A 66 -8.76 -6.13 -10.89
N PRO A 67 -9.26 -5.07 -11.54
CA PRO A 67 -9.66 -5.11 -12.95
C PRO A 67 -8.46 -5.23 -13.88
N ASN A 68 -8.73 -5.40 -15.17
CA ASN A 68 -7.68 -5.53 -16.16
C ASN A 68 -6.87 -6.80 -15.95
N ASN A 69 -7.51 -7.81 -15.35
CA ASN A 69 -6.86 -9.08 -15.09
C ASN A 69 -5.69 -8.89 -14.12
N HIS A 70 -5.93 -8.13 -13.06
CA HIS A 70 -4.91 -7.88 -12.05
C HIS A 70 -5.43 -8.14 -10.65
N ILE A 71 -4.53 -8.35 -9.70
CA ILE A 71 -4.91 -8.61 -8.32
C ILE A 71 -3.91 -7.99 -7.35
N GLY A 72 -4.42 -7.44 -6.26
CA GLY A 72 -3.57 -6.82 -5.26
C GLY A 72 -4.17 -6.88 -3.87
N ILE A 73 -3.46 -6.28 -2.90
CA ILE A 73 -3.93 -6.27 -1.52
C ILE A 73 -4.44 -4.89 -1.13
N SER A 74 -5.41 -4.86 -0.21
CA SER A 74 -5.99 -3.59 0.25
C SER A 74 -5.95 -3.51 1.77
N PHE A 75 -5.11 -2.61 2.28
CA PHE A 75 -4.97 -2.42 3.72
C PHE A 75 -4.67 -0.97 4.06
N ILE A 76 -4.92 -0.59 5.31
CA ILE A 76 -4.67 0.78 5.76
C ILE A 76 -3.41 0.85 6.60
N PRO A 77 -2.31 1.31 5.99
CA PRO A 77 -1.02 1.44 6.69
C PRO A 77 -1.03 2.57 7.71
N ARG A 78 -0.75 2.23 8.97
CA ARG A 78 -0.72 3.21 10.04
C ARG A 78 0.69 3.78 10.23
N GLU A 79 1.68 2.93 10.00
CA GLU A 79 3.08 3.35 10.15
C GLU A 79 3.78 3.39 8.80
N VAL A 80 4.81 4.23 8.70
CA VAL A 80 5.56 4.37 7.47
C VAL A 80 6.90 3.64 7.55
N GLY A 81 7.31 3.00 6.46
CA GLY A 81 8.57 2.29 6.44
C GLY A 81 8.50 1.03 5.58
N GLU A 82 9.07 -0.06 6.08
CA GLU A 82 9.08 -1.31 5.35
C GLU A 82 8.06 -2.29 5.94
N HIS A 83 6.95 -2.47 5.24
CA HIS A 83 5.90 -3.38 5.70
C HIS A 83 6.02 -4.74 5.02
N LEU A 84 5.86 -5.80 5.80
CA LEU A 84 5.96 -7.16 5.27
C LEU A 84 4.58 -7.81 5.20
N VAL A 85 4.14 -8.13 3.98
CA VAL A 85 2.84 -8.76 3.78
C VAL A 85 2.98 -10.27 3.69
N SER A 86 2.41 -10.97 4.67
CA SER A 86 2.47 -12.42 4.71
C SER A 86 1.39 -13.04 3.82
N ILE A 87 1.81 -13.62 2.71
CA ILE A 87 0.87 -14.23 1.78
C ILE A 87 1.18 -15.72 1.59
N LYS A 88 0.28 -16.57 2.04
CA LYS A 88 0.45 -18.01 1.93
C LYS A 88 -0.82 -18.67 1.38
N LYS A 89 -0.72 -19.97 1.11
CA LYS A 89 -1.86 -20.72 0.58
C LYS A 89 -2.07 -22.02 1.37
N ASN A 90 -3.16 -22.08 2.11
CA ASN A 90 -3.48 -23.26 2.91
C ASN A 90 -2.39 -23.52 3.95
N GLY A 91 -1.74 -22.45 4.39
CA GLY A 91 -0.70 -22.58 5.38
C GLY A 91 0.67 -22.80 4.77
N ASN A 92 0.79 -22.48 3.48
CA ASN A 92 2.05 -22.64 2.77
C ASN A 92 2.41 -21.38 1.98
N HIS A 93 3.34 -20.60 2.53
CA HIS A 93 3.78 -19.36 1.89
C HIS A 93 3.74 -19.51 0.37
N VAL A 94 3.38 -18.42 -0.31
CA VAL A 94 3.31 -18.42 -1.77
C VAL A 94 4.55 -17.77 -2.38
N ALA A 95 4.61 -17.75 -3.70
CA ALA A 95 5.74 -17.15 -4.41
C ALA A 95 5.72 -15.63 -4.28
N ASN A 96 6.90 -15.05 -4.09
CA ASN A 96 7.02 -13.60 -3.94
C ASN A 96 6.41 -13.13 -2.63
N SER A 97 6.41 -14.00 -1.63
CA SER A 97 5.85 -13.67 -0.32
C SER A 97 6.85 -13.97 0.79
N PRO A 98 6.81 -13.16 1.86
CA PRO A 98 5.87 -12.04 1.96
C PRO A 98 6.19 -10.92 0.99
N VAL A 99 5.20 -10.08 0.70
CA VAL A 99 5.38 -8.96 -0.23
C VAL A 99 5.95 -7.74 0.50
N SER A 100 7.09 -7.26 0.03
CA SER A 100 7.74 -6.10 0.64
C SER A 100 7.16 -4.81 0.08
N ILE A 101 6.57 -4.00 0.95
CA ILE A 101 5.98 -2.73 0.56
C ILE A 101 6.61 -1.56 1.31
N MET A 102 6.75 -0.43 0.63
CA MET A 102 7.32 0.76 1.25
C MET A 102 6.26 1.82 1.51
N VAL A 103 6.07 2.16 2.78
CA VAL A 103 5.07 3.15 3.17
C VAL A 103 5.74 4.47 3.54
N VAL A 104 5.16 5.57 3.07
CA VAL A 104 5.69 6.90 3.35
C VAL A 104 4.57 7.89 3.63
N GLN A 105 4.89 8.93 4.41
CA GLN A 105 3.90 9.95 4.76
C GLN A 105 3.69 10.92 3.60
N SER A 106 2.47 11.01 3.13
CA SER A 106 2.13 11.89 2.01
C SER A 106 2.29 13.35 2.43
N GLU A 107 2.64 14.20 1.46
CA GLU A 107 2.83 15.62 1.72
C GLU A 107 1.99 16.46 0.76
N ILE A 108 1.38 17.51 1.29
CA ILE A 108 0.54 18.40 0.47
C ILE A 108 1.30 19.67 0.11
N GLY A 109 1.38 19.96 -1.19
CA GLY A 109 2.07 21.15 -1.64
C GLY A 109 2.72 20.96 -3.00
N ASP A 110 1.91 20.72 -4.01
CA ASP A 110 2.41 20.51 -5.37
C ASP A 110 2.25 21.79 -6.20
N SER A 111 3.38 22.44 -6.49
CA SER A 111 3.36 23.67 -7.28
C SER A 111 2.94 23.39 -8.72
N GLY A 112 2.03 24.20 -9.22
CA GLY A 112 1.55 24.02 -10.59
C GLY A 112 0.55 25.08 -11.00
N PRO A 113 1.04 26.33 -11.18
CA PRO A 113 0.19 27.46 -11.57
C PRO A 113 -0.29 27.34 -13.01
N SER A 114 0.54 26.77 -13.87
CA SER A 114 0.19 26.59 -15.27
C SER A 114 -1.08 25.77 -15.43
N SER A 115 -2.03 26.30 -16.19
CA SER A 115 -3.30 25.62 -16.40
C SER A 115 -3.73 24.86 -15.16
N GLY A 116 -3.68 25.54 -14.02
CA GLY A 116 -4.07 24.92 -12.76
C GLY A 116 -5.54 25.12 -12.46
N GLY A 1 -16.43 -4.05 20.54
CA GLY A 1 -16.82 -4.69 19.30
C GLY A 1 -17.32 -3.71 18.26
N SER A 2 -17.66 -4.21 17.09
CA SER A 2 -18.15 -3.37 16.00
C SER A 2 -17.17 -2.23 15.72
N SER A 3 -15.87 -2.55 15.73
CA SER A 3 -14.84 -1.57 15.48
C SER A 3 -14.39 -1.60 14.02
N GLY A 4 -14.17 -0.42 13.45
CA GLY A 4 -13.74 -0.34 12.06
C GLY A 4 -13.98 1.04 11.47
N SER A 5 -13.67 2.08 12.22
CA SER A 5 -13.86 3.45 11.77
C SER A 5 -13.31 3.63 10.36
N SER A 6 -14.00 4.44 9.56
CA SER A 6 -13.59 4.69 8.19
C SER A 6 -12.88 6.04 8.08
N GLY A 7 -13.55 7.10 8.54
CA GLY A 7 -12.96 8.42 8.48
C GLY A 7 -13.41 9.20 7.26
N ILE A 8 -13.20 10.51 7.28
CA ILE A 8 -13.59 11.36 6.16
C ILE A 8 -13.18 10.74 4.83
N PRO A 9 -14.01 10.97 3.80
CA PRO A 9 -13.76 10.44 2.46
C PRO A 9 -12.58 11.13 1.78
N GLY A 10 -11.37 10.64 2.05
CA GLY A 10 -10.19 11.21 1.45
C GLY A 10 -10.08 10.92 -0.02
N SER A 11 -9.87 11.95 -0.82
CA SER A 11 -9.75 11.80 -2.27
C SER A 11 -8.30 11.97 -2.71
N PRO A 12 -7.55 10.85 -2.72
CA PRO A 12 -6.14 10.86 -3.12
C PRO A 12 -5.96 11.08 -4.61
N PHE A 13 -7.08 11.15 -5.34
CA PHE A 13 -7.05 11.38 -6.77
C PHE A 13 -6.51 12.77 -7.10
N THR A 14 -5.38 12.81 -7.79
CA THR A 14 -4.76 14.08 -8.16
C THR A 14 -4.22 14.03 -9.58
N ALA A 15 -3.84 15.19 -10.11
CA ALA A 15 -3.30 15.27 -11.46
C ALA A 15 -1.85 15.76 -11.44
N LYS A 16 -0.95 14.96 -12.01
CA LYS A 16 0.46 15.30 -12.05
C LYS A 16 1.06 14.96 -13.41
N ILE A 17 1.61 15.96 -14.09
CA ILE A 17 2.21 15.77 -15.40
C ILE A 17 3.67 15.35 -15.27
N THR A 18 3.94 14.44 -14.33
CA THR A 18 5.30 13.95 -14.11
C THR A 18 5.29 12.64 -13.32
N ASP A 19 6.16 11.72 -13.70
CA ASP A 19 6.25 10.44 -13.02
C ASP A 19 7.68 9.92 -13.04
N ASP A 20 8.24 9.71 -11.85
CA ASP A 20 9.62 9.21 -11.72
C ASP A 20 9.66 7.70 -11.95
N SER A 21 10.80 7.22 -12.43
CA SER A 21 10.98 5.80 -12.68
C SER A 21 11.50 5.08 -11.45
N ARG A 22 10.96 5.44 -10.30
CA ARG A 22 11.36 4.82 -9.03
C ARG A 22 10.47 3.64 -8.69
N ARG A 23 10.90 2.85 -7.71
CA ARG A 23 10.14 1.67 -7.29
C ARG A 23 9.33 1.98 -6.04
N CYS A 24 9.98 2.58 -5.04
CA CYS A 24 9.32 2.93 -3.79
C CYS A 24 7.89 3.43 -4.05
N SER A 25 6.91 2.63 -3.63
CA SER A 25 5.51 2.98 -3.82
C SER A 25 5.03 3.93 -2.71
N GLN A 26 4.44 5.05 -3.12
CA GLN A 26 3.95 6.03 -2.18
C GLN A 26 2.53 5.71 -1.74
N VAL A 27 2.25 5.85 -0.45
CA VAL A 27 0.93 5.58 0.09
C VAL A 27 0.51 6.65 1.09
N LYS A 28 -0.77 6.64 1.46
CA LYS A 28 -1.31 7.61 2.40
C LYS A 28 -1.54 6.97 3.77
N LEU A 29 -0.85 7.49 4.78
CA LEU A 29 -0.98 6.96 6.14
C LEU A 29 -2.35 7.31 6.71
N GLY A 30 -3.17 6.28 6.93
CA GLY A 30 -4.50 6.48 7.48
C GLY A 30 -5.60 6.26 6.46
N SER A 31 -5.21 5.78 5.28
CA SER A 31 -6.17 5.52 4.21
C SER A 31 -5.84 4.22 3.49
N ALA A 32 -6.87 3.39 3.28
CA ALA A 32 -6.70 2.11 2.60
C ALA A 32 -6.17 2.31 1.18
N ALA A 33 -4.98 1.78 0.93
CA ALA A 33 -4.36 1.90 -0.39
C ALA A 33 -4.22 0.53 -1.05
N ASP A 34 -4.16 0.53 -2.38
CA ASP A 34 -4.03 -0.71 -3.14
C ASP A 34 -2.57 -0.96 -3.52
N PHE A 35 -2.22 -2.23 -3.68
CA PHE A 35 -0.86 -2.60 -4.05
C PHE A 35 -0.86 -3.63 -5.18
N LEU A 36 -0.33 -3.22 -6.34
CA LEU A 36 -0.27 -4.10 -7.50
C LEU A 36 0.99 -4.96 -7.46
N LEU A 37 0.80 -6.27 -7.40
CA LEU A 37 1.92 -7.21 -7.37
C LEU A 37 1.71 -8.35 -8.35
N ASP A 38 2.75 -8.69 -9.10
CA ASP A 38 2.69 -9.76 -10.08
C ASP A 38 2.87 -11.13 -9.40
N ILE A 39 1.77 -11.84 -9.21
CA ILE A 39 1.82 -13.16 -8.58
C ILE A 39 1.03 -14.18 -9.40
N SER A 40 1.57 -15.39 -9.48
CA SER A 40 0.92 -16.46 -10.24
C SER A 40 -0.20 -17.10 -9.42
N GLU A 41 -1.04 -16.25 -8.82
CA GLU A 41 -2.14 -16.75 -8.01
C GLU A 41 -3.43 -15.98 -8.34
N THR A 42 -4.40 -16.70 -8.90
CA THR A 42 -5.68 -16.10 -9.26
C THR A 42 -6.70 -16.26 -8.13
N ASP A 43 -6.54 -17.31 -7.33
CA ASP A 43 -7.45 -17.57 -6.23
C ASP A 43 -7.16 -16.64 -5.05
N LEU A 44 -8.22 -16.17 -4.40
CA LEU A 44 -8.08 -15.28 -3.26
C LEU A 44 -8.28 -16.02 -1.95
N SER A 45 -9.45 -16.63 -1.80
CA SER A 45 -9.78 -17.38 -0.59
C SER A 45 -8.69 -18.39 -0.27
N SER A 46 -8.23 -19.10 -1.30
CA SER A 46 -7.19 -20.10 -1.13
C SER A 46 -5.93 -19.48 -0.54
N LEU A 47 -5.75 -18.19 -0.76
CA LEU A 47 -4.58 -17.47 -0.26
C LEU A 47 -4.87 -16.84 1.10
N THR A 48 -3.83 -16.35 1.75
CA THR A 48 -3.97 -15.71 3.06
C THR A 48 -3.53 -14.26 3.03
N ALA A 49 -4.12 -13.44 3.89
CA ALA A 49 -3.78 -12.02 3.96
C ALA A 49 -3.40 -11.62 5.37
N SER A 50 -2.15 -11.19 5.55
CA SER A 50 -1.66 -10.77 6.86
C SER A 50 -0.59 -9.70 6.71
N ILE A 51 -0.72 -8.63 7.49
CA ILE A 51 0.23 -7.53 7.45
C ILE A 51 0.50 -6.99 8.86
N LYS A 52 1.69 -6.44 9.05
CA LYS A 52 2.07 -5.87 10.35
C LYS A 52 3.21 -4.88 10.19
N ALA A 53 2.97 -3.64 10.61
CA ALA A 53 3.98 -2.59 10.52
C ALA A 53 5.32 -3.08 11.06
N PRO A 54 6.38 -2.29 10.81
CA PRO A 54 7.74 -2.63 11.27
C PRO A 54 7.88 -2.51 12.79
N SER A 55 6.92 -1.84 13.42
CA SER A 55 6.95 -1.66 14.87
C SER A 55 6.26 -2.82 15.57
N GLY A 56 5.74 -3.76 14.79
CA GLY A 56 5.05 -4.91 15.36
C GLY A 56 3.56 -4.67 15.53
N ARG A 57 3.04 -3.70 14.79
CA ARG A 57 1.62 -3.38 14.88
C ARG A 57 0.86 -3.91 13.67
N ASP A 58 0.02 -4.91 13.90
CA ASP A 58 -0.77 -5.52 12.83
C ASP A 58 -1.55 -4.47 12.06
N GLU A 59 -1.98 -4.82 10.85
CA GLU A 59 -2.74 -3.90 10.02
C GLU A 59 -3.85 -4.64 9.27
N PRO A 60 -4.99 -3.95 9.10
CA PRO A 60 -6.15 -4.53 8.40
C PRO A 60 -5.91 -4.68 6.90
N CYS A 61 -5.57 -5.89 6.49
CA CYS A 61 -5.30 -6.18 5.08
C CYS A 61 -6.43 -7.01 4.47
N LEU A 62 -6.83 -6.67 3.26
CA LEU A 62 -7.90 -7.38 2.56
C LEU A 62 -7.53 -7.63 1.11
N LEU A 63 -7.47 -8.90 0.72
CA LEU A 63 -7.13 -9.28 -0.64
C LEU A 63 -8.35 -9.15 -1.56
N LYS A 64 -8.16 -8.49 -2.69
CA LYS A 64 -9.24 -8.29 -3.66
C LYS A 64 -8.73 -8.50 -5.08
N ARG A 65 -9.67 -8.63 -6.01
CA ARG A 65 -9.32 -8.83 -7.41
C ARG A 65 -9.26 -7.50 -8.16
N LEU A 66 -8.20 -7.32 -8.94
CA LEU A 66 -8.02 -6.08 -9.70
C LEU A 66 -8.31 -6.32 -11.18
N PRO A 67 -8.70 -5.24 -11.88
CA PRO A 67 -9.02 -5.31 -13.31
C PRO A 67 -7.77 -5.53 -14.17
N ASN A 68 -7.99 -5.74 -15.47
CA ASN A 68 -6.88 -5.98 -16.39
C ASN A 68 -6.11 -7.24 -16.00
N ASN A 69 -6.84 -8.28 -15.62
CA ASN A 69 -6.22 -9.54 -15.22
C ASN A 69 -5.10 -9.31 -14.21
N HIS A 70 -5.40 -8.54 -13.17
CA HIS A 70 -4.43 -8.23 -12.13
C HIS A 70 -5.03 -8.43 -10.74
N ILE A 71 -4.17 -8.52 -9.74
CA ILE A 71 -4.62 -8.72 -8.36
C ILE A 71 -3.71 -7.97 -7.38
N GLY A 72 -4.32 -7.40 -6.34
CA GLY A 72 -3.56 -6.67 -5.35
C GLY A 72 -4.21 -6.69 -3.98
N ILE A 73 -3.49 -6.23 -2.97
CA ILE A 73 -4.00 -6.21 -1.61
C ILE A 73 -4.36 -4.78 -1.20
N SER A 74 -5.29 -4.68 -0.24
CA SER A 74 -5.74 -3.37 0.24
C SER A 74 -5.72 -3.34 1.77
N PHE A 75 -4.98 -2.38 2.33
CA PHE A 75 -4.88 -2.23 3.77
C PHE A 75 -4.57 -0.79 4.15
N ILE A 76 -4.87 -0.44 5.40
CA ILE A 76 -4.63 0.91 5.89
C ILE A 76 -3.38 0.97 6.76
N PRO A 77 -2.27 1.44 6.17
CA PRO A 77 -0.99 1.56 6.88
C PRO A 77 -1.01 2.66 7.95
N ARG A 78 -0.73 2.27 9.18
CA ARG A 78 -0.71 3.22 10.29
C ARG A 78 0.66 3.88 10.43
N GLU A 79 1.69 3.15 10.05
CA GLU A 79 3.06 3.66 10.13
C GLU A 79 3.72 3.69 8.75
N VAL A 80 4.90 4.30 8.68
CA VAL A 80 5.62 4.40 7.42
C VAL A 80 6.94 3.63 7.50
N GLY A 81 7.30 2.99 6.39
CA GLY A 81 8.54 2.23 6.35
C GLY A 81 8.44 0.99 5.47
N GLU A 82 9.07 -0.09 5.89
CA GLU A 82 9.05 -1.34 5.14
C GLU A 82 8.09 -2.34 5.78
N HIS A 83 6.93 -2.50 5.16
CA HIS A 83 5.92 -3.43 5.66
C HIS A 83 6.07 -4.80 5.02
N LEU A 84 5.78 -5.84 5.78
CA LEU A 84 5.88 -7.22 5.29
C LEU A 84 4.51 -7.88 5.22
N VAL A 85 4.07 -8.21 4.01
CA VAL A 85 2.78 -8.86 3.82
C VAL A 85 2.93 -10.37 3.71
N SER A 86 2.41 -11.08 4.71
CA SER A 86 2.48 -12.53 4.73
C SER A 86 1.35 -13.15 3.91
N ILE A 87 1.70 -13.69 2.75
CA ILE A 87 0.72 -14.31 1.87
C ILE A 87 1.03 -15.79 1.65
N LYS A 88 0.15 -16.65 2.14
CA LYS A 88 0.34 -18.09 2.00
C LYS A 88 -0.94 -18.75 1.47
N LYS A 89 -0.85 -20.04 1.16
CA LYS A 89 -1.99 -20.78 0.66
C LYS A 89 -2.23 -22.05 1.49
N ASN A 90 -3.26 -22.01 2.33
CA ASN A 90 -3.60 -23.15 3.17
C ASN A 90 -2.44 -23.48 4.11
N GLY A 91 -1.65 -22.48 4.45
CA GLY A 91 -0.52 -22.69 5.34
C GLY A 91 0.78 -22.91 4.59
N ASN A 92 0.80 -22.52 3.31
CA ASN A 92 1.99 -22.67 2.49
C ASN A 92 2.31 -21.38 1.75
N HIS A 93 3.31 -20.66 2.25
CA HIS A 93 3.72 -19.39 1.65
C HIS A 93 3.67 -19.48 0.13
N VAL A 94 3.28 -18.37 -0.50
CA VAL A 94 3.18 -18.32 -1.96
C VAL A 94 4.37 -17.58 -2.56
N ALA A 95 4.37 -17.44 -3.89
CA ALA A 95 5.45 -16.74 -4.58
C ALA A 95 5.40 -15.24 -4.33
N ASN A 96 6.57 -14.62 -4.28
CA ASN A 96 6.65 -13.18 -4.04
C ASN A 96 6.11 -12.84 -2.66
N SER A 97 6.20 -13.78 -1.73
CA SER A 97 5.71 -13.58 -0.38
C SER A 97 6.78 -13.96 0.64
N PRO A 98 6.83 -13.20 1.75
CA PRO A 98 5.92 -12.07 1.99
C PRO A 98 6.21 -10.90 1.06
N VAL A 99 5.15 -10.20 0.66
CA VAL A 99 5.29 -9.05 -0.23
C VAL A 99 5.79 -7.82 0.52
N SER A 100 6.88 -7.25 0.05
CA SER A 100 7.46 -6.07 0.68
C SER A 100 6.83 -4.79 0.14
N ILE A 101 6.43 -3.91 1.04
CA ILE A 101 5.81 -2.65 0.64
C ILE A 101 6.51 -1.46 1.33
N MET A 102 6.57 -0.33 0.61
CA MET A 102 7.19 0.86 1.15
C MET A 102 6.15 1.95 1.43
N VAL A 103 6.04 2.36 2.68
CA VAL A 103 5.09 3.38 3.07
C VAL A 103 5.80 4.66 3.49
N VAL A 104 5.35 5.79 2.95
CA VAL A 104 5.94 7.09 3.27
C VAL A 104 4.86 8.14 3.50
N GLN A 105 5.12 9.04 4.45
CA GLN A 105 4.18 10.10 4.76
C GLN A 105 4.05 11.08 3.60
N SER A 106 3.15 10.77 2.67
CA SER A 106 2.93 11.63 1.50
C SER A 106 1.79 12.62 1.76
N GLU A 107 2.13 13.75 2.37
CA GLU A 107 1.14 14.78 2.67
C GLU A 107 1.15 15.87 1.61
N ILE A 108 0.02 16.02 0.92
CA ILE A 108 -0.10 17.03 -0.13
C ILE A 108 -0.65 18.34 0.44
N GLY A 109 -1.79 18.26 1.12
CA GLY A 109 -2.40 19.44 1.69
C GLY A 109 -3.91 19.46 1.51
N ASP A 110 -4.57 18.37 1.89
CA ASP A 110 -6.02 18.27 1.76
C ASP A 110 -6.71 19.22 2.73
N SER A 111 -7.38 20.23 2.18
CA SER A 111 -8.09 21.22 3.00
C SER A 111 -9.57 21.26 2.63
N GLY A 112 -10.41 20.74 3.53
CA GLY A 112 -11.84 20.73 3.28
C GLY A 112 -12.64 20.69 4.56
N PRO A 113 -13.95 20.96 4.45
CA PRO A 113 -14.86 20.95 5.60
C PRO A 113 -15.10 19.56 6.15
N SER A 114 -15.53 19.49 7.40
CA SER A 114 -15.80 18.21 8.05
C SER A 114 -17.29 17.94 8.16
N SER A 115 -18.07 18.72 7.42
CA SER A 115 -19.53 18.57 7.42
C SER A 115 -20.16 19.37 6.29
N GLY A 116 -20.63 18.67 5.27
CA GLY A 116 -21.26 19.33 4.14
C GLY A 116 -22.68 19.75 4.43
N GLY A 1 16.96 20.79 10.69
CA GLY A 1 15.61 21.31 10.79
C GLY A 1 14.75 20.93 9.59
N SER A 2 13.58 21.54 9.48
CA SER A 2 12.67 21.26 8.39
C SER A 2 12.64 22.42 7.39
N SER A 3 12.70 22.08 6.11
CA SER A 3 12.69 23.09 5.05
C SER A 3 11.40 23.90 5.10
N GLY A 4 10.28 23.21 5.20
CA GLY A 4 8.99 23.89 5.25
C GLY A 4 8.20 23.72 3.97
N SER A 5 7.65 22.52 3.76
CA SER A 5 6.86 22.24 2.57
C SER A 5 5.39 22.10 2.91
N SER A 6 4.69 23.23 3.01
CA SER A 6 3.27 23.24 3.33
C SER A 6 2.59 24.46 2.72
N GLY A 7 1.28 24.37 2.55
CA GLY A 7 0.51 25.47 1.98
C GLY A 7 -0.97 25.18 1.93
N ILE A 8 -1.72 26.12 1.37
CA ILE A 8 -3.17 25.96 1.25
C ILE A 8 -3.54 24.56 0.77
N PRO A 9 -4.64 24.02 1.32
CA PRO A 9 -5.13 22.68 0.96
C PRO A 9 -5.67 22.63 -0.46
N GLY A 10 -5.03 21.83 -1.31
CA GLY A 10 -5.47 21.70 -2.68
C GLY A 10 -5.19 20.32 -3.25
N SER A 11 -3.94 20.06 -3.59
CA SER A 11 -3.54 18.78 -4.15
C SER A 11 -2.04 18.57 -4.04
N PRO A 12 -1.62 17.31 -3.88
CA PRO A 12 -0.21 16.95 -3.76
C PRO A 12 0.56 17.13 -5.07
N PHE A 13 -0.17 17.15 -6.18
CA PHE A 13 0.44 17.32 -7.49
C PHE A 13 -0.29 18.40 -8.29
N THR A 14 0.48 19.22 -9.00
CA THR A 14 -0.08 20.30 -9.80
C THR A 14 -0.38 19.83 -11.22
N ALA A 15 0.60 19.15 -11.83
CA ALA A 15 0.44 18.65 -13.19
C ALA A 15 1.54 17.65 -13.52
N LYS A 16 1.14 16.43 -13.86
CA LYS A 16 2.09 15.38 -14.20
C LYS A 16 2.20 15.22 -15.72
N ILE A 17 3.43 15.13 -16.22
CA ILE A 17 3.67 14.97 -17.65
C ILE A 17 4.13 13.55 -17.98
N THR A 18 4.95 12.98 -17.10
CA THR A 18 5.46 11.63 -17.30
C THR A 18 5.62 10.90 -15.97
N ASP A 19 4.95 9.76 -15.84
CA ASP A 19 5.02 8.96 -14.63
C ASP A 19 6.45 8.54 -14.34
N ASP A 20 6.99 9.03 -13.23
CA ASP A 20 8.35 8.69 -12.83
C ASP A 20 8.64 7.21 -13.07
N SER A 21 9.93 6.87 -13.11
CA SER A 21 10.34 5.49 -13.34
C SER A 21 11.00 4.91 -12.08
N ARG A 22 10.41 5.20 -10.93
CA ARG A 22 10.93 4.70 -9.66
C ARG A 22 10.15 3.49 -9.19
N ARG A 23 10.62 2.87 -8.12
CA ARG A 23 9.97 1.69 -7.56
C ARG A 23 9.14 2.06 -6.34
N CYS A 24 9.76 2.78 -5.40
CA CYS A 24 9.08 3.20 -4.18
C CYS A 24 7.65 3.64 -4.48
N SER A 25 6.68 2.89 -3.95
CA SER A 25 5.28 3.19 -4.16
C SER A 25 4.72 4.03 -3.01
N GLN A 26 4.59 5.33 -3.24
CA GLN A 26 4.07 6.24 -2.22
C GLN A 26 2.62 5.90 -1.87
N VAL A 27 2.32 5.87 -0.58
CA VAL A 27 0.97 5.56 -0.12
C VAL A 27 0.48 6.60 0.88
N LYS A 28 -0.83 6.64 1.10
CA LYS A 28 -1.43 7.58 2.03
C LYS A 28 -1.64 6.94 3.40
N LEU A 29 -0.81 7.31 4.36
CA LEU A 29 -0.91 6.77 5.71
C LEU A 29 -2.28 7.07 6.31
N GLY A 30 -2.83 6.09 7.02
CA GLY A 30 -4.13 6.27 7.64
C GLY A 30 -5.26 6.30 6.63
N SER A 31 -5.01 5.73 5.46
CA SER A 31 -6.01 5.69 4.40
C SER A 31 -5.86 4.43 3.55
N ALA A 32 -6.97 3.70 3.39
CA ALA A 32 -6.96 2.48 2.61
C ALA A 32 -6.40 2.72 1.21
N ALA A 33 -5.46 1.88 0.79
CA ALA A 33 -4.85 2.01 -0.52
C ALA A 33 -4.63 0.64 -1.16
N ASP A 34 -4.74 0.58 -2.49
CA ASP A 34 -4.54 -0.67 -3.22
C ASP A 34 -3.06 -0.96 -3.41
N PHE A 35 -2.73 -2.25 -3.49
CA PHE A 35 -1.34 -2.67 -3.67
C PHE A 35 -1.24 -3.76 -4.73
N LEU A 36 -0.62 -3.42 -5.86
CA LEU A 36 -0.46 -4.39 -6.95
C LEU A 36 0.83 -5.18 -6.79
N LEU A 37 0.71 -6.50 -6.77
CA LEU A 37 1.86 -7.37 -6.63
C LEU A 37 1.85 -8.48 -7.67
N ASP A 38 3.02 -8.78 -8.24
CA ASP A 38 3.13 -9.83 -9.24
C ASP A 38 3.19 -11.20 -8.60
N ILE A 39 2.06 -11.90 -8.58
CA ILE A 39 1.98 -13.23 -7.98
C ILE A 39 1.43 -14.24 -8.98
N SER A 40 2.03 -15.42 -9.02
CA SER A 40 1.59 -16.47 -9.92
C SER A 40 0.43 -17.27 -9.31
N GLU A 41 -0.46 -16.57 -8.61
CA GLU A 41 -1.60 -17.20 -7.98
C GLU A 41 -2.89 -16.41 -8.27
N THR A 42 -3.88 -17.11 -8.83
CA THR A 42 -5.15 -16.48 -9.16
C THR A 42 -6.13 -16.58 -8.00
N ASP A 43 -6.52 -17.81 -7.67
CA ASP A 43 -7.46 -18.05 -6.58
C ASP A 43 -7.23 -17.05 -5.45
N LEU A 44 -8.29 -16.36 -5.05
CA LEU A 44 -8.20 -15.37 -3.98
C LEU A 44 -8.33 -16.04 -2.61
N SER A 45 -9.47 -16.69 -2.38
CA SER A 45 -9.72 -17.37 -1.11
C SER A 45 -8.59 -18.34 -0.79
N SER A 46 -8.16 -19.08 -1.80
CA SER A 46 -7.08 -20.06 -1.63
C SER A 46 -5.83 -19.39 -1.06
N LEU A 47 -5.72 -18.09 -1.27
CA LEU A 47 -4.57 -17.33 -0.79
C LEU A 47 -4.91 -16.59 0.50
N THR A 48 -3.89 -16.09 1.18
CA THR A 48 -4.09 -15.35 2.43
C THR A 48 -3.41 -13.99 2.38
N ALA A 49 -3.84 -13.09 3.26
CA ALA A 49 -3.29 -11.75 3.30
C ALA A 49 -3.02 -11.32 4.75
N SER A 50 -1.77 -10.93 5.02
CA SER A 50 -1.38 -10.50 6.36
C SER A 50 -0.26 -9.48 6.30
N ILE A 51 -0.39 -8.41 7.08
CA ILE A 51 0.61 -7.35 7.12
C ILE A 51 0.80 -6.81 8.53
N LYS A 52 2.03 -6.52 8.89
CA LYS A 52 2.34 -6.00 10.22
C LYS A 52 3.42 -4.90 10.13
N ALA A 53 3.03 -3.68 10.47
CA ALA A 53 3.96 -2.56 10.43
C ALA A 53 5.30 -2.93 11.06
N PRO A 54 6.30 -2.06 10.89
CA PRO A 54 7.64 -2.27 11.43
C PRO A 54 7.68 -2.17 12.96
N SER A 55 6.64 -1.59 13.53
CA SER A 55 6.55 -1.42 14.97
C SER A 55 5.83 -2.60 15.61
N GLY A 56 5.47 -3.58 14.78
CA GLY A 56 4.78 -4.76 15.28
C GLY A 56 3.28 -4.57 15.33
N ARG A 57 2.80 -3.47 14.75
CA ARG A 57 1.38 -3.18 14.73
C ARG A 57 0.71 -3.79 13.50
N ASP A 58 -0.12 -4.81 13.71
CA ASP A 58 -0.82 -5.47 12.63
C ASP A 58 -1.79 -4.53 11.95
N GLU A 59 -1.89 -4.64 10.63
CA GLU A 59 -2.80 -3.79 9.86
C GLU A 59 -3.90 -4.61 9.21
N PRO A 60 -5.12 -4.05 9.17
CA PRO A 60 -6.28 -4.71 8.58
C PRO A 60 -6.18 -4.83 7.07
N CYS A 61 -5.66 -5.95 6.60
CA CYS A 61 -5.51 -6.18 5.16
C CYS A 61 -6.58 -7.15 4.64
N LEU A 62 -6.98 -6.97 3.40
CA LEU A 62 -7.99 -7.82 2.79
C LEU A 62 -7.69 -8.06 1.31
N LEU A 63 -7.67 -9.32 0.91
CA LEU A 63 -7.40 -9.67 -0.49
C LEU A 63 -8.63 -9.45 -1.36
N LYS A 64 -8.43 -8.84 -2.52
CA LYS A 64 -9.52 -8.57 -3.45
C LYS A 64 -9.08 -8.79 -4.89
N ARG A 65 -10.02 -8.66 -5.82
CA ARG A 65 -9.73 -8.83 -7.24
C ARG A 65 -9.73 -7.49 -7.96
N LEU A 66 -8.59 -7.14 -8.56
CA LEU A 66 -8.47 -5.89 -9.29
C LEU A 66 -8.85 -6.06 -10.76
N PRO A 67 -9.29 -4.97 -11.40
CA PRO A 67 -9.68 -4.98 -12.81
C PRO A 67 -8.49 -5.16 -13.74
N ASN A 68 -8.74 -5.10 -15.04
CA ASN A 68 -7.69 -5.26 -16.04
C ASN A 68 -6.93 -6.56 -15.82
N ASN A 69 -7.61 -7.55 -15.26
CA ASN A 69 -7.00 -8.85 -15.00
C ASN A 69 -5.83 -8.73 -14.03
N HIS A 70 -6.08 -8.07 -12.90
CA HIS A 70 -5.05 -7.89 -11.89
C HIS A 70 -5.61 -8.16 -10.48
N ILE A 71 -4.71 -8.41 -9.54
CA ILE A 71 -5.11 -8.69 -8.16
C ILE A 71 -4.09 -8.13 -7.17
N GLY A 72 -4.59 -7.51 -6.11
CA GLY A 72 -3.71 -6.93 -5.11
C GLY A 72 -4.29 -7.03 -3.71
N ILE A 73 -3.70 -6.31 -2.78
CA ILE A 73 -4.15 -6.33 -1.39
C ILE A 73 -4.64 -4.94 -0.96
N SER A 74 -5.64 -4.92 -0.09
CA SER A 74 -6.20 -3.66 0.41
C SER A 74 -6.09 -3.58 1.92
N PHE A 75 -5.30 -2.62 2.40
CA PHE A 75 -5.10 -2.44 3.84
C PHE A 75 -4.82 -0.97 4.16
N ILE A 76 -4.91 -0.62 5.44
CA ILE A 76 -4.67 0.74 5.89
C ILE A 76 -3.43 0.83 6.75
N PRO A 77 -2.34 1.39 6.19
CA PRO A 77 -1.07 1.55 6.90
C PRO A 77 -1.15 2.58 8.01
N ARG A 78 -0.66 2.22 9.19
CA ARG A 78 -0.67 3.12 10.34
C ARG A 78 0.66 3.84 10.49
N GLU A 79 1.73 3.19 10.03
CA GLU A 79 3.06 3.76 10.11
C GLU A 79 3.74 3.77 8.74
N VAL A 80 4.98 4.27 8.70
CA VAL A 80 5.73 4.33 7.45
C VAL A 80 7.06 3.61 7.58
N GLY A 81 7.52 3.02 6.49
CA GLY A 81 8.78 2.31 6.49
C GLY A 81 8.76 1.06 5.64
N GLU A 82 9.29 -0.04 6.17
CA GLU A 82 9.32 -1.30 5.45
C GLU A 82 8.26 -2.27 6.00
N HIS A 83 7.17 -2.43 5.24
CA HIS A 83 6.09 -3.31 5.65
C HIS A 83 6.22 -4.67 4.96
N LEU A 84 5.94 -5.73 5.71
CA LEU A 84 6.03 -7.09 5.18
C LEU A 84 4.64 -7.72 5.08
N VAL A 85 4.32 -8.26 3.92
CA VAL A 85 3.04 -8.90 3.69
C VAL A 85 3.18 -10.42 3.60
N SER A 86 2.64 -11.12 4.60
CA SER A 86 2.71 -12.58 4.64
C SER A 86 1.62 -13.20 3.78
N ILE A 87 1.99 -13.69 2.60
CA ILE A 87 1.04 -14.30 1.69
C ILE A 87 1.27 -15.82 1.61
N LYS A 88 0.20 -16.58 1.85
CA LYS A 88 0.28 -18.03 1.80
C LYS A 88 -0.98 -18.63 1.18
N LYS A 89 -0.95 -19.93 0.92
CA LYS A 89 -2.10 -20.61 0.33
C LYS A 89 -2.50 -21.81 1.19
N ASN A 90 -3.60 -21.68 1.90
CA ASN A 90 -4.11 -22.75 2.76
C ASN A 90 -3.10 -23.08 3.85
N GLY A 91 -2.28 -22.10 4.21
CA GLY A 91 -1.28 -22.31 5.25
C GLY A 91 0.09 -22.63 4.68
N ASN A 92 0.27 -22.36 3.39
CA ASN A 92 1.54 -22.63 2.72
C ASN A 92 2.02 -21.41 1.94
N HIS A 93 2.99 -20.70 2.51
CA HIS A 93 3.54 -19.51 1.87
C HIS A 93 3.61 -19.70 0.35
N VAL A 94 3.51 -18.59 -0.37
CA VAL A 94 3.55 -18.62 -1.83
C VAL A 94 4.77 -17.87 -2.36
N ALA A 95 4.98 -17.93 -3.67
CA ALA A 95 6.11 -17.27 -4.30
C ALA A 95 5.98 -15.76 -4.19
N ASN A 96 7.12 -15.08 -4.03
CA ASN A 96 7.13 -13.62 -3.91
C ASN A 96 6.54 -13.19 -2.57
N SER A 97 6.63 -14.06 -1.57
CA SER A 97 6.11 -13.76 -0.25
C SER A 97 7.12 -14.11 0.84
N PRO A 98 7.14 -13.31 1.91
CA PRO A 98 6.25 -12.16 2.05
C PRO A 98 6.60 -11.03 1.09
N VAL A 99 5.61 -10.19 0.79
CA VAL A 99 5.81 -9.07 -0.13
C VAL A 99 6.39 -7.86 0.61
N SER A 100 7.36 -7.21 -0.01
CA SER A 100 8.00 -6.04 0.59
C SER A 100 7.42 -4.75 -0.01
N ILE A 101 6.87 -3.91 0.86
CA ILE A 101 6.28 -2.64 0.43
C ILE A 101 6.88 -1.47 1.19
N MET A 102 7.07 -0.35 0.50
CA MET A 102 7.63 0.85 1.12
C MET A 102 6.54 1.88 1.40
N VAL A 103 6.38 2.26 2.65
CA VAL A 103 5.39 3.23 3.05
C VAL A 103 6.03 4.52 3.55
N VAL A 104 5.53 5.65 3.09
CA VAL A 104 6.07 6.95 3.51
C VAL A 104 4.99 8.02 3.45
N GLN A 105 5.12 9.03 4.33
CA GLN A 105 4.15 10.12 4.38
C GLN A 105 4.46 11.17 3.32
N SER A 106 3.41 11.70 2.70
CA SER A 106 3.57 12.72 1.66
C SER A 106 3.55 14.12 2.27
N GLU A 107 4.74 14.65 2.55
CA GLU A 107 4.87 15.99 3.12
C GLU A 107 5.50 16.95 2.13
N ILE A 108 5.01 16.93 0.90
CA ILE A 108 5.53 17.81 -0.15
C ILE A 108 4.39 18.52 -0.87
N GLY A 109 4.45 19.86 -0.89
CA GLY A 109 3.43 20.64 -1.54
C GLY A 109 4.00 21.85 -2.26
N ASP A 110 3.11 22.70 -2.78
CA ASP A 110 3.53 23.90 -3.49
C ASP A 110 2.82 25.13 -2.94
N SER A 111 3.58 26.14 -2.56
CA SER A 111 3.02 27.37 -2.03
C SER A 111 2.71 28.37 -3.14
N GLY A 112 1.42 28.57 -3.41
CA GLY A 112 1.02 29.48 -4.46
C GLY A 112 0.05 30.54 -3.96
N PRO A 113 0.14 31.75 -4.52
CA PRO A 113 -0.72 32.87 -4.14
C PRO A 113 -2.16 32.67 -4.58
N SER A 114 -3.10 33.00 -3.71
CA SER A 114 -4.52 32.85 -4.01
C SER A 114 -5.38 33.48 -2.92
N SER A 115 -6.00 34.61 -3.23
CA SER A 115 -6.85 35.30 -2.27
C SER A 115 -8.28 35.41 -2.78
N GLY A 116 -9.24 35.28 -1.88
CA GLY A 116 -10.64 35.36 -2.27
C GLY A 116 -11.06 34.21 -3.16
N GLY A 1 -4.03 12.51 -11.60
CA GLY A 1 -3.95 13.81 -10.95
C GLY A 1 -3.21 14.82 -11.81
N SER A 2 -2.16 15.41 -11.24
CA SER A 2 -1.37 16.41 -11.96
C SER A 2 -0.33 15.75 -12.86
N SER A 3 -0.23 16.22 -14.09
CA SER A 3 0.71 15.68 -15.05
C SER A 3 1.90 16.62 -15.25
N GLY A 4 2.89 16.51 -14.37
CA GLY A 4 4.06 17.37 -14.47
C GLY A 4 3.76 18.81 -14.11
N SER A 5 4.74 19.50 -13.56
CA SER A 5 4.58 20.90 -13.16
C SER A 5 5.26 21.83 -14.16
N SER A 6 6.56 21.62 -14.37
CA SER A 6 7.33 22.45 -15.29
C SER A 6 8.71 21.85 -15.52
N GLY A 7 9.43 22.39 -16.50
CA GLY A 7 10.75 21.91 -16.81
C GLY A 7 11.32 22.51 -18.08
N ILE A 8 12.48 22.02 -18.50
CA ILE A 8 13.12 22.52 -19.72
C ILE A 8 12.23 22.31 -20.93
N PRO A 9 12.33 23.23 -21.90
CA PRO A 9 11.54 23.17 -23.14
C PRO A 9 11.99 22.03 -24.05
N GLY A 10 13.16 21.47 -23.77
CA GLY A 10 13.68 20.38 -24.57
C GLY A 10 12.80 19.14 -24.49
N SER A 11 12.89 18.44 -23.37
CA SER A 11 12.10 17.23 -23.17
C SER A 11 11.76 17.03 -21.69
N PRO A 12 10.46 17.00 -21.39
CA PRO A 12 9.97 16.82 -20.02
C PRO A 12 10.24 15.41 -19.49
N PHE A 13 9.62 15.08 -18.36
CA PHE A 13 9.78 13.77 -17.74
C PHE A 13 9.87 12.68 -18.81
N THR A 14 10.72 11.69 -18.58
CA THR A 14 10.90 10.59 -19.51
C THR A 14 10.57 9.25 -18.86
N ALA A 15 10.11 9.31 -17.61
CA ALA A 15 9.76 8.10 -16.88
C ALA A 15 8.24 7.94 -16.79
N LYS A 16 7.51 8.93 -17.28
CA LYS A 16 6.05 8.89 -17.27
C LYS A 16 5.54 7.48 -17.52
N ILE A 17 6.20 6.76 -18.42
CA ILE A 17 5.81 5.40 -18.75
C ILE A 17 6.69 4.39 -18.02
N THR A 18 7.87 4.83 -17.61
CA THR A 18 8.81 3.96 -16.90
C THR A 18 8.40 3.80 -15.43
N ASP A 19 8.13 2.57 -15.02
CA ASP A 19 7.73 2.29 -13.66
C ASP A 19 8.95 2.08 -12.77
N ASP A 20 9.14 2.98 -11.81
CA ASP A 20 10.28 2.90 -10.90
C ASP A 20 10.61 1.44 -10.56
N SER A 21 11.57 0.89 -11.30
CA SER A 21 11.97 -0.50 -11.09
C SER A 21 12.32 -0.76 -9.63
N ARG A 22 12.66 0.32 -8.91
CA ARG A 22 13.02 0.22 -7.51
C ARG A 22 11.86 -0.34 -6.69
N ARG A 23 12.07 -0.46 -5.38
CA ARG A 23 11.04 -0.98 -4.48
C ARG A 23 10.61 0.08 -3.48
N CYS A 24 10.50 1.32 -3.94
CA CYS A 24 10.09 2.42 -3.08
C CYS A 24 8.77 3.03 -3.56
N SER A 25 7.67 2.51 -3.02
CA SER A 25 6.34 2.99 -3.40
C SER A 25 5.83 4.01 -2.39
N GLN A 26 4.95 4.90 -2.85
CA GLN A 26 4.39 5.93 -1.99
C GLN A 26 2.94 5.62 -1.64
N VAL A 27 2.61 5.73 -0.36
CA VAL A 27 1.25 5.45 0.11
C VAL A 27 0.81 6.48 1.15
N LYS A 28 -0.50 6.65 1.29
CA LYS A 28 -1.04 7.60 2.25
C LYS A 28 -1.32 6.92 3.59
N LEU A 29 -0.68 7.43 4.64
CA LEU A 29 -0.85 6.86 5.97
C LEU A 29 -2.29 7.04 6.46
N GLY A 30 -2.77 6.09 7.24
CA GLY A 30 -4.13 6.15 7.75
C GLY A 30 -5.16 6.19 6.66
N SER A 31 -4.79 5.69 5.48
CA SER A 31 -5.69 5.68 4.34
C SER A 31 -5.61 4.35 3.58
N ALA A 32 -6.76 3.79 3.25
CA ALA A 32 -6.80 2.52 2.53
C ALA A 32 -6.35 2.69 1.08
N ALA A 33 -5.20 2.11 0.76
CA ALA A 33 -4.65 2.19 -0.60
C ALA A 33 -4.54 0.82 -1.23
N ASP A 34 -4.40 0.79 -2.55
CA ASP A 34 -4.28 -0.47 -3.28
C ASP A 34 -2.81 -0.79 -3.57
N PHE A 35 -2.53 -2.07 -3.81
CA PHE A 35 -1.18 -2.51 -4.09
C PHE A 35 -1.17 -3.57 -5.20
N LEU A 36 -0.41 -3.30 -6.26
CA LEU A 36 -0.32 -4.23 -7.38
C LEU A 36 0.93 -5.11 -7.26
N LEU A 37 0.71 -6.39 -7.02
CA LEU A 37 1.82 -7.34 -6.89
C LEU A 37 1.70 -8.46 -7.94
N ASP A 38 2.78 -8.68 -8.67
CA ASP A 38 2.80 -9.73 -9.69
C ASP A 38 2.83 -11.11 -9.05
N ILE A 39 1.66 -11.73 -8.95
CA ILE A 39 1.55 -13.06 -8.36
C ILE A 39 0.82 -14.02 -9.30
N SER A 40 1.39 -15.20 -9.48
CA SER A 40 0.80 -16.21 -10.35
C SER A 40 -0.26 -17.02 -9.61
N GLU A 41 -1.10 -16.32 -8.85
CA GLU A 41 -2.16 -16.98 -8.08
C GLU A 41 -3.46 -16.19 -8.17
N THR A 42 -4.53 -16.88 -8.57
CA THR A 42 -5.83 -16.25 -8.69
C THR A 42 -6.69 -16.50 -7.46
N ASP A 43 -7.04 -17.76 -7.23
CA ASP A 43 -7.86 -18.13 -6.08
C ASP A 43 -7.53 -17.25 -4.88
N LEU A 44 -8.51 -16.45 -4.46
CA LEU A 44 -8.32 -15.55 -3.32
C LEU A 44 -8.41 -16.32 -2.00
N SER A 45 -9.55 -16.98 -1.78
CA SER A 45 -9.76 -17.75 -0.56
C SER A 45 -8.56 -18.65 -0.27
N SER A 46 -8.18 -19.46 -1.25
CA SER A 46 -7.06 -20.37 -1.11
C SER A 46 -5.85 -19.63 -0.53
N LEU A 47 -5.69 -18.37 -0.91
CA LEU A 47 -4.58 -17.56 -0.44
C LEU A 47 -4.94 -16.82 0.85
N THR A 48 -3.94 -16.24 1.50
CA THR A 48 -4.16 -15.50 2.73
C THR A 48 -3.51 -14.12 2.68
N ALA A 49 -4.04 -13.19 3.44
CA ALA A 49 -3.52 -11.83 3.47
C ALA A 49 -3.19 -11.41 4.90
N SER A 50 -1.93 -11.01 5.12
CA SER A 50 -1.49 -10.59 6.45
C SER A 50 -0.40 -9.52 6.34
N ILE A 51 -0.49 -8.51 7.19
CA ILE A 51 0.50 -7.43 7.19
C ILE A 51 0.87 -7.03 8.62
N LYS A 52 2.16 -6.83 8.85
CA LYS A 52 2.65 -6.44 10.17
C LYS A 52 3.58 -5.24 10.06
N ALA A 53 3.07 -4.06 10.41
CA ALA A 53 3.85 -2.83 10.37
C ALA A 53 5.25 -3.06 10.94
N PRO A 54 6.13 -2.07 10.74
CA PRO A 54 7.51 -2.13 11.23
C PRO A 54 7.60 -2.04 12.75
N SER A 55 6.51 -1.58 13.37
CA SER A 55 6.47 -1.43 14.83
C SER A 55 5.78 -2.64 15.46
N GLY A 56 5.50 -3.65 14.65
CA GLY A 56 4.84 -4.84 15.15
C GLY A 56 3.35 -4.65 15.34
N ARG A 57 2.78 -3.69 14.63
CA ARG A 57 1.35 -3.40 14.73
C ARG A 57 0.60 -3.98 13.53
N ASP A 58 -0.27 -4.95 13.78
CA ASP A 58 -1.04 -5.58 12.74
C ASP A 58 -1.92 -4.56 12.01
N GLU A 59 -2.16 -4.79 10.73
CA GLU A 59 -2.98 -3.88 9.93
C GLU A 59 -4.10 -4.64 9.23
N PRO A 60 -5.27 -4.00 9.12
CA PRO A 60 -6.45 -4.59 8.48
C PRO A 60 -6.27 -4.72 6.96
N CYS A 61 -5.71 -5.85 6.53
CA CYS A 61 -5.48 -6.10 5.11
C CYS A 61 -6.55 -7.04 4.56
N LEU A 62 -6.93 -6.80 3.30
CA LEU A 62 -7.95 -7.63 2.65
C LEU A 62 -7.60 -7.84 1.18
N LEU A 63 -7.62 -9.10 0.76
CA LEU A 63 -7.31 -9.44 -0.63
C LEU A 63 -8.55 -9.32 -1.50
N LYS A 64 -8.38 -8.76 -2.70
CA LYS A 64 -9.49 -8.60 -3.63
C LYS A 64 -9.01 -8.73 -5.08
N ARG A 65 -9.95 -8.92 -5.99
CA ARG A 65 -9.62 -9.05 -7.41
C ARG A 65 -9.60 -7.70 -8.10
N LEU A 66 -8.50 -7.40 -8.78
CA LEU A 66 -8.35 -6.13 -9.49
C LEU A 66 -8.71 -6.29 -10.96
N PRO A 67 -9.11 -5.18 -11.60
CA PRO A 67 -9.49 -5.18 -13.02
C PRO A 67 -8.28 -5.37 -13.93
N ASN A 68 -8.54 -5.70 -15.19
CA ASN A 68 -7.49 -5.91 -16.17
C ASN A 68 -6.77 -7.24 -15.91
N ASN A 69 -7.49 -8.19 -15.33
CA ASN A 69 -6.93 -9.50 -15.03
C ASN A 69 -5.76 -9.38 -14.06
N HIS A 70 -5.92 -8.52 -13.05
CA HIS A 70 -4.87 -8.31 -12.06
C HIS A 70 -5.44 -8.47 -10.65
N ILE A 71 -4.54 -8.61 -9.67
CA ILE A 71 -4.95 -8.77 -8.29
C ILE A 71 -4.02 -8.00 -7.35
N GLY A 72 -4.59 -7.39 -6.32
CA GLY A 72 -3.80 -6.63 -5.36
C GLY A 72 -4.36 -6.71 -3.96
N ILE A 73 -3.65 -6.13 -3.00
CA ILE A 73 -4.08 -6.15 -1.60
C ILE A 73 -4.55 -4.76 -1.18
N SER A 74 -5.41 -4.72 -0.16
CA SER A 74 -5.94 -3.47 0.35
C SER A 74 -5.85 -3.42 1.88
N PHE A 75 -5.11 -2.44 2.39
CA PHE A 75 -4.93 -2.28 3.83
C PHE A 75 -4.59 -0.83 4.18
N ILE A 76 -4.92 -0.43 5.39
CA ILE A 76 -4.65 0.92 5.85
C ILE A 76 -3.36 0.98 6.68
N PRO A 77 -2.29 1.47 6.04
CA PRO A 77 -0.98 1.58 6.70
C PRO A 77 -0.95 2.66 7.77
N ARG A 78 -1.15 2.25 9.02
CA ARG A 78 -1.16 3.19 10.14
C ARG A 78 0.21 3.85 10.30
N GLU A 79 1.26 3.12 9.99
CA GLU A 79 2.62 3.64 10.10
C GLU A 79 3.34 3.57 8.76
N VAL A 80 4.54 4.13 8.70
CA VAL A 80 5.34 4.13 7.48
C VAL A 80 6.63 3.35 7.67
N GLY A 81 7.26 2.97 6.56
CA GLY A 81 8.51 2.22 6.63
C GLY A 81 8.50 1.01 5.73
N GLU A 82 8.94 -0.13 6.28
CA GLU A 82 8.98 -1.37 5.52
C GLU A 82 7.93 -2.36 6.02
N HIS A 83 6.82 -2.45 5.28
CA HIS A 83 5.75 -3.36 5.66
C HIS A 83 5.90 -4.70 4.96
N LEU A 84 5.90 -5.78 5.74
CA LEU A 84 6.04 -7.12 5.19
C LEU A 84 4.68 -7.82 5.11
N VAL A 85 4.24 -8.10 3.89
CA VAL A 85 2.97 -8.77 3.67
C VAL A 85 3.14 -10.28 3.57
N SER A 86 2.57 -11.00 4.53
CA SER A 86 2.67 -12.46 4.54
C SER A 86 1.57 -13.09 3.71
N ILE A 87 1.93 -13.62 2.55
CA ILE A 87 0.96 -14.26 1.67
C ILE A 87 1.25 -15.75 1.51
N LYS A 88 0.33 -16.57 2.00
CA LYS A 88 0.48 -18.02 1.92
C LYS A 88 -0.79 -18.68 1.38
N LYS A 89 -0.72 -19.97 1.11
CA LYS A 89 -1.86 -20.71 0.60
C LYS A 89 -2.16 -21.93 1.48
N ASN A 90 -3.23 -21.84 2.26
CA ASN A 90 -3.62 -22.93 3.15
C ASN A 90 -2.53 -23.24 4.16
N GLY A 91 -1.72 -22.21 4.47
CA GLY A 91 -0.65 -22.39 5.43
C GLY A 91 0.69 -22.65 4.76
N ASN A 92 0.77 -22.36 3.47
CA ASN A 92 1.99 -22.57 2.71
C ASN A 92 2.37 -21.33 1.91
N HIS A 93 3.34 -20.57 2.42
CA HIS A 93 3.79 -19.36 1.76
C HIS A 93 3.80 -19.53 0.25
N VAL A 94 3.50 -18.44 -0.47
CA VAL A 94 3.48 -18.48 -1.93
C VAL A 94 4.66 -17.74 -2.52
N ALA A 95 4.70 -17.66 -3.85
CA ALA A 95 5.78 -16.97 -4.54
C ALA A 95 5.69 -15.46 -4.35
N ASN A 96 6.84 -14.80 -4.28
CA ASN A 96 6.88 -13.36 -4.10
C ASN A 96 6.31 -12.96 -2.74
N SER A 97 6.45 -13.86 -1.76
CA SER A 97 5.94 -13.61 -0.42
C SER A 97 6.98 -13.98 0.63
N PRO A 98 7.03 -13.22 1.73
CA PRO A 98 6.13 -12.08 1.92
C PRO A 98 6.46 -10.91 0.98
N VAL A 99 5.45 -10.10 0.69
CA VAL A 99 5.62 -8.95 -0.19
C VAL A 99 6.07 -7.71 0.58
N SER A 100 7.24 -7.19 0.22
CA SER A 100 7.78 -6.01 0.88
C SER A 100 7.24 -4.73 0.24
N ILE A 101 6.76 -3.83 1.08
CA ILE A 101 6.22 -2.55 0.61
C ILE A 101 6.80 -1.39 1.38
N MET A 102 7.08 -0.29 0.66
CA MET A 102 7.64 0.90 1.28
C MET A 102 6.58 1.98 1.46
N VAL A 103 6.43 2.47 2.68
CA VAL A 103 5.45 3.51 2.98
C VAL A 103 6.13 4.77 3.52
N VAL A 104 5.60 5.92 3.14
CA VAL A 104 6.14 7.21 3.58
C VAL A 104 5.08 8.29 3.57
N GLN A 105 5.21 9.25 4.47
CA GLN A 105 4.26 10.35 4.57
C GLN A 105 4.61 11.46 3.58
N SER A 106 4.14 11.30 2.34
CA SER A 106 4.40 12.29 1.30
C SER A 106 3.72 13.61 1.61
N GLU A 107 2.39 13.62 1.53
CA GLU A 107 1.62 14.83 1.80
C GLU A 107 2.18 15.56 3.03
N ILE A 108 2.09 16.88 3.00
CA ILE A 108 2.59 17.70 4.10
C ILE A 108 1.43 18.20 4.97
N GLY A 109 0.41 18.75 4.33
CA GLY A 109 -0.74 19.27 5.07
C GLY A 109 -1.90 19.61 4.15
N ASP A 110 -1.98 20.87 3.76
CA ASP A 110 -3.06 21.33 2.88
C ASP A 110 -2.51 22.19 1.75
N SER A 111 -3.23 22.23 0.63
CA SER A 111 -2.80 23.01 -0.52
C SER A 111 -3.48 24.38 -0.53
N GLY A 112 -3.50 25.02 0.64
CA GLY A 112 -4.13 26.33 0.76
C GLY A 112 -3.69 27.27 -0.35
N PRO A 113 -4.60 28.16 -0.77
CA PRO A 113 -4.33 29.13 -1.83
C PRO A 113 -3.36 30.21 -1.39
N SER A 114 -3.48 30.63 -0.13
CA SER A 114 -2.60 31.67 0.41
C SER A 114 -2.63 31.65 1.95
N SER A 115 -1.46 31.49 2.55
CA SER A 115 -1.35 31.45 4.00
C SER A 115 -0.95 32.81 4.55
N GLY A 116 -1.55 33.20 5.67
CA GLY A 116 -1.25 34.48 6.28
C GLY A 116 -0.35 34.34 7.49
N GLY A 1 -11.18 18.16 9.26
CA GLY A 1 -11.76 19.33 9.90
C GLY A 1 -12.46 20.25 8.91
N SER A 2 -12.39 21.55 9.17
CA SER A 2 -13.01 22.54 8.30
C SER A 2 -11.96 23.36 7.56
N SER A 3 -11.71 23.00 6.31
CA SER A 3 -10.72 23.70 5.49
C SER A 3 -10.76 25.20 5.77
N GLY A 4 -9.63 25.87 5.53
CA GLY A 4 -9.56 27.29 5.75
C GLY A 4 -9.20 28.07 4.49
N SER A 5 -7.95 28.53 4.42
CA SER A 5 -7.49 29.29 3.26
C SER A 5 -7.81 28.55 1.96
N SER A 6 -8.74 29.11 1.19
CA SER A 6 -9.14 28.50 -0.08
C SER A 6 -9.75 29.54 -1.01
N GLY A 7 -9.60 29.34 -2.31
CA GLY A 7 -10.14 30.26 -3.28
C GLY A 7 -10.68 29.55 -4.51
N ILE A 8 -9.82 29.31 -5.48
CA ILE A 8 -10.22 28.65 -6.72
C ILE A 8 -11.18 27.50 -6.44
N PRO A 9 -12.07 27.22 -7.41
CA PRO A 9 -13.06 26.14 -7.29
C PRO A 9 -12.42 24.75 -7.32
N GLY A 10 -12.38 24.10 -6.16
CA GLY A 10 -11.79 22.77 -6.09
C GLY A 10 -10.81 22.64 -4.93
N SER A 11 -10.37 21.42 -4.69
CA SER A 11 -9.44 21.15 -3.60
C SER A 11 -8.05 21.72 -3.91
N PRO A 12 -7.43 22.35 -2.91
CA PRO A 12 -6.10 22.95 -3.05
C PRO A 12 -5.00 21.90 -3.20
N PHE A 13 -4.67 21.58 -4.45
CA PHE A 13 -3.64 20.59 -4.74
C PHE A 13 -2.89 20.92 -6.03
N THR A 14 -1.59 20.70 -6.02
CA THR A 14 -0.77 20.98 -7.19
C THR A 14 0.27 19.89 -7.42
N ALA A 15 0.23 19.27 -8.59
CA ALA A 15 1.17 18.21 -8.93
C ALA A 15 2.34 18.75 -9.75
N LYS A 16 3.53 18.76 -9.14
CA LYS A 16 4.73 19.25 -9.82
C LYS A 16 5.87 18.23 -9.70
N ILE A 17 5.88 17.48 -8.61
CA ILE A 17 6.91 16.47 -8.39
C ILE A 17 6.81 15.35 -9.40
N THR A 18 7.96 14.80 -9.79
CA THR A 18 8.00 13.71 -10.75
C THR A 18 9.02 12.66 -10.35
N ASP A 19 8.54 11.43 -10.12
CA ASP A 19 9.41 10.34 -9.73
C ASP A 19 8.98 9.04 -10.40
N ASP A 20 9.84 8.02 -10.32
CA ASP A 20 9.54 6.71 -10.91
C ASP A 20 9.34 5.66 -9.83
N SER A 21 8.15 5.07 -9.79
CA SER A 21 7.84 4.04 -8.80
C SER A 21 9.01 3.06 -8.65
N ARG A 22 9.53 2.60 -9.77
CA ARG A 22 10.65 1.67 -9.75
C ARG A 22 11.60 1.96 -8.59
N ARG A 23 11.84 3.24 -8.34
CA ARG A 23 12.72 3.65 -7.25
C ARG A 23 12.09 3.37 -5.90
N CYS A 24 11.00 4.08 -5.60
CA CYS A 24 10.29 3.90 -4.33
C CYS A 24 8.78 3.94 -4.54
N SER A 25 8.04 3.63 -3.49
CA SER A 25 6.59 3.63 -3.55
C SER A 25 5.99 4.70 -2.64
N GLN A 26 4.80 5.18 -3.00
CA GLN A 26 4.13 6.21 -2.22
C GLN A 26 2.71 5.77 -1.85
N VAL A 27 2.37 5.91 -0.57
CA VAL A 27 1.05 5.53 -0.09
C VAL A 27 0.54 6.53 0.94
N LYS A 28 -0.77 6.54 1.15
CA LYS A 28 -1.40 7.44 2.11
C LYS A 28 -1.54 6.77 3.47
N LEU A 29 -0.83 7.30 4.46
CA LEU A 29 -0.89 6.75 5.81
C LEU A 29 -2.21 7.08 6.48
N GLY A 30 -3.01 6.05 6.74
CA GLY A 30 -4.30 6.24 7.38
C GLY A 30 -5.46 6.09 6.41
N SER A 31 -5.15 5.70 5.18
CA SER A 31 -6.17 5.52 4.16
C SER A 31 -5.95 4.21 3.40
N ALA A 32 -7.04 3.58 2.98
CA ALA A 32 -6.97 2.33 2.24
C ALA A 32 -6.26 2.52 0.90
N ALA A 33 -5.13 1.83 0.73
CA ALA A 33 -4.36 1.92 -0.50
C ALA A 33 -4.17 0.55 -1.14
N ASP A 34 -4.37 0.48 -2.45
CA ASP A 34 -4.22 -0.78 -3.18
C ASP A 34 -2.77 -0.99 -3.60
N PHE A 35 -2.35 -2.25 -3.66
CA PHE A 35 -0.98 -2.58 -4.06
C PHE A 35 -0.98 -3.65 -5.16
N LEU A 36 -0.32 -3.33 -6.27
CA LEU A 36 -0.23 -4.25 -7.40
C LEU A 36 1.00 -5.13 -7.29
N LEU A 37 0.78 -6.43 -7.07
CA LEU A 37 1.88 -7.38 -6.95
C LEU A 37 1.76 -8.47 -8.02
N ASP A 38 2.88 -8.77 -8.67
CA ASP A 38 2.92 -9.79 -9.70
C ASP A 38 2.93 -11.18 -9.09
N ILE A 39 1.77 -11.85 -9.09
CA ILE A 39 1.66 -13.19 -8.54
C ILE A 39 1.01 -14.14 -9.53
N SER A 40 1.10 -15.43 -9.25
CA SER A 40 0.51 -16.45 -10.12
C SER A 40 -0.68 -17.13 -9.44
N GLU A 41 -1.37 -16.38 -8.59
CA GLU A 41 -2.53 -16.91 -7.88
C GLU A 41 -3.77 -16.07 -8.16
N THR A 42 -4.81 -16.73 -8.66
CA THR A 42 -6.06 -16.04 -8.98
C THR A 42 -7.01 -16.04 -7.79
N ASP A 43 -7.18 -17.20 -7.17
CA ASP A 43 -8.05 -17.33 -6.02
C ASP A 43 -7.77 -16.25 -5.00
N LEU A 44 -8.64 -16.15 -3.99
CA LEU A 44 -8.48 -15.15 -2.94
C LEU A 44 -8.69 -15.76 -1.57
N SER A 45 -9.73 -16.60 -1.44
CA SER A 45 -10.04 -17.25 -0.18
C SER A 45 -9.02 -18.34 0.14
N SER A 46 -8.56 -19.03 -0.89
CA SER A 46 -7.58 -20.10 -0.73
C SER A 46 -6.20 -19.53 -0.38
N LEU A 47 -6.08 -18.20 -0.45
CA LEU A 47 -4.83 -17.53 -0.13
C LEU A 47 -4.89 -16.88 1.24
N THR A 48 -3.74 -16.41 1.72
CA THR A 48 -3.67 -15.74 3.02
C THR A 48 -3.14 -14.33 2.89
N ALA A 49 -3.58 -13.44 3.78
CA ALA A 49 -3.14 -12.06 3.76
C ALA A 49 -2.88 -11.55 5.18
N SER A 50 -1.63 -11.19 5.45
CA SER A 50 -1.24 -10.69 6.76
C SER A 50 -0.17 -9.61 6.65
N ILE A 51 -0.39 -8.50 7.33
CA ILE A 51 0.55 -7.39 7.30
C ILE A 51 0.87 -6.89 8.71
N LYS A 52 2.14 -6.59 8.96
CA LYS A 52 2.56 -6.10 10.26
C LYS A 52 3.60 -4.99 10.12
N ALA A 53 3.32 -3.85 10.74
CA ALA A 53 4.24 -2.71 10.67
C ALA A 53 5.55 -3.01 11.39
N PRO A 54 6.55 -2.16 11.18
CA PRO A 54 7.88 -2.32 11.80
C PRO A 54 7.84 -2.07 13.30
N SER A 55 6.73 -1.52 13.78
CA SER A 55 6.57 -1.22 15.20
C SER A 55 5.78 -2.31 15.90
N GLY A 56 5.54 -3.41 15.20
CA GLY A 56 4.80 -4.52 15.77
C GLY A 56 3.31 -4.25 15.81
N ARG A 57 2.84 -3.38 14.91
CA ARG A 57 1.43 -3.03 14.85
C ARG A 57 0.77 -3.66 13.63
N ASP A 58 -0.13 -4.61 13.86
CA ASP A 58 -0.83 -5.29 12.78
C ASP A 58 -1.81 -4.34 12.08
N GLU A 59 -2.09 -4.62 10.82
CA GLU A 59 -3.01 -3.79 10.04
C GLU A 59 -4.05 -4.65 9.34
N PRO A 60 -5.28 -4.11 9.23
CA PRO A 60 -6.40 -4.81 8.59
C PRO A 60 -6.21 -4.92 7.08
N CYS A 61 -5.70 -6.06 6.63
CA CYS A 61 -5.47 -6.28 5.20
C CYS A 61 -6.62 -7.10 4.60
N LEU A 62 -7.00 -6.74 3.37
CA LEU A 62 -8.08 -7.44 2.68
C LEU A 62 -7.70 -7.70 1.23
N LEU A 63 -7.69 -8.98 0.85
CA LEU A 63 -7.35 -9.36 -0.51
C LEU A 63 -8.54 -9.16 -1.44
N LYS A 64 -8.26 -8.75 -2.68
CA LYS A 64 -9.30 -8.52 -3.67
C LYS A 64 -8.80 -8.83 -5.08
N ARG A 65 -9.69 -8.73 -6.06
CA ARG A 65 -9.33 -9.00 -7.44
C ARG A 65 -9.34 -7.71 -8.27
N LEU A 66 -8.18 -7.36 -8.80
CA LEU A 66 -8.05 -6.15 -9.61
C LEU A 66 -8.35 -6.44 -11.08
N PRO A 67 -8.78 -5.40 -11.81
CA PRO A 67 -9.10 -5.53 -13.24
C PRO A 67 -7.86 -5.73 -14.09
N ASN A 68 -8.03 -5.67 -15.41
CA ASN A 68 -6.93 -5.85 -16.34
C ASN A 68 -6.14 -7.12 -16.02
N ASN A 69 -6.85 -8.11 -15.47
CA ASN A 69 -6.22 -9.38 -15.12
C ASN A 69 -5.10 -9.18 -14.11
N HIS A 70 -5.37 -8.37 -13.09
CA HIS A 70 -4.37 -8.08 -12.05
C HIS A 70 -4.95 -8.35 -10.67
N ILE A 71 -4.07 -8.43 -9.68
CA ILE A 71 -4.49 -8.68 -8.30
C ILE A 71 -3.65 -7.88 -7.32
N GLY A 72 -4.28 -7.44 -6.22
CA GLY A 72 -3.57 -6.66 -5.22
C GLY A 72 -4.26 -6.70 -3.87
N ILE A 73 -3.57 -6.23 -2.84
CA ILE A 73 -4.12 -6.22 -1.50
C ILE A 73 -4.62 -4.82 -1.12
N SER A 74 -5.57 -4.78 -0.19
CA SER A 74 -6.14 -3.51 0.26
C SER A 74 -6.12 -3.41 1.78
N PHE A 75 -5.33 -2.48 2.30
CA PHE A 75 -5.22 -2.28 3.74
C PHE A 75 -4.92 -0.82 4.07
N ILE A 76 -5.17 -0.44 5.32
CA ILE A 76 -4.91 0.92 5.76
C ILE A 76 -3.69 1.00 6.65
N PRO A 77 -2.56 1.44 6.07
CA PRO A 77 -1.29 1.57 6.80
C PRO A 77 -1.32 2.70 7.82
N ARG A 78 -0.73 2.45 8.99
CA ARG A 78 -0.70 3.46 10.05
C ARG A 78 0.72 3.95 10.27
N GLU A 79 1.70 3.09 10.01
CA GLU A 79 3.11 3.44 10.18
C GLU A 79 3.81 3.52 8.84
N VAL A 80 4.86 4.35 8.77
CA VAL A 80 5.63 4.52 7.55
C VAL A 80 6.97 3.80 7.64
N GLY A 81 7.32 3.06 6.57
CA GLY A 81 8.57 2.34 6.55
C GLY A 81 8.53 1.13 5.64
N GLU A 82 9.13 0.04 6.09
CA GLU A 82 9.16 -1.19 5.30
C GLU A 82 8.23 -2.24 5.90
N HIS A 83 7.11 -2.47 5.23
CA HIS A 83 6.12 -3.44 5.69
C HIS A 83 6.32 -4.79 4.99
N LEU A 84 5.93 -5.86 5.67
CA LEU A 84 6.06 -7.21 5.12
C LEU A 84 4.71 -7.89 5.03
N VAL A 85 4.29 -8.20 3.80
CA VAL A 85 3.01 -8.86 3.58
C VAL A 85 3.19 -10.37 3.46
N SER A 86 2.67 -11.10 4.44
CA SER A 86 2.77 -12.55 4.45
C SER A 86 1.62 -13.20 3.68
N ILE A 87 1.91 -13.67 2.48
CA ILE A 87 0.89 -14.31 1.63
C ILE A 87 1.19 -15.79 1.45
N LYS A 88 0.20 -16.62 1.77
CA LYS A 88 0.36 -18.08 1.63
C LYS A 88 -0.91 -18.69 1.06
N LYS A 89 -0.87 -20.01 0.84
CA LYS A 89 -2.02 -20.72 0.30
C LYS A 89 -2.31 -21.97 1.11
N ASN A 90 -3.35 -21.91 1.94
CA ASN A 90 -3.74 -23.04 2.77
C ASN A 90 -2.61 -23.42 3.74
N GLY A 91 -1.83 -22.41 4.14
CA GLY A 91 -0.73 -22.65 5.06
C GLY A 91 0.58 -22.90 4.34
N ASN A 92 0.64 -22.53 3.07
CA ASN A 92 1.83 -22.72 2.26
C ASN A 92 2.22 -21.43 1.53
N HIS A 93 3.25 -20.76 2.02
CA HIS A 93 3.71 -19.52 1.42
C HIS A 93 3.65 -19.60 -0.10
N VAL A 94 3.31 -18.47 -0.74
CA VAL A 94 3.22 -18.42 -2.19
C VAL A 94 4.44 -17.74 -2.79
N ALA A 95 4.42 -17.56 -4.11
CA ALA A 95 5.53 -16.92 -4.81
C ALA A 95 5.51 -15.40 -4.57
N ASN A 96 6.71 -14.83 -4.41
CA ASN A 96 6.84 -13.40 -4.17
C ASN A 96 6.29 -13.02 -2.80
N SER A 97 6.38 -13.96 -1.86
CA SER A 97 5.89 -13.73 -0.50
C SER A 97 6.94 -14.15 0.53
N PRO A 98 7.02 -13.39 1.63
CA PRO A 98 6.18 -12.21 1.84
C PRO A 98 6.54 -11.06 0.89
N VAL A 99 5.54 -10.23 0.58
CA VAL A 99 5.74 -9.09 -0.31
C VAL A 99 6.23 -7.87 0.46
N SER A 100 7.28 -7.23 -0.04
CA SER A 100 7.84 -6.06 0.59
C SER A 100 7.16 -4.79 0.08
N ILE A 101 6.66 -3.98 1.02
CA ILE A 101 5.98 -2.73 0.67
C ILE A 101 6.58 -1.56 1.42
N MET A 102 6.64 -0.41 0.76
CA MET A 102 7.19 0.80 1.36
C MET A 102 6.08 1.81 1.65
N VAL A 103 5.98 2.24 2.91
CA VAL A 103 4.97 3.20 3.31
C VAL A 103 5.61 4.52 3.73
N VAL A 104 5.17 5.62 3.11
CA VAL A 104 5.69 6.93 3.42
C VAL A 104 4.56 7.92 3.67
N GLN A 105 4.86 8.98 4.41
CA GLN A 105 3.87 10.01 4.73
C GLN A 105 3.75 11.01 3.58
N SER A 106 2.64 10.95 2.86
CA SER A 106 2.41 11.85 1.74
C SER A 106 2.51 13.31 2.18
N GLU A 107 3.65 13.92 1.92
CA GLU A 107 3.87 15.31 2.29
C GLU A 107 3.11 16.26 1.36
N ILE A 108 2.11 16.93 1.92
CA ILE A 108 1.29 17.86 1.14
C ILE A 108 1.84 19.28 1.25
N GLY A 109 1.85 19.82 2.46
CA GLY A 109 2.34 21.17 2.67
C GLY A 109 2.63 21.45 4.14
N ASP A 110 1.69 22.10 4.81
CA ASP A 110 1.85 22.43 6.22
C ASP A 110 0.51 22.79 6.85
N SER A 111 0.10 22.02 7.85
CA SER A 111 -1.16 22.25 8.54
C SER A 111 -0.98 23.22 9.70
N GLY A 112 -2.09 23.54 10.37
CA GLY A 112 -2.03 24.46 11.48
C GLY A 112 -3.38 24.64 12.17
N PRO A 113 -3.39 25.37 13.29
CA PRO A 113 -4.61 25.62 14.05
C PRO A 113 -5.57 26.55 13.32
N SER A 114 -6.59 25.97 12.69
CA SER A 114 -7.58 26.74 11.95
C SER A 114 -8.95 26.63 12.61
N SER A 115 -9.48 27.76 13.07
CA SER A 115 -10.78 27.79 13.72
C SER A 115 -11.75 28.67 12.93
N GLY A 116 -13.04 28.55 13.26
CA GLY A 116 -14.05 29.34 12.57
C GLY A 116 -14.80 30.25 13.52
N GLY A 1 14.88 -0.39 5.35
CA GLY A 1 13.95 0.74 5.37
C GLY A 1 13.51 1.09 6.78
N SER A 2 13.97 2.23 7.28
CA SER A 2 13.62 2.69 8.61
C SER A 2 13.11 4.12 8.59
N SER A 3 12.07 4.39 9.38
CA SER A 3 11.48 5.72 9.45
C SER A 3 11.40 6.20 10.88
N GLY A 4 11.66 7.49 11.09
CA GLY A 4 11.61 8.06 12.42
C GLY A 4 10.71 9.29 12.50
N SER A 5 9.43 9.06 12.77
CA SER A 5 8.48 10.16 12.87
C SER A 5 8.04 10.38 14.31
N SER A 6 7.43 11.52 14.57
CA SER A 6 6.96 11.86 15.91
C SER A 6 5.54 11.36 16.15
N GLY A 7 4.66 11.64 15.20
CA GLY A 7 3.28 11.21 15.30
C GLY A 7 2.30 12.28 14.88
N ILE A 8 2.39 12.69 13.62
CA ILE A 8 1.50 13.72 13.09
C ILE A 8 0.04 13.28 13.17
N PRO A 9 -0.87 14.26 13.29
CA PRO A 9 -2.31 14.00 13.38
C PRO A 9 -2.88 13.49 12.07
N GLY A 10 -3.64 12.40 12.14
CA GLY A 10 -4.24 11.84 10.94
C GLY A 10 -5.49 12.58 10.51
N SER A 11 -5.36 13.43 9.50
CA SER A 11 -6.48 14.22 9.00
C SER A 11 -7.00 13.63 7.69
N PRO A 12 -8.32 13.72 7.48
CA PRO A 12 -8.97 13.21 6.27
C PRO A 12 -8.63 14.04 5.04
N PHE A 13 -7.98 13.41 4.07
CA PHE A 13 -7.60 14.10 2.83
C PHE A 13 -7.14 13.09 1.77
N THR A 14 -7.58 13.30 0.54
CA THR A 14 -7.23 12.42 -0.56
C THR A 14 -6.11 13.02 -1.41
N ALA A 15 -4.87 12.76 -1.02
CA ALA A 15 -3.72 13.27 -1.74
C ALA A 15 -3.85 13.01 -3.24
N LYS A 16 -2.93 13.57 -4.01
CA LYS A 16 -2.94 13.40 -5.47
C LYS A 16 -1.96 12.32 -5.90
N ILE A 17 -2.48 11.27 -6.53
CA ILE A 17 -1.65 10.16 -6.99
C ILE A 17 -0.76 10.60 -8.16
N THR A 18 0.54 10.58 -7.93
CA THR A 18 1.51 10.97 -8.96
C THR A 18 2.72 10.04 -8.96
N ASP A 19 3.19 9.70 -10.16
CA ASP A 19 4.34 8.81 -10.30
C ASP A 19 5.62 9.62 -10.49
N ASP A 20 6.76 9.00 -10.20
CA ASP A 20 8.05 9.66 -10.34
C ASP A 20 9.15 8.65 -10.61
N SER A 21 10.22 9.09 -11.26
CA SER A 21 11.34 8.22 -11.58
C SER A 21 11.65 7.28 -10.41
N ARG A 22 11.67 7.84 -9.21
CA ARG A 22 11.96 7.04 -8.01
C ARG A 22 11.26 5.69 -8.08
N ARG A 23 11.78 4.73 -7.33
CA ARG A 23 11.21 3.39 -7.30
C ARG A 23 10.29 3.21 -6.10
N CYS A 24 10.76 3.62 -4.93
CA CYS A 24 9.99 3.51 -3.70
C CYS A 24 8.53 3.90 -3.94
N SER A 25 7.62 3.08 -3.43
CA SER A 25 6.19 3.33 -3.60
C SER A 25 5.71 4.42 -2.65
N GLN A 26 4.70 5.17 -3.07
CA GLN A 26 4.16 6.25 -2.26
C GLN A 26 2.71 5.97 -1.88
N VAL A 27 2.47 5.74 -0.59
CA VAL A 27 1.14 5.45 -0.09
C VAL A 27 0.73 6.44 1.00
N LYS A 28 -0.57 6.52 1.27
CA LYS A 28 -1.08 7.42 2.29
C LYS A 28 -1.25 6.70 3.62
N LEU A 29 -0.85 7.35 4.71
CA LEU A 29 -0.96 6.77 6.03
C LEU A 29 -2.33 7.06 6.64
N GLY A 30 -3.06 6.01 6.99
CA GLY A 30 -4.37 6.16 7.58
C GLY A 30 -5.49 5.98 6.58
N SER A 31 -5.11 5.76 5.31
CA SER A 31 -6.09 5.56 4.25
C SER A 31 -5.87 4.22 3.54
N ALA A 32 -6.95 3.69 2.98
CA ALA A 32 -6.88 2.41 2.27
C ALA A 32 -6.28 2.58 0.88
N ALA A 33 -5.15 1.93 0.64
CA ALA A 33 -4.48 2.01 -0.65
C ALA A 33 -4.24 0.63 -1.24
N ASP A 34 -4.45 0.49 -2.55
CA ASP A 34 -4.27 -0.78 -3.22
C ASP A 34 -2.80 -1.01 -3.54
N PHE A 35 -2.40 -2.29 -3.60
CA PHE A 35 -1.02 -2.64 -3.90
C PHE A 35 -0.95 -3.71 -4.99
N LEU A 36 -0.33 -3.37 -6.12
CA LEU A 36 -0.20 -4.29 -7.23
C LEU A 36 1.01 -5.19 -7.05
N LEU A 37 0.78 -6.50 -7.04
CA LEU A 37 1.86 -7.47 -6.87
C LEU A 37 1.74 -8.60 -7.89
N ASP A 38 2.88 -9.02 -8.45
CA ASP A 38 2.90 -10.09 -9.43
C ASP A 38 2.81 -11.45 -8.75
N ILE A 39 1.60 -12.01 -8.71
CA ILE A 39 1.39 -13.31 -8.09
C ILE A 39 0.78 -14.30 -9.09
N SER A 40 1.40 -15.46 -9.20
CA SER A 40 0.92 -16.50 -10.12
C SER A 40 -0.18 -17.33 -9.47
N GLU A 41 -1.04 -16.67 -8.69
CA GLU A 41 -2.13 -17.36 -8.01
C GLU A 41 -3.46 -16.65 -8.27
N THR A 42 -4.46 -17.40 -8.69
CA THR A 42 -5.78 -16.85 -8.98
C THR A 42 -6.84 -17.46 -8.07
N ASP A 43 -6.48 -17.65 -6.80
CA ASP A 43 -7.40 -18.23 -5.83
C ASP A 43 -7.43 -17.39 -4.55
N LEU A 44 -8.01 -16.19 -4.64
CA LEU A 44 -8.10 -15.29 -3.50
C LEU A 44 -8.35 -16.07 -2.22
N SER A 45 -9.46 -16.82 -2.19
CA SER A 45 -9.82 -17.60 -1.02
C SER A 45 -8.65 -18.48 -0.57
N SER A 46 -8.26 -19.41 -1.42
CA SER A 46 -7.15 -20.31 -1.11
C SER A 46 -5.94 -19.53 -0.60
N LEU A 47 -5.92 -18.24 -0.88
CA LEU A 47 -4.82 -17.38 -0.45
C LEU A 47 -5.16 -16.69 0.87
N THR A 48 -4.14 -16.18 1.55
CA THR A 48 -4.32 -15.50 2.81
C THR A 48 -3.79 -14.07 2.76
N ALA A 49 -4.16 -13.26 3.75
CA ALA A 49 -3.72 -11.87 3.81
C ALA A 49 -3.32 -11.48 5.23
N SER A 50 -2.05 -11.16 5.42
CA SER A 50 -1.54 -10.77 6.73
C SER A 50 -0.46 -9.71 6.60
N ILE A 51 -0.56 -8.66 7.42
CA ILE A 51 0.41 -7.58 7.40
C ILE A 51 0.81 -7.17 8.81
N LYS A 52 2.06 -6.78 8.99
CA LYS A 52 2.57 -6.36 10.28
C LYS A 52 3.58 -5.22 10.14
N ALA A 53 3.17 -4.03 10.52
CA ALA A 53 4.04 -2.85 10.44
C ALA A 53 5.44 -3.18 10.93
N PRO A 54 6.38 -2.25 10.70
CA PRO A 54 7.78 -2.41 11.11
C PRO A 54 7.95 -2.36 12.63
N SER A 55 6.95 -1.80 13.31
CA SER A 55 7.00 -1.68 14.76
C SER A 55 6.25 -2.83 15.43
N GLY A 56 5.79 -3.79 14.61
CA GLY A 56 5.07 -4.93 15.14
C GLY A 56 3.59 -4.64 15.29
N ARG A 57 3.09 -3.68 14.53
CA ARG A 57 1.67 -3.32 14.59
C ARG A 57 0.89 -3.99 13.47
N ASP A 58 -0.07 -4.84 13.85
CA ASP A 58 -0.89 -5.54 12.87
C ASP A 58 -1.88 -4.60 12.20
N GLU A 59 -2.12 -4.82 10.91
CA GLU A 59 -3.04 -3.98 10.15
C GLU A 59 -4.09 -4.82 9.45
N PRO A 60 -5.33 -4.30 9.38
CA PRO A 60 -6.45 -5.00 8.73
C PRO A 60 -6.28 -5.07 7.21
N CYS A 61 -5.58 -6.10 6.75
CA CYS A 61 -5.35 -6.28 5.33
C CYS A 61 -6.44 -7.14 4.70
N LEU A 62 -6.80 -6.84 3.46
CA LEU A 62 -7.84 -7.58 2.75
C LEU A 62 -7.49 -7.73 1.27
N LEU A 63 -7.37 -8.97 0.82
CA LEU A 63 -7.05 -9.25 -0.57
C LEU A 63 -8.27 -9.07 -1.47
N LYS A 64 -8.05 -8.50 -2.65
CA LYS A 64 -9.14 -8.27 -3.60
C LYS A 64 -8.65 -8.41 -5.03
N ARG A 65 -9.58 -8.61 -5.95
CA ARG A 65 -9.24 -8.76 -7.37
C ARG A 65 -9.26 -7.40 -8.07
N LEU A 66 -8.21 -7.13 -8.85
CA LEU A 66 -8.10 -5.87 -9.57
C LEU A 66 -8.37 -6.08 -11.07
N PRO A 67 -8.81 -5.01 -11.75
CA PRO A 67 -9.11 -5.05 -13.18
C PRO A 67 -7.84 -5.20 -14.03
N ASN A 68 -8.03 -5.45 -15.31
CA ASN A 68 -6.90 -5.61 -16.24
C ASN A 68 -6.14 -6.90 -15.94
N ASN A 69 -6.87 -7.91 -15.46
CA ASN A 69 -6.26 -9.20 -15.14
C ASN A 69 -5.16 -9.03 -14.09
N HIS A 70 -5.35 -8.07 -13.19
CA HIS A 70 -4.38 -7.81 -12.13
C HIS A 70 -5.00 -8.07 -10.75
N ILE A 71 -4.14 -8.18 -9.75
CA ILE A 71 -4.60 -8.42 -8.39
C ILE A 71 -3.73 -7.69 -7.37
N GLY A 72 -4.37 -7.14 -6.34
CA GLY A 72 -3.65 -6.42 -5.31
C GLY A 72 -4.32 -6.50 -3.96
N ILE A 73 -3.59 -6.12 -2.91
CA ILE A 73 -4.13 -6.16 -1.56
C ILE A 73 -4.60 -4.76 -1.11
N SER A 74 -5.49 -4.74 -0.14
CA SER A 74 -6.02 -3.47 0.37
C SER A 74 -5.95 -3.42 1.89
N PHE A 75 -5.20 -2.47 2.41
CA PHE A 75 -5.03 -2.32 3.86
C PHE A 75 -4.71 -0.87 4.22
N ILE A 76 -5.02 -0.50 5.46
CA ILE A 76 -4.77 0.87 5.93
C ILE A 76 -3.49 0.92 6.77
N PRO A 77 -2.40 1.37 6.15
CA PRO A 77 -1.10 1.48 6.82
C PRO A 77 -1.08 2.60 7.86
N ARG A 78 -0.77 2.23 9.10
CA ARG A 78 -0.73 3.20 10.19
C ARG A 78 0.67 3.80 10.32
N GLU A 79 1.68 2.98 10.08
CA GLU A 79 3.07 3.42 10.17
C GLU A 79 3.72 3.46 8.80
N VAL A 80 4.73 4.32 8.65
CA VAL A 80 5.44 4.45 7.38
C VAL A 80 6.80 3.77 7.45
N GLY A 81 7.22 3.16 6.34
CA GLY A 81 8.49 2.49 6.29
C GLY A 81 8.47 1.23 5.43
N GLU A 82 9.04 0.15 5.94
CA GLU A 82 9.08 -1.11 5.22
C GLU A 82 8.14 -2.13 5.86
N HIS A 83 7.01 -2.38 5.18
CA HIS A 83 6.03 -3.34 5.68
C HIS A 83 6.19 -4.69 4.99
N LEU A 84 5.98 -5.76 5.76
CA LEU A 84 6.10 -7.11 5.22
C LEU A 84 4.73 -7.80 5.17
N VAL A 85 4.27 -8.10 3.97
CA VAL A 85 2.98 -8.75 3.78
C VAL A 85 3.15 -10.27 3.68
N SER A 86 2.55 -10.99 4.62
CA SER A 86 2.63 -12.45 4.63
C SER A 86 1.51 -13.08 3.81
N ILE A 87 1.88 -13.60 2.64
CA ILE A 87 0.91 -14.23 1.75
C ILE A 87 1.18 -15.72 1.60
N LYS A 88 0.22 -16.54 2.01
CA LYS A 88 0.35 -17.99 1.92
C LYS A 88 -0.94 -18.62 1.40
N LYS A 89 -0.89 -19.92 1.14
CA LYS A 89 -2.05 -20.65 0.65
C LYS A 89 -2.33 -21.89 1.51
N ASN A 90 -3.38 -21.81 2.32
CA ASN A 90 -3.75 -22.92 3.19
C ASN A 90 -2.63 -23.24 4.17
N GLY A 91 -1.82 -22.23 4.49
CA GLY A 91 -0.72 -22.42 5.42
C GLY A 91 0.59 -22.71 4.71
N ASN A 92 0.65 -22.38 3.43
CA ASN A 92 1.85 -22.61 2.63
C ASN A 92 2.24 -21.35 1.85
N HIS A 93 3.21 -20.61 2.39
CA HIS A 93 3.67 -19.38 1.75
C HIS A 93 3.65 -19.53 0.23
N VAL A 94 3.32 -18.44 -0.46
CA VAL A 94 3.27 -18.43 -1.91
C VAL A 94 4.44 -17.64 -2.51
N ALA A 95 4.52 -17.64 -3.84
CA ALA A 95 5.58 -16.93 -4.52
C ALA A 95 5.48 -15.43 -4.29
N ASN A 96 6.62 -14.75 -4.29
CA ASN A 96 6.66 -13.30 -4.08
C ASN A 96 6.11 -12.96 -2.69
N SER A 97 6.28 -13.87 -1.75
CA SER A 97 5.80 -13.66 -0.39
C SER A 97 6.88 -14.02 0.63
N PRO A 98 6.97 -13.22 1.70
CA PRO A 98 6.09 -12.06 1.90
C PRO A 98 6.38 -10.93 0.92
N VAL A 99 5.40 -10.06 0.71
CA VAL A 99 5.55 -8.94 -0.21
C VAL A 99 6.11 -7.71 0.51
N SER A 100 7.14 -7.11 -0.07
CA SER A 100 7.76 -5.93 0.51
C SER A 100 7.09 -4.65 0.01
N ILE A 101 6.49 -3.90 0.94
CA ILE A 101 5.81 -2.66 0.60
C ILE A 101 6.48 -1.47 1.26
N MET A 102 6.49 -0.33 0.57
CA MET A 102 7.10 0.88 1.09
C MET A 102 6.03 1.95 1.34
N VAL A 103 5.93 2.38 2.60
CA VAL A 103 4.97 3.40 2.98
C VAL A 103 5.66 4.70 3.38
N VAL A 104 5.03 5.83 3.04
CA VAL A 104 5.59 7.13 3.35
C VAL A 104 4.51 8.20 3.42
N GLN A 105 4.67 9.14 4.33
CA GLN A 105 3.69 10.22 4.50
C GLN A 105 3.84 11.26 3.38
N SER A 106 2.70 11.70 2.83
CA SER A 106 2.72 12.69 1.76
C SER A 106 3.42 13.96 2.21
N GLU A 107 4.32 14.46 1.36
CA GLU A 107 5.06 15.68 1.66
C GLU A 107 4.64 16.82 0.74
N ILE A 108 3.72 17.65 1.22
CA ILE A 108 3.24 18.78 0.46
C ILE A 108 4.39 19.68 0.01
N GLY A 109 5.14 20.18 0.98
CA GLY A 109 6.27 21.05 0.68
C GLY A 109 5.83 22.47 0.39
N ASP A 110 6.77 23.28 -0.09
CA ASP A 110 6.47 24.68 -0.40
C ASP A 110 5.34 24.78 -1.42
N SER A 111 4.12 24.98 -0.93
CA SER A 111 2.96 25.10 -1.80
C SER A 111 2.50 26.55 -1.90
N GLY A 112 2.54 27.09 -3.11
CA GLY A 112 2.13 28.47 -3.32
C GLY A 112 3.30 29.43 -3.38
N PRO A 113 4.03 29.42 -4.50
CA PRO A 113 5.19 30.29 -4.70
C PRO A 113 4.81 31.75 -4.84
N SER A 114 3.52 32.00 -5.06
CA SER A 114 3.02 33.36 -5.22
C SER A 114 2.13 33.76 -4.04
N SER A 115 2.33 34.98 -3.56
CA SER A 115 1.56 35.48 -2.43
C SER A 115 0.66 36.65 -2.86
N GLY A 116 -0.64 36.48 -2.64
CA GLY A 116 -1.59 37.53 -3.01
C GLY A 116 -1.21 38.21 -4.31
N GLY A 1 0.43 34.54 10.98
CA GLY A 1 -0.56 34.26 12.01
C GLY A 1 -1.94 34.02 11.42
N SER A 2 -2.45 34.99 10.70
CA SER A 2 -3.78 34.89 10.09
C SER A 2 -3.79 33.85 8.98
N SER A 3 -4.55 32.78 9.19
CA SER A 3 -4.64 31.70 8.20
C SER A 3 -5.69 32.03 7.14
N GLY A 4 -5.33 31.80 5.87
CA GLY A 4 -6.24 32.08 4.79
C GLY A 4 -7.22 30.94 4.54
N SER A 5 -6.85 30.04 3.63
CA SER A 5 -7.71 28.90 3.31
C SER A 5 -6.88 27.75 2.73
N SER A 6 -7.52 26.60 2.55
CA SER A 6 -6.85 25.43 2.02
C SER A 6 -7.54 24.93 0.75
N GLY A 7 -6.92 25.21 -0.40
CA GLY A 7 -7.50 24.78 -1.66
C GLY A 7 -6.45 24.64 -2.75
N ILE A 8 -6.26 23.42 -3.23
CA ILE A 8 -5.28 23.16 -4.29
C ILE A 8 -5.83 23.54 -5.66
N PRO A 9 -4.95 24.05 -6.52
CA PRO A 9 -5.32 24.47 -7.88
C PRO A 9 -5.66 23.29 -8.78
N GLY A 10 -6.73 23.42 -9.56
CA GLY A 10 -7.14 22.35 -10.44
C GLY A 10 -7.22 21.02 -9.75
N SER A 11 -7.53 19.97 -10.51
CA SER A 11 -7.65 18.62 -9.95
C SER A 11 -6.28 18.10 -9.52
N PRO A 12 -6.28 17.24 -8.49
CA PRO A 12 -5.04 16.64 -7.96
C PRO A 12 -4.43 15.64 -8.93
N PHE A 13 -5.27 15.04 -9.77
CA PHE A 13 -4.81 14.06 -10.74
C PHE A 13 -4.08 14.73 -11.91
N THR A 14 -3.01 14.10 -12.37
CA THR A 14 -2.23 14.64 -13.47
C THR A 14 -1.39 13.56 -14.13
N ALA A 15 -1.05 13.76 -15.40
CA ALA A 15 -0.25 12.80 -16.15
C ALA A 15 0.48 13.47 -17.30
N LYS A 16 1.76 13.15 -17.45
CA LYS A 16 2.57 13.73 -18.52
C LYS A 16 3.35 12.64 -19.26
N ILE A 17 3.66 12.90 -20.52
CA ILE A 17 4.41 11.95 -21.34
C ILE A 17 5.73 11.56 -20.67
N THR A 18 6.20 12.43 -19.79
CA THR A 18 7.46 12.18 -19.08
C THR A 18 7.20 11.53 -17.72
N ASP A 19 7.36 10.21 -17.67
CA ASP A 19 7.15 9.47 -16.43
C ASP A 19 8.20 9.84 -15.39
N ASP A 20 7.94 9.46 -14.14
CA ASP A 20 8.86 9.75 -13.05
C ASP A 20 9.69 8.52 -12.69
N SER A 21 9.01 7.39 -12.50
CA SER A 21 9.68 6.15 -12.15
C SER A 21 10.20 6.20 -10.72
N ARG A 22 9.49 6.91 -9.86
CA ARG A 22 9.88 7.05 -8.46
C ARG A 22 10.55 5.77 -7.96
N ARG A 23 11.46 5.92 -7.00
CA ARG A 23 12.18 4.78 -6.44
C ARG A 23 11.35 4.10 -5.37
N CYS A 24 10.98 4.85 -4.34
CA CYS A 24 10.19 4.31 -3.25
C CYS A 24 8.69 4.48 -3.52
N SER A 25 7.90 3.51 -3.07
CA SER A 25 6.46 3.55 -3.28
C SER A 25 5.80 4.55 -2.35
N GLN A 26 4.97 5.43 -2.91
CA GLN A 26 4.28 6.45 -2.13
C GLN A 26 2.86 5.99 -1.78
N VAL A 27 2.52 6.09 -0.50
CA VAL A 27 1.19 5.69 -0.04
C VAL A 27 0.65 6.68 0.98
N LYS A 28 -0.67 6.74 1.11
CA LYS A 28 -1.32 7.64 2.05
C LYS A 28 -1.50 6.97 3.41
N LEU A 29 -0.87 7.52 4.43
CA LEU A 29 -0.96 6.97 5.78
C LEU A 29 -2.34 7.24 6.37
N GLY A 30 -2.91 6.23 7.03
CA GLY A 30 -4.22 6.37 7.64
C GLY A 30 -5.34 6.32 6.62
N SER A 31 -5.04 5.77 5.44
CA SER A 31 -6.04 5.66 4.37
C SER A 31 -5.79 4.42 3.52
N ALA A 32 -6.86 3.69 3.23
CA ALA A 32 -6.76 2.48 2.43
C ALA A 32 -6.08 2.77 1.09
N ALA A 33 -5.07 1.97 0.77
CA ALA A 33 -4.33 2.13 -0.47
C ALA A 33 -4.15 0.79 -1.18
N ASP A 34 -4.53 0.74 -2.46
CA ASP A 34 -4.40 -0.49 -3.24
C ASP A 34 -2.94 -0.73 -3.63
N PHE A 35 -2.61 -1.98 -3.91
CA PHE A 35 -1.25 -2.36 -4.29
C PHE A 35 -1.27 -3.38 -5.42
N LEU A 36 -0.71 -2.99 -6.56
CA LEU A 36 -0.65 -3.87 -7.72
C LEU A 36 0.59 -4.76 -7.67
N LEU A 37 0.37 -6.06 -7.56
CA LEU A 37 1.47 -7.02 -7.51
C LEU A 37 1.29 -8.11 -8.56
N ASP A 38 2.40 -8.54 -9.15
CA ASP A 38 2.37 -9.58 -10.17
C ASP A 38 2.53 -10.96 -9.54
N ILE A 39 1.42 -11.68 -9.38
CA ILE A 39 1.45 -13.01 -8.80
C ILE A 39 0.76 -14.02 -9.70
N SER A 40 1.31 -15.23 -9.76
CA SER A 40 0.74 -16.29 -10.58
C SER A 40 -0.36 -17.03 -9.84
N GLU A 41 -1.01 -16.34 -8.91
CA GLU A 41 -2.09 -16.94 -8.14
C GLU A 41 -3.36 -16.10 -8.23
N THR A 42 -4.43 -16.71 -8.73
CA THR A 42 -5.70 -16.02 -8.87
C THR A 42 -6.66 -16.38 -7.74
N ASP A 43 -6.49 -17.58 -7.19
CA ASP A 43 -7.34 -18.05 -6.10
C ASP A 43 -7.18 -17.15 -4.88
N LEU A 44 -8.19 -16.32 -4.62
CA LEU A 44 -8.17 -15.42 -3.47
C LEU A 44 -8.27 -16.19 -2.16
N SER A 45 -9.43 -16.83 -1.96
CA SER A 45 -9.66 -17.61 -0.75
C SER A 45 -8.46 -18.49 -0.43
N SER A 46 -8.01 -19.26 -1.42
CA SER A 46 -6.88 -20.16 -1.24
C SER A 46 -5.71 -19.42 -0.58
N LEU A 47 -5.51 -18.17 -0.98
CA LEU A 47 -4.42 -17.37 -0.44
C LEU A 47 -4.88 -16.63 0.82
N THR A 48 -3.92 -16.25 1.66
CA THR A 48 -4.20 -15.53 2.89
C THR A 48 -3.61 -14.13 2.88
N ALA A 49 -4.27 -13.20 3.55
CA ALA A 49 -3.80 -11.83 3.62
C ALA A 49 -3.46 -11.43 5.05
N SER A 50 -2.22 -11.00 5.26
CA SER A 50 -1.76 -10.59 6.58
C SER A 50 -0.65 -9.56 6.48
N ILE A 51 -0.70 -8.56 7.35
CA ILE A 51 0.31 -7.50 7.37
C ILE A 51 0.69 -7.12 8.80
N LYS A 52 1.96 -6.83 9.01
CA LYS A 52 2.46 -6.45 10.32
C LYS A 52 3.51 -5.35 10.20
N ALA A 53 3.11 -4.12 10.56
CA ALA A 53 4.03 -2.99 10.50
C ALA A 53 5.39 -3.35 11.06
N PRO A 54 6.38 -2.46 10.86
CA PRO A 54 7.75 -2.66 11.34
C PRO A 54 7.84 -2.57 12.86
N SER A 55 6.84 -1.96 13.48
CA SER A 55 6.82 -1.81 14.93
C SER A 55 5.96 -2.89 15.58
N GLY A 56 5.56 -3.87 14.78
CA GLY A 56 4.75 -4.96 15.29
C GLY A 56 3.28 -4.60 15.35
N ARG A 57 2.89 -3.56 14.63
CA ARG A 57 1.51 -3.10 14.60
C ARG A 57 0.72 -3.80 13.48
N ASP A 58 -0.24 -4.62 13.87
CA ASP A 58 -1.05 -5.35 12.90
C ASP A 58 -2.03 -4.41 12.20
N GLU A 59 -2.16 -4.58 10.88
CA GLU A 59 -3.05 -3.74 10.09
C GLU A 59 -4.10 -4.60 9.37
N PRO A 60 -5.32 -4.06 9.26
CA PRO A 60 -6.43 -4.74 8.59
C PRO A 60 -6.23 -4.85 7.09
N CYS A 61 -5.64 -5.95 6.64
CA CYS A 61 -5.40 -6.16 5.22
C CYS A 61 -6.44 -7.10 4.62
N LEU A 62 -6.82 -6.83 3.38
CA LEU A 62 -7.81 -7.65 2.69
C LEU A 62 -7.46 -7.81 1.22
N LEU A 63 -7.34 -9.05 0.77
CA LEU A 63 -7.01 -9.35 -0.62
C LEU A 63 -8.26 -9.31 -1.50
N LYS A 64 -8.15 -8.67 -2.66
CA LYS A 64 -9.26 -8.57 -3.59
C LYS A 64 -8.78 -8.70 -5.03
N ARG A 65 -9.71 -9.02 -5.93
CA ARG A 65 -9.38 -9.18 -7.34
C ARG A 65 -9.40 -7.83 -8.06
N LEU A 66 -8.36 -7.58 -8.85
CA LEU A 66 -8.26 -6.33 -9.59
C LEU A 66 -8.56 -6.53 -11.08
N PRO A 67 -9.01 -5.47 -11.75
CA PRO A 67 -9.33 -5.51 -13.18
C PRO A 67 -8.10 -5.67 -14.06
N ASN A 68 -8.32 -6.01 -15.32
CA ASN A 68 -7.21 -6.19 -16.26
C ASN A 68 -6.43 -7.46 -15.94
N ASN A 69 -7.11 -8.44 -15.36
CA ASN A 69 -6.48 -9.71 -15.00
C ASN A 69 -5.33 -9.48 -14.01
N HIS A 70 -5.60 -8.70 -12.97
CA HIS A 70 -4.60 -8.40 -11.96
C HIS A 70 -5.19 -8.56 -10.56
N ILE A 71 -4.32 -8.62 -9.55
CA ILE A 71 -4.75 -8.76 -8.17
C ILE A 71 -3.86 -7.96 -7.23
N GLY A 72 -4.45 -7.39 -6.19
CA GLY A 72 -3.70 -6.61 -5.23
C GLY A 72 -4.29 -6.67 -3.84
N ILE A 73 -3.53 -6.21 -2.86
CA ILE A 73 -3.98 -6.22 -1.47
C ILE A 73 -4.54 -4.85 -1.07
N SER A 74 -5.50 -4.86 -0.16
CA SER A 74 -6.12 -3.63 0.31
C SER A 74 -6.06 -3.53 1.84
N PHE A 75 -5.30 -2.56 2.33
CA PHE A 75 -5.16 -2.36 3.77
C PHE A 75 -4.89 -0.89 4.08
N ILE A 76 -4.99 -0.54 5.37
CA ILE A 76 -4.77 0.83 5.81
C ILE A 76 -3.50 0.93 6.65
N PRO A 77 -2.42 1.42 6.03
CA PRO A 77 -1.13 1.59 6.71
C PRO A 77 -1.16 2.70 7.76
N ARG A 78 -0.62 2.41 8.94
CA ARG A 78 -0.59 3.38 10.02
C ARG A 78 0.82 3.93 10.22
N GLU A 79 1.82 3.08 9.98
CA GLU A 79 3.21 3.48 10.14
C GLU A 79 3.94 3.46 8.79
N VAL A 80 4.95 4.31 8.66
CA VAL A 80 5.72 4.39 7.43
C VAL A 80 7.05 3.64 7.55
N GLY A 81 7.44 2.98 6.47
CA GLY A 81 8.68 2.22 6.48
C GLY A 81 8.61 0.98 5.62
N GLU A 82 9.21 -0.10 6.09
CA GLU A 82 9.22 -1.36 5.35
C GLU A 82 8.19 -2.33 5.93
N HIS A 83 7.08 -2.51 5.21
CA HIS A 83 6.02 -3.41 5.65
C HIS A 83 6.14 -4.77 4.95
N LEU A 84 5.89 -5.83 5.70
CA LEU A 84 5.97 -7.18 5.16
C LEU A 84 4.61 -7.86 5.19
N VAL A 85 4.06 -8.14 4.01
CA VAL A 85 2.75 -8.80 3.91
C VAL A 85 2.91 -10.31 3.81
N SER A 86 2.36 -11.02 4.79
CA SER A 86 2.43 -12.47 4.82
C SER A 86 1.37 -13.09 3.92
N ILE A 87 1.80 -13.61 2.78
CA ILE A 87 0.88 -14.23 1.82
C ILE A 87 1.21 -15.71 1.64
N LYS A 88 0.33 -16.57 2.13
CA LYS A 88 0.51 -18.01 2.02
C LYS A 88 -0.74 -18.68 1.44
N LYS A 89 -0.62 -19.95 1.11
CA LYS A 89 -1.74 -20.71 0.56
C LYS A 89 -2.03 -21.95 1.40
N ASN A 90 -3.13 -21.90 2.15
CA ASN A 90 -3.53 -23.01 3.00
C ASN A 90 -2.46 -23.30 4.05
N GLY A 91 -1.70 -22.27 4.41
CA GLY A 91 -0.65 -22.43 5.40
C GLY A 91 0.71 -22.69 4.78
N ASN A 92 0.83 -22.38 3.48
CA ASN A 92 2.08 -22.58 2.77
C ASN A 92 2.47 -21.33 2.00
N HIS A 93 3.38 -20.54 2.57
CA HIS A 93 3.84 -19.32 1.93
C HIS A 93 3.87 -19.46 0.41
N VAL A 94 3.41 -18.43 -0.29
CA VAL A 94 3.38 -18.45 -1.75
C VAL A 94 4.56 -17.66 -2.33
N ALA A 95 4.64 -17.63 -3.65
CA ALA A 95 5.72 -16.92 -4.33
C ALA A 95 5.60 -15.41 -4.09
N ASN A 96 6.75 -14.75 -4.02
CA ASN A 96 6.79 -13.30 -3.81
C ASN A 96 6.19 -12.95 -2.45
N SER A 97 6.29 -13.88 -1.50
CA SER A 97 5.74 -13.66 -0.17
C SER A 97 6.78 -13.99 0.90
N PRO A 98 6.80 -13.19 1.98
CA PRO A 98 5.88 -12.05 2.14
C PRO A 98 6.18 -10.92 1.15
N VAL A 99 5.17 -10.13 0.85
CA VAL A 99 5.33 -9.01 -0.08
C VAL A 99 5.99 -7.82 0.61
N SER A 100 7.06 -7.31 0.00
CA SER A 100 7.78 -6.18 0.57
C SER A 100 7.24 -4.86 0.01
N ILE A 101 6.69 -4.04 0.90
CA ILE A 101 6.13 -2.75 0.51
C ILE A 101 6.78 -1.62 1.29
N MET A 102 6.84 -0.44 0.66
CA MET A 102 7.44 0.72 1.31
C MET A 102 6.38 1.80 1.57
N VAL A 103 6.15 2.10 2.85
CA VAL A 103 5.16 3.10 3.24
C VAL A 103 5.84 4.41 3.63
N VAL A 104 5.35 5.51 3.07
CA VAL A 104 5.89 6.83 3.36
C VAL A 104 4.79 7.85 3.61
N GLN A 105 5.09 8.85 4.43
CA GLN A 105 4.12 9.89 4.75
C GLN A 105 3.89 10.81 3.57
N SER A 106 2.69 10.72 2.98
CA SER A 106 2.35 11.55 1.83
C SER A 106 2.33 13.03 2.21
N GLU A 107 2.69 13.88 1.25
CA GLU A 107 2.72 15.32 1.48
C GLU A 107 1.87 16.05 0.45
N ILE A 108 0.82 16.73 0.93
CA ILE A 108 -0.07 17.47 0.04
C ILE A 108 0.09 18.98 0.24
N GLY A 109 -0.11 19.44 1.47
CA GLY A 109 0.03 20.85 1.77
C GLY A 109 1.32 21.18 2.49
N ASP A 110 1.20 21.49 3.78
CA ASP A 110 2.36 21.82 4.59
C ASP A 110 3.11 23.01 4.01
N SER A 111 2.36 23.97 3.48
CA SER A 111 2.96 25.16 2.89
C SER A 111 3.33 26.18 3.95
N GLY A 112 2.91 25.91 5.19
CA GLY A 112 3.21 26.81 6.29
C GLY A 112 2.39 28.09 6.22
N PRO A 113 2.89 29.15 6.88
CA PRO A 113 2.22 30.44 6.92
C PRO A 113 2.25 31.16 5.56
N SER A 114 3.21 30.76 4.72
CA SER A 114 3.35 31.35 3.39
C SER A 114 2.22 30.90 2.47
N SER A 115 1.61 31.86 1.78
CA SER A 115 0.51 31.57 0.87
C SER A 115 0.96 31.73 -0.58
N GLY A 116 0.57 30.77 -1.42
CA GLY A 116 0.93 30.83 -2.82
C GLY A 116 1.30 29.46 -3.38
N GLY A 1 -37.74 -15.16 -19.99
CA GLY A 1 -36.89 -16.25 -19.53
C GLY A 1 -35.51 -16.20 -20.13
N SER A 2 -34.50 -16.51 -19.32
CA SER A 2 -33.12 -16.49 -19.78
C SER A 2 -32.39 -17.76 -19.33
N SER A 3 -31.42 -18.19 -20.14
CA SER A 3 -30.65 -19.39 -19.83
C SER A 3 -29.36 -19.42 -20.64
N GLY A 4 -28.36 -20.12 -20.11
CA GLY A 4 -27.09 -20.22 -20.79
C GLY A 4 -26.14 -21.20 -20.13
N SER A 5 -24.95 -21.36 -20.70
CA SER A 5 -23.96 -22.29 -20.15
C SER A 5 -22.83 -21.53 -19.47
N SER A 6 -21.98 -22.25 -18.76
CA SER A 6 -20.85 -21.65 -18.05
C SER A 6 -19.54 -22.28 -18.48
N GLY A 7 -18.44 -21.76 -17.94
CA GLY A 7 -17.13 -22.28 -18.28
C GLY A 7 -16.08 -21.19 -18.36
N ILE A 8 -15.40 -20.92 -17.26
CA ILE A 8 -14.37 -19.90 -17.22
C ILE A 8 -13.50 -19.95 -18.47
N PRO A 9 -13.02 -18.77 -18.90
CA PRO A 9 -12.17 -18.65 -20.08
C PRO A 9 -10.78 -19.25 -19.87
N GLY A 10 -9.86 -18.95 -20.79
CA GLY A 10 -8.51 -19.46 -20.67
C GLY A 10 -7.48 -18.54 -21.29
N SER A 11 -7.37 -17.33 -20.74
CA SER A 11 -6.42 -16.34 -21.26
C SER A 11 -5.15 -17.03 -21.75
N PRO A 12 -4.59 -16.52 -22.86
CA PRO A 12 -3.38 -17.06 -23.45
C PRO A 12 -2.14 -16.78 -22.61
N PHE A 13 -1.98 -15.52 -22.21
CA PHE A 13 -0.84 -15.13 -21.38
C PHE A 13 0.46 -15.13 -22.20
N THR A 14 0.32 -14.96 -23.51
CA THR A 14 1.47 -14.95 -24.41
C THR A 14 2.05 -13.55 -24.54
N ALA A 15 1.28 -12.55 -24.11
CA ALA A 15 1.72 -11.17 -24.18
C ALA A 15 1.77 -10.54 -22.79
N LYS A 16 2.87 -9.83 -22.51
CA LYS A 16 3.05 -9.19 -21.21
C LYS A 16 4.04 -8.03 -21.31
N ILE A 17 3.86 -7.02 -20.47
CA ILE A 17 4.73 -5.86 -20.48
C ILE A 17 4.86 -5.28 -19.07
N THR A 18 6.08 -5.30 -18.54
CA THR A 18 6.34 -4.76 -17.21
C THR A 18 7.50 -3.79 -17.21
N ASP A 19 7.44 -2.78 -16.34
CA ASP A 19 8.50 -1.78 -16.25
C ASP A 19 9.35 -2.01 -15.01
N ASP A 20 10.57 -1.48 -15.04
CA ASP A 20 11.50 -1.62 -13.91
C ASP A 20 10.96 -0.90 -12.67
N SER A 21 10.82 -1.65 -11.58
CA SER A 21 10.31 -1.08 -10.34
C SER A 21 11.41 -0.36 -9.58
N ARG A 22 12.23 0.41 -10.31
CA ARG A 22 13.32 1.15 -9.70
C ARG A 22 12.83 2.48 -9.12
N ARG A 23 11.65 2.45 -8.51
CA ARG A 23 11.07 3.65 -7.92
C ARG A 23 10.12 3.29 -6.79
N CYS A 24 10.43 3.76 -5.59
CA CYS A 24 9.60 3.48 -4.43
C CYS A 24 8.12 3.77 -4.72
N SER A 25 7.25 3.34 -3.82
CA SER A 25 5.82 3.54 -3.99
C SER A 25 5.27 4.45 -2.89
N GLN A 26 4.80 5.63 -3.28
CA GLN A 26 4.25 6.59 -2.33
C GLN A 26 2.81 6.23 -1.97
N VAL A 27 2.57 5.97 -0.69
CA VAL A 27 1.24 5.63 -0.21
C VAL A 27 0.71 6.66 0.78
N LYS A 28 -0.61 6.72 0.93
CA LYS A 28 -1.23 7.65 1.85
C LYS A 28 -1.46 7.01 3.21
N LEU A 29 -0.56 7.29 4.15
CA LEU A 29 -0.65 6.73 5.50
C LEU A 29 -2.01 7.08 6.12
N GLY A 30 -2.59 6.12 6.84
CA GLY A 30 -3.87 6.33 7.47
C GLY A 30 -5.01 6.45 6.48
N SER A 31 -4.83 5.81 5.32
CA SER A 31 -5.85 5.85 4.27
C SER A 31 -5.76 4.61 3.39
N ALA A 32 -6.84 3.84 3.34
CA ALA A 32 -6.88 2.63 2.53
C ALA A 32 -6.21 2.85 1.17
N ALA A 33 -5.31 1.96 0.82
CA ALA A 33 -4.59 2.05 -0.45
C ALA A 33 -4.42 0.68 -1.09
N ASP A 34 -4.64 0.61 -2.40
CA ASP A 34 -4.50 -0.65 -3.12
C ASP A 34 -3.07 -0.83 -3.62
N PHE A 35 -2.63 -2.08 -3.69
CA PHE A 35 -1.28 -2.39 -4.14
C PHE A 35 -1.31 -3.43 -5.26
N LEU A 36 -0.35 -3.34 -6.18
CA LEU A 36 -0.27 -4.27 -7.30
C LEU A 36 0.99 -5.13 -7.20
N LEU A 37 0.81 -6.38 -6.78
CA LEU A 37 1.93 -7.31 -6.64
C LEU A 37 1.93 -8.34 -7.76
N ASP A 38 3.11 -8.65 -8.27
CA ASP A 38 3.24 -9.63 -9.35
C ASP A 38 3.27 -11.05 -8.78
N ILE A 39 2.16 -11.75 -8.92
CA ILE A 39 2.06 -13.13 -8.43
C ILE A 39 1.40 -14.03 -9.47
N SER A 40 1.82 -15.29 -9.49
CA SER A 40 1.29 -16.26 -10.43
C SER A 40 0.11 -17.03 -9.82
N GLU A 41 -0.67 -16.33 -9.00
CA GLU A 41 -1.82 -16.94 -8.34
C GLU A 41 -3.09 -16.12 -8.58
N THR A 42 -4.08 -16.74 -9.20
CA THR A 42 -5.34 -16.06 -9.48
C THR A 42 -6.30 -16.16 -8.31
N ASP A 43 -6.47 -17.39 -7.80
CA ASP A 43 -7.37 -17.62 -6.68
C ASP A 43 -7.25 -16.50 -5.64
N LEU A 44 -8.32 -16.28 -4.89
CA LEU A 44 -8.33 -15.25 -3.87
C LEU A 44 -8.52 -15.84 -2.48
N SER A 45 -9.56 -16.66 -2.33
CA SER A 45 -9.85 -17.30 -1.05
C SER A 45 -8.75 -18.29 -0.68
N SER A 46 -8.28 -19.05 -1.67
CA SER A 46 -7.23 -20.04 -1.44
C SER A 46 -5.97 -19.37 -0.90
N LEU A 47 -5.83 -18.07 -1.15
CA LEU A 47 -4.67 -17.31 -0.68
C LEU A 47 -4.97 -16.62 0.64
N THR A 48 -3.92 -16.24 1.35
CA THR A 48 -4.05 -15.56 2.63
C THR A 48 -3.47 -14.15 2.58
N ALA A 49 -4.01 -13.26 3.40
CA ALA A 49 -3.53 -11.88 3.45
C ALA A 49 -3.17 -11.48 4.88
N SER A 50 -1.94 -11.00 5.06
CA SER A 50 -1.48 -10.58 6.38
C SER A 50 -0.42 -9.49 6.26
N ILE A 51 -0.51 -8.49 7.13
CA ILE A 51 0.44 -7.39 7.12
C ILE A 51 0.79 -6.95 8.55
N LYS A 52 2.07 -6.68 8.77
CA LYS A 52 2.54 -6.25 10.08
C LYS A 52 3.55 -5.11 9.96
N ALA A 53 3.24 -3.98 10.58
CA ALA A 53 4.12 -2.81 10.54
C ALA A 53 5.47 -3.13 11.17
N PRO A 54 6.45 -2.25 10.93
CA PRO A 54 7.81 -2.42 11.46
C PRO A 54 7.85 -2.22 12.98
N SER A 55 6.77 -1.71 13.55
CA SER A 55 6.69 -1.47 14.99
C SER A 55 5.94 -2.60 15.69
N GLY A 56 5.67 -3.66 14.95
CA GLY A 56 4.96 -4.80 15.50
C GLY A 56 3.47 -4.54 15.65
N ARG A 57 2.95 -3.64 14.82
CA ARG A 57 1.53 -3.30 14.85
C ARG A 57 0.80 -3.90 13.66
N ASP A 58 -0.03 -4.90 13.91
CA ASP A 58 -0.79 -5.56 12.85
C ASP A 58 -1.78 -4.58 12.22
N GLU A 59 -2.18 -4.88 10.99
CA GLU A 59 -3.13 -4.04 10.28
C GLU A 59 -4.16 -4.89 9.52
N PRO A 60 -5.41 -4.41 9.49
CA PRO A 60 -6.50 -5.10 8.81
C PRO A 60 -6.35 -5.07 7.28
N CYS A 61 -6.02 -6.22 6.71
CA CYS A 61 -5.84 -6.33 5.26
C CYS A 61 -6.91 -7.23 4.65
N LEU A 62 -7.29 -6.91 3.42
CA LEU A 62 -8.31 -7.70 2.72
C LEU A 62 -7.86 -8.01 1.30
N LEU A 63 -8.21 -9.21 0.82
CA LEU A 63 -7.85 -9.64 -0.52
C LEU A 63 -9.01 -9.39 -1.50
N LYS A 64 -8.72 -8.67 -2.58
CA LYS A 64 -9.73 -8.38 -3.59
C LYS A 64 -9.20 -8.69 -4.99
N ARG A 65 -10.07 -8.53 -5.98
CA ARG A 65 -9.70 -8.79 -7.37
C ARG A 65 -9.59 -7.50 -8.16
N LEU A 66 -8.40 -7.19 -8.64
CA LEU A 66 -8.17 -5.97 -9.41
C LEU A 66 -8.47 -6.20 -10.89
N PRO A 67 -8.85 -5.13 -11.59
CA PRO A 67 -9.16 -5.19 -13.03
C PRO A 67 -7.93 -5.42 -13.88
N ASN A 68 -8.13 -5.59 -15.19
CA ASN A 68 -7.03 -5.83 -16.10
C ASN A 68 -6.32 -7.14 -15.79
N ASN A 69 -7.06 -8.07 -15.20
CA ASN A 69 -6.49 -9.38 -14.84
C ASN A 69 -5.39 -9.22 -13.80
N HIS A 70 -5.67 -8.46 -12.75
CA HIS A 70 -4.70 -8.22 -11.69
C HIS A 70 -5.34 -8.41 -10.32
N ILE A 71 -4.51 -8.66 -9.31
CA ILE A 71 -4.99 -8.87 -7.95
C ILE A 71 -4.02 -8.29 -6.93
N GLY A 72 -4.55 -7.65 -5.90
CA GLY A 72 -3.72 -7.07 -4.87
C GLY A 72 -4.35 -7.14 -3.50
N ILE A 73 -3.78 -6.42 -2.54
CA ILE A 73 -4.31 -6.40 -1.17
C ILE A 73 -4.92 -5.05 -0.84
N SER A 74 -5.70 -5.01 0.24
CA SER A 74 -6.36 -3.79 0.66
C SER A 74 -6.26 -3.62 2.17
N PHE A 75 -5.46 -2.64 2.61
CA PHE A 75 -5.27 -2.38 4.02
C PHE A 75 -4.96 -0.90 4.27
N ILE A 76 -4.90 -0.52 5.54
CA ILE A 76 -4.61 0.86 5.91
C ILE A 76 -3.36 0.95 6.77
N PRO A 77 -2.24 1.35 6.16
CA PRO A 77 -0.96 1.48 6.85
C PRO A 77 -0.95 2.65 7.83
N ARG A 78 -0.70 2.35 9.11
CA ARG A 78 -0.67 3.37 10.15
C ARG A 78 0.74 3.94 10.31
N GLU A 79 1.74 3.15 9.92
CA GLU A 79 3.13 3.57 10.03
C GLU A 79 3.79 3.61 8.65
N VAL A 80 4.95 4.25 8.57
CA VAL A 80 5.69 4.36 7.31
C VAL A 80 7.01 3.61 7.39
N GLY A 81 7.35 2.90 6.32
CA GLY A 81 8.59 2.16 6.28
C GLY A 81 8.50 0.92 5.41
N GLU A 82 9.04 -0.19 5.91
CA GLU A 82 9.02 -1.44 5.16
C GLU A 82 7.99 -2.41 5.76
N HIS A 83 6.82 -2.47 5.14
CA HIS A 83 5.76 -3.36 5.61
C HIS A 83 5.86 -4.73 4.95
N LEU A 84 5.93 -5.77 5.77
CA LEU A 84 6.03 -7.14 5.28
C LEU A 84 4.65 -7.79 5.18
N VAL A 85 4.27 -8.17 3.97
CA VAL A 85 2.98 -8.80 3.74
C VAL A 85 3.12 -10.32 3.66
N SER A 86 2.55 -11.03 4.62
CA SER A 86 2.61 -12.48 4.65
C SER A 86 1.51 -13.09 3.80
N ILE A 87 1.90 -13.63 2.65
CA ILE A 87 0.94 -14.25 1.74
C ILE A 87 1.22 -15.75 1.59
N LYS A 88 0.25 -16.57 1.99
CA LYS A 88 0.38 -18.01 1.89
C LYS A 88 -0.88 -18.64 1.31
N LYS A 89 -0.81 -19.94 1.01
CA LYS A 89 -1.94 -20.65 0.45
C LYS A 89 -2.28 -21.89 1.28
N ASN A 90 -3.34 -21.80 2.07
CA ASN A 90 -3.77 -22.90 2.92
C ASN A 90 -2.68 -23.25 3.95
N GLY A 91 -1.90 -22.25 4.33
CA GLY A 91 -0.84 -22.45 5.30
C GLY A 91 0.50 -22.74 4.64
N ASN A 92 0.61 -22.41 3.36
CA ASN A 92 1.85 -22.64 2.63
C ASN A 92 2.27 -21.38 1.87
N HIS A 93 3.27 -20.69 2.41
CA HIS A 93 3.78 -19.47 1.79
C HIS A 93 3.81 -19.60 0.28
N VAL A 94 3.55 -18.50 -0.42
CA VAL A 94 3.56 -18.49 -1.87
C VAL A 94 4.74 -17.69 -2.43
N ALA A 95 4.87 -17.68 -3.74
CA ALA A 95 5.96 -16.96 -4.40
C ALA A 95 5.82 -15.45 -4.18
N ASN A 96 6.94 -14.77 -4.04
CA ASN A 96 6.95 -13.32 -3.83
C ASN A 96 6.35 -12.98 -2.46
N SER A 97 6.51 -13.89 -1.51
CA SER A 97 5.99 -13.67 -0.16
C SER A 97 7.03 -14.04 0.89
N PRO A 98 7.07 -13.26 1.98
CA PRO A 98 6.17 -12.11 2.17
C PRO A 98 6.49 -10.97 1.22
N VAL A 99 5.45 -10.25 0.80
CA VAL A 99 5.62 -9.13 -0.11
C VAL A 99 6.02 -7.86 0.65
N SER A 100 7.20 -7.35 0.33
CA SER A 100 7.71 -6.14 0.98
C SER A 100 7.18 -4.89 0.29
N ILE A 101 6.64 -3.96 1.07
CA ILE A 101 6.10 -2.72 0.53
C ILE A 101 6.70 -1.51 1.24
N MET A 102 6.84 -0.42 0.51
CA MET A 102 7.41 0.81 1.07
C MET A 102 6.30 1.84 1.33
N VAL A 103 6.22 2.31 2.57
CA VAL A 103 5.22 3.29 2.95
C VAL A 103 5.86 4.60 3.39
N VAL A 104 5.38 5.71 2.85
CA VAL A 104 5.92 7.02 3.19
C VAL A 104 4.79 8.03 3.36
N GLN A 105 5.00 8.98 4.28
CA GLN A 105 4.00 10.01 4.54
C GLN A 105 4.11 11.14 3.53
N SER A 106 3.04 11.37 2.77
CA SER A 106 3.02 12.42 1.76
C SER A 106 2.88 13.79 2.40
N GLU A 107 3.43 14.81 1.75
CA GLU A 107 3.36 16.17 2.27
C GLU A 107 2.25 16.96 1.59
N ILE A 108 1.18 16.25 1.21
CA ILE A 108 0.04 16.88 0.55
C ILE A 108 -0.29 18.22 1.19
N GLY A 109 0.02 18.35 2.48
CA GLY A 109 -0.26 19.59 3.19
C GLY A 109 1.00 20.27 3.65
N ASP A 110 1.14 21.55 3.31
CA ASP A 110 2.32 22.33 3.69
C ASP A 110 2.17 22.87 5.10
N SER A 111 1.01 23.49 5.38
CA SER A 111 0.75 24.06 6.69
C SER A 111 -0.12 23.12 7.52
N GLY A 112 -0.19 23.39 8.82
CA GLY A 112 -0.99 22.56 9.71
C GLY A 112 -2.27 23.24 10.14
N PRO A 113 -3.28 22.45 10.51
CA PRO A 113 -4.57 22.95 10.97
C PRO A 113 -4.49 23.63 12.33
N SER A 114 -5.05 24.83 12.41
CA SER A 114 -5.04 25.60 13.66
C SER A 114 -5.35 24.69 14.85
N SER A 115 -6.41 23.91 14.73
CA SER A 115 -6.81 22.99 15.79
C SER A 115 -5.97 21.73 15.78
N GLY A 116 -4.80 21.80 16.43
CA GLY A 116 -3.91 20.66 16.48
C GLY A 116 -3.09 20.61 17.75
N GLY A 1 -18.18 29.32 -21.02
CA GLY A 1 -17.09 29.09 -20.09
C GLY A 1 -16.81 30.29 -19.21
N SER A 2 -16.52 30.03 -17.93
CA SER A 2 -16.24 31.10 -16.98
C SER A 2 -14.76 31.16 -16.67
N SER A 3 -14.16 30.01 -16.40
CA SER A 3 -12.74 29.94 -16.08
C SER A 3 -11.89 30.36 -17.28
N GLY A 4 -12.17 29.77 -18.44
CA GLY A 4 -11.43 30.09 -19.64
C GLY A 4 -9.97 29.71 -19.54
N SER A 5 -9.24 29.85 -20.64
CA SER A 5 -7.82 29.50 -20.68
C SER A 5 -7.12 30.20 -21.83
N SER A 6 -5.99 30.83 -21.54
CA SER A 6 -5.22 31.54 -22.54
C SER A 6 -3.82 30.94 -22.70
N GLY A 7 -3.18 30.67 -21.57
CA GLY A 7 -1.85 30.08 -21.59
C GLY A 7 -1.85 28.62 -21.20
N ILE A 8 -1.36 27.76 -22.11
CA ILE A 8 -1.31 26.33 -21.84
C ILE A 8 -0.08 25.98 -21.00
N PRO A 9 -0.21 24.91 -20.21
CA PRO A 9 0.87 24.43 -19.34
C PRO A 9 2.03 23.83 -20.13
N GLY A 10 3.00 24.66 -20.49
CA GLY A 10 4.15 24.19 -21.24
C GLY A 10 5.46 24.68 -20.67
N SER A 11 6.43 23.79 -20.57
CA SER A 11 7.74 24.13 -20.02
C SER A 11 8.84 23.82 -21.04
N PRO A 12 9.86 24.70 -21.09
CA PRO A 12 10.99 24.56 -22.01
C PRO A 12 11.89 23.39 -21.62
N PHE A 13 11.61 22.78 -20.48
CA PHE A 13 12.40 21.65 -20.00
C PHE A 13 12.38 20.51 -21.00
N THR A 14 13.54 19.91 -21.25
CA THR A 14 13.65 18.81 -22.19
C THR A 14 12.82 17.61 -21.72
N ALA A 15 13.01 17.22 -20.46
CA ALA A 15 12.29 16.10 -19.89
C ALA A 15 11.32 16.55 -18.80
N LYS A 16 10.13 15.97 -18.80
CA LYS A 16 9.11 16.32 -17.81
C LYS A 16 9.26 15.46 -16.56
N ILE A 17 9.22 14.14 -16.74
CA ILE A 17 9.34 13.22 -15.63
C ILE A 17 10.81 12.94 -15.30
N THR A 18 11.11 12.76 -14.01
CA THR A 18 12.47 12.50 -13.57
C THR A 18 13.13 11.44 -14.45
N ASP A 19 14.45 11.48 -14.53
CA ASP A 19 15.21 10.53 -15.32
C ASP A 19 16.18 9.74 -14.46
N ASP A 20 15.71 9.28 -13.30
CA ASP A 20 16.54 8.52 -12.38
C ASP A 20 16.04 7.08 -12.27
N SER A 21 16.93 6.18 -11.84
CA SER A 21 16.57 4.78 -11.70
C SER A 21 16.10 4.48 -10.28
N ARG A 22 15.27 5.37 -9.75
CA ARG A 22 14.74 5.20 -8.39
C ARG A 22 13.48 4.35 -8.41
N ARG A 23 13.43 3.35 -7.52
CA ARG A 23 12.28 2.47 -7.44
C ARG A 23 11.68 2.47 -6.04
N CYS A 24 10.67 3.31 -5.84
CA CYS A 24 10.01 3.42 -4.54
C CYS A 24 8.51 3.66 -4.72
N SER A 25 7.71 2.98 -3.90
CA SER A 25 6.26 3.11 -3.97
C SER A 25 5.78 4.21 -3.03
N GLN A 26 4.68 4.86 -3.40
CA GLN A 26 4.11 5.93 -2.58
C GLN A 26 2.73 5.55 -2.08
N VAL A 27 2.56 5.57 -0.76
CA VAL A 27 1.28 5.23 -0.15
C VAL A 27 0.84 6.29 0.85
N LYS A 28 -0.46 6.39 1.08
CA LYS A 28 -1.00 7.37 2.02
C LYS A 28 -1.33 6.72 3.35
N LEU A 29 -0.82 7.31 4.43
CA LEU A 29 -1.05 6.79 5.78
C LEU A 29 -2.48 7.07 6.22
N GLY A 30 -3.03 6.16 7.03
CA GLY A 30 -4.39 6.34 7.52
C GLY A 30 -5.41 6.36 6.40
N SER A 31 -5.02 5.86 5.23
CA SER A 31 -5.91 5.83 4.07
C SER A 31 -5.73 4.54 3.28
N ALA A 32 -6.80 3.76 3.18
CA ALA A 32 -6.76 2.50 2.44
C ALA A 32 -6.19 2.69 1.05
N ALA A 33 -5.14 1.93 0.73
CA ALA A 33 -4.50 2.02 -0.57
C ALA A 33 -4.35 0.64 -1.21
N ASP A 34 -4.30 0.60 -2.53
CA ASP A 34 -4.16 -0.66 -3.26
C ASP A 34 -2.71 -0.88 -3.67
N PHE A 35 -2.34 -2.15 -3.82
CA PHE A 35 -0.98 -2.50 -4.22
C PHE A 35 -0.99 -3.55 -5.33
N LEU A 36 -0.33 -3.23 -6.44
CA LEU A 36 -0.27 -4.14 -7.57
C LEU A 36 0.97 -5.03 -7.49
N LEU A 37 0.75 -6.30 -7.20
CA LEU A 37 1.85 -7.26 -7.09
C LEU A 37 1.70 -8.40 -8.11
N ASP A 38 2.80 -8.76 -8.76
CA ASP A 38 2.78 -9.82 -9.75
C ASP A 38 2.85 -11.18 -9.08
N ILE A 39 1.69 -11.81 -8.90
CA ILE A 39 1.63 -13.13 -8.26
C ILE A 39 0.90 -14.13 -9.15
N SER A 40 1.51 -15.28 -9.36
CA SER A 40 0.91 -16.33 -10.18
C SER A 40 -0.13 -17.12 -9.40
N GLU A 41 -0.97 -16.41 -8.66
CA GLU A 41 -2.01 -17.05 -7.87
C GLU A 41 -3.33 -16.30 -7.98
N THR A 42 -4.33 -16.95 -8.57
CA THR A 42 -5.65 -16.33 -8.74
C THR A 42 -6.53 -16.58 -7.52
N ASP A 43 -6.84 -17.84 -7.25
CA ASP A 43 -7.67 -18.21 -6.12
C ASP A 43 -7.35 -17.34 -4.90
N LEU A 44 -8.22 -16.38 -4.62
CA LEU A 44 -8.01 -15.48 -3.49
C LEU A 44 -8.17 -16.23 -2.17
N SER A 45 -9.34 -16.83 -1.97
CA SER A 45 -9.61 -17.58 -0.76
C SER A 45 -8.49 -18.57 -0.46
N SER A 46 -8.01 -19.24 -1.49
CA SER A 46 -6.93 -20.21 -1.34
C SER A 46 -5.69 -19.57 -0.72
N LEU A 47 -5.52 -18.28 -0.96
CA LEU A 47 -4.39 -17.54 -0.42
C LEU A 47 -4.74 -16.88 0.91
N THR A 48 -3.74 -16.29 1.54
CA THR A 48 -3.95 -15.62 2.82
C THR A 48 -3.48 -14.17 2.77
N ALA A 49 -4.06 -13.33 3.62
CA ALA A 49 -3.69 -11.92 3.67
C ALA A 49 -3.30 -11.49 5.08
N SER A 50 -2.06 -11.03 5.25
CA SER A 50 -1.57 -10.60 6.54
C SER A 50 -0.50 -9.52 6.38
N ILE A 51 -0.56 -8.51 7.24
CA ILE A 51 0.40 -7.41 7.20
C ILE A 51 0.77 -6.96 8.60
N LYS A 52 2.05 -6.62 8.79
CA LYS A 52 2.54 -6.16 10.08
C LYS A 52 3.53 -5.01 9.92
N ALA A 53 3.33 -3.95 10.69
CA ALA A 53 4.21 -2.79 10.63
C ALA A 53 5.56 -3.09 11.28
N PRO A 54 6.52 -2.17 11.08
CA PRO A 54 7.88 -2.32 11.64
C PRO A 54 7.90 -2.16 13.15
N SER A 55 6.80 -1.64 13.71
CA SER A 55 6.69 -1.43 15.15
C SER A 55 5.93 -2.57 15.81
N GLY A 56 5.70 -3.64 15.05
CA GLY A 56 4.99 -4.79 15.58
C GLY A 56 3.50 -4.54 15.69
N ARG A 57 2.99 -3.62 14.87
CA ARG A 57 1.57 -3.30 14.88
C ARG A 57 0.87 -3.89 13.67
N ASP A 58 0.05 -4.91 13.90
CA ASP A 58 -0.69 -5.57 12.83
C ASP A 58 -1.68 -4.61 12.18
N GLU A 59 -1.89 -4.77 10.87
CA GLU A 59 -2.80 -3.91 10.14
C GLU A 59 -3.83 -4.75 9.37
N PRO A 60 -5.06 -4.24 9.29
CA PRO A 60 -6.15 -4.93 8.59
C PRO A 60 -5.95 -4.93 7.07
N CYS A 61 -5.70 -6.11 6.51
CA CYS A 61 -5.48 -6.24 5.08
C CYS A 61 -6.62 -7.02 4.43
N LEU A 62 -6.88 -6.76 3.16
CA LEU A 62 -7.94 -7.43 2.43
C LEU A 62 -7.55 -7.65 0.97
N LEU A 63 -7.68 -8.88 0.50
CA LEU A 63 -7.33 -9.22 -0.88
C LEU A 63 -8.58 -9.17 -1.77
N LYS A 64 -8.43 -8.58 -2.95
CA LYS A 64 -9.53 -8.48 -3.90
C LYS A 64 -9.03 -8.59 -5.33
N ARG A 65 -9.96 -8.79 -6.26
CA ARG A 65 -9.61 -8.91 -7.67
C ARG A 65 -9.64 -7.55 -8.37
N LEU A 66 -8.47 -7.10 -8.82
CA LEU A 66 -8.36 -5.82 -9.50
C LEU A 66 -9.02 -5.87 -10.87
N PRO A 67 -9.52 -4.71 -11.34
CA PRO A 67 -10.19 -4.60 -12.64
C PRO A 67 -9.22 -4.76 -13.79
N ASN A 68 -8.01 -4.23 -13.63
CA ASN A 68 -6.99 -4.31 -14.66
C ASN A 68 -6.40 -5.72 -14.74
N ASN A 69 -7.25 -6.70 -15.00
CA ASN A 69 -6.81 -8.09 -15.09
C ASN A 69 -5.65 -8.36 -14.13
N HIS A 70 -5.81 -7.92 -12.88
CA HIS A 70 -4.79 -8.12 -11.87
C HIS A 70 -5.42 -8.31 -10.49
N ILE A 71 -4.57 -8.50 -9.48
CA ILE A 71 -5.05 -8.70 -8.12
C ILE A 71 -4.06 -8.11 -7.11
N GLY A 72 -4.57 -7.27 -6.22
CA GLY A 72 -3.72 -6.66 -5.20
C GLY A 72 -4.31 -6.76 -3.81
N ILE A 73 -3.78 -5.97 -2.88
CA ILE A 73 -4.25 -5.98 -1.51
C ILE A 73 -4.76 -4.60 -1.10
N SER A 74 -5.62 -4.57 -0.08
CA SER A 74 -6.18 -3.31 0.41
C SER A 74 -6.10 -3.25 1.93
N PHE A 75 -5.24 -2.38 2.44
CA PHE A 75 -5.08 -2.22 3.88
C PHE A 75 -4.75 -0.77 4.23
N ILE A 76 -4.97 -0.41 5.49
CA ILE A 76 -4.70 0.94 5.95
C ILE A 76 -3.45 0.98 6.82
N PRO A 77 -2.35 1.49 6.26
CA PRO A 77 -1.07 1.61 6.97
C PRO A 77 -1.11 2.65 8.08
N ARG A 78 -0.72 2.23 9.29
CA ARG A 78 -0.71 3.14 10.44
C ARG A 78 0.69 3.70 10.67
N GLU A 79 1.65 3.20 9.90
CA GLU A 79 3.04 3.65 10.03
C GLU A 79 3.72 3.69 8.67
N VAL A 80 4.88 4.35 8.63
CA VAL A 80 5.65 4.45 7.38
C VAL A 80 6.97 3.72 7.50
N GLY A 81 7.35 3.01 6.43
CA GLY A 81 8.59 2.26 6.42
C GLY A 81 8.52 1.02 5.56
N GLU A 82 9.03 -0.09 6.09
CA GLU A 82 9.02 -1.35 5.35
C GLU A 82 8.00 -2.32 5.95
N HIS A 83 6.89 -2.49 5.25
CA HIS A 83 5.83 -3.39 5.72
C HIS A 83 5.95 -4.75 5.05
N LEU A 84 5.87 -5.81 5.84
CA LEU A 84 5.98 -7.17 5.33
C LEU A 84 4.61 -7.83 5.27
N VAL A 85 4.18 -8.20 4.07
CA VAL A 85 2.89 -8.85 3.88
C VAL A 85 3.05 -10.36 3.76
N SER A 86 2.46 -11.08 4.71
CA SER A 86 2.54 -12.54 4.73
C SER A 86 1.44 -13.15 3.85
N ILE A 87 1.85 -13.72 2.72
CA ILE A 87 0.91 -14.34 1.79
C ILE A 87 1.20 -15.83 1.62
N LYS A 88 0.29 -16.67 2.10
CA LYS A 88 0.46 -18.12 1.99
C LYS A 88 -0.79 -18.75 1.38
N LYS A 89 -0.70 -20.05 1.09
CA LYS A 89 -1.82 -20.78 0.51
C LYS A 89 -2.13 -22.03 1.32
N ASN A 90 -3.21 -21.99 2.07
CA ASN A 90 -3.62 -23.13 2.89
C ASN A 90 -2.57 -23.44 3.96
N GLY A 91 -1.80 -22.42 4.33
CA GLY A 91 -0.76 -22.60 5.33
C GLY A 91 0.61 -22.83 4.72
N ASN A 92 0.73 -22.51 3.44
CA ASN A 92 2.01 -22.70 2.74
C ASN A 92 2.39 -21.43 1.97
N HIS A 93 3.32 -20.67 2.52
CA HIS A 93 3.78 -19.44 1.88
C HIS A 93 3.77 -19.57 0.37
N VAL A 94 3.43 -18.48 -0.31
CA VAL A 94 3.39 -18.48 -1.77
C VAL A 94 4.57 -17.73 -2.36
N ALA A 95 4.65 -17.69 -3.68
CA ALA A 95 5.74 -17.01 -4.38
C ALA A 95 5.66 -15.50 -4.15
N ASN A 96 6.81 -14.85 -4.12
CA ASN A 96 6.88 -13.41 -3.91
C ASN A 96 6.32 -13.03 -2.55
N SER A 97 6.40 -13.95 -1.60
CA SER A 97 5.90 -13.71 -0.24
C SER A 97 6.95 -14.05 0.80
N PRO A 98 6.99 -13.26 1.88
CA PRO A 98 6.06 -12.14 2.07
C PRO A 98 6.37 -10.99 1.12
N VAL A 99 5.34 -10.20 0.81
CA VAL A 99 5.48 -9.07 -0.11
C VAL A 99 5.96 -7.83 0.64
N SER A 100 7.11 -7.29 0.22
CA SER A 100 7.67 -6.11 0.86
C SER A 100 7.13 -4.84 0.21
N ILE A 101 6.51 -3.98 1.02
CA ILE A 101 5.95 -2.73 0.52
C ILE A 101 6.52 -1.54 1.28
N MET A 102 6.77 -0.45 0.55
CA MET A 102 7.31 0.77 1.17
C MET A 102 6.20 1.78 1.42
N VAL A 103 6.02 2.15 2.68
CA VAL A 103 5.00 3.13 3.05
C VAL A 103 5.62 4.46 3.44
N VAL A 104 5.00 5.55 2.98
CA VAL A 104 5.49 6.89 3.28
C VAL A 104 4.34 7.84 3.59
N GLN A 105 4.67 8.95 4.23
CA GLN A 105 3.66 9.94 4.60
C GLN A 105 3.51 10.99 3.50
N SER A 106 2.40 10.90 2.76
CA SER A 106 2.13 11.84 1.68
C SER A 106 2.57 13.25 2.06
N GLU A 107 2.99 14.02 1.05
CA GLU A 107 3.44 15.39 1.28
C GLU A 107 2.28 16.37 1.14
N ILE A 108 1.12 15.99 1.66
CA ILE A 108 -0.07 16.82 1.59
C ILE A 108 0.20 18.21 2.19
N GLY A 109 1.07 18.25 3.19
CA GLY A 109 1.39 19.51 3.84
C GLY A 109 1.62 19.37 5.33
N ASP A 110 0.98 20.21 6.11
CA ASP A 110 1.11 20.18 7.56
C ASP A 110 -0.11 19.55 8.20
N SER A 111 0.07 18.39 8.83
CA SER A 111 -1.02 17.69 9.48
C SER A 111 -1.07 18.02 10.98
N GLY A 112 -1.55 19.22 11.30
CA GLY A 112 -1.64 19.64 12.68
C GLY A 112 -2.55 18.74 13.50
N PRO A 113 -3.03 19.25 14.64
CA PRO A 113 -3.90 18.51 15.54
C PRO A 113 -5.29 18.29 14.94
N SER A 114 -5.69 17.03 14.81
CA SER A 114 -6.99 16.69 14.24
C SER A 114 -7.61 15.51 14.99
N SER A 115 -8.94 15.47 15.00
CA SER A 115 -9.66 14.40 15.68
C SER A 115 -10.30 13.45 14.67
N GLY A 116 -10.33 12.16 15.02
CA GLY A 116 -10.91 11.17 14.13
C GLY A 116 -9.86 10.38 13.36
N GLY A 1 23.65 10.18 9.52
CA GLY A 1 22.69 9.25 10.10
C GLY A 1 21.37 9.25 9.38
N SER A 2 20.28 9.36 10.14
CA SER A 2 18.94 9.38 9.56
C SER A 2 17.98 10.19 10.42
N SER A 3 17.14 10.99 9.78
CA SER A 3 16.17 11.82 10.48
C SER A 3 15.01 12.19 9.58
N GLY A 4 13.87 12.52 10.18
CA GLY A 4 12.70 12.89 9.42
C GLY A 4 11.64 13.56 10.27
N SER A 5 10.37 13.27 9.96
CA SER A 5 9.25 13.85 10.71
C SER A 5 8.56 12.79 11.54
N SER A 6 8.02 13.21 12.68
CA SER A 6 7.32 12.29 13.58
C SER A 6 5.90 12.01 13.09
N GLY A 7 5.10 13.08 12.96
CA GLY A 7 3.74 12.93 12.50
C GLY A 7 2.73 13.36 13.55
N ILE A 8 2.47 14.66 13.62
CA ILE A 8 1.51 15.19 14.59
C ILE A 8 0.13 14.58 14.38
N PRO A 9 -0.57 14.33 15.50
CA PRO A 9 -1.93 13.74 15.47
C PRO A 9 -2.96 14.72 14.90
N GLY A 10 -3.68 14.27 13.88
CA GLY A 10 -4.69 15.10 13.27
C GLY A 10 -5.21 14.53 11.96
N SER A 11 -6.03 15.31 11.26
CA SER A 11 -6.60 14.87 9.99
C SER A 11 -6.40 15.94 8.92
N PRO A 12 -5.21 15.95 8.30
CA PRO A 12 -4.87 16.91 7.24
C PRO A 12 -5.66 16.65 5.96
N PHE A 13 -6.29 17.70 5.44
CA PHE A 13 -7.07 17.58 4.21
C PHE A 13 -6.32 16.77 3.15
N THR A 14 -7.03 15.89 2.48
CA THR A 14 -6.43 15.04 1.45
C THR A 14 -5.63 15.89 0.46
N ALA A 15 -4.34 15.57 0.31
CA ALA A 15 -3.47 16.30 -0.60
C ALA A 15 -2.24 15.48 -0.94
N LYS A 16 -1.93 15.40 -2.24
CA LYS A 16 -0.77 14.65 -2.71
C LYS A 16 0.32 15.58 -3.21
N ILE A 17 1.56 15.32 -2.80
CA ILE A 17 2.69 16.14 -3.22
C ILE A 17 3.01 15.94 -4.69
N THR A 18 3.75 16.87 -5.26
CA THR A 18 4.12 16.80 -6.67
C THR A 18 4.80 15.48 -6.99
N ASP A 19 4.12 14.62 -7.74
CA ASP A 19 4.67 13.33 -8.12
C ASP A 19 6.14 13.43 -8.48
N ASP A 20 6.95 12.51 -7.97
CA ASP A 20 8.38 12.51 -8.23
C ASP A 20 8.77 11.31 -9.08
N SER A 21 10.06 11.21 -9.40
CA SER A 21 10.55 10.11 -10.22
C SER A 21 11.22 9.04 -9.35
N ARG A 22 10.69 8.86 -8.15
CA ARG A 22 11.23 7.88 -7.21
C ARG A 22 10.95 6.46 -7.70
N ARG A 23 11.85 5.54 -7.37
CA ARG A 23 11.69 4.14 -7.77
C ARG A 23 11.25 3.28 -6.59
N CYS A 24 10.37 3.84 -5.75
CA CYS A 24 9.87 3.13 -4.59
C CYS A 24 8.35 3.17 -4.54
N SER A 25 7.78 2.55 -3.51
CA SER A 25 6.32 2.53 -3.34
C SER A 25 5.87 3.59 -2.36
N GLN A 26 4.96 4.46 -2.79
CA GLN A 26 4.44 5.52 -1.95
C GLN A 26 2.97 5.29 -1.61
N VAL A 27 2.64 5.40 -0.33
CA VAL A 27 1.27 5.20 0.13
C VAL A 27 0.85 6.29 1.10
N LYS A 28 -0.46 6.46 1.27
CA LYS A 28 -0.99 7.47 2.18
C LYS A 28 -1.27 6.87 3.56
N LEU A 29 -0.58 7.40 4.57
CA LEU A 29 -0.76 6.92 5.94
C LEU A 29 -2.13 7.31 6.48
N GLY A 30 -2.87 6.32 6.97
CA GLY A 30 -4.19 6.58 7.52
C GLY A 30 -5.29 6.42 6.48
N SER A 31 -4.93 5.88 5.32
CA SER A 31 -5.90 5.68 4.25
C SER A 31 -5.73 4.30 3.63
N ALA A 32 -6.74 3.85 2.90
CA ALA A 32 -6.71 2.55 2.25
C ALA A 32 -6.18 2.66 0.82
N ALA A 33 -4.97 2.14 0.61
CA ALA A 33 -4.36 2.17 -0.71
C ALA A 33 -4.26 0.78 -1.31
N ASP A 34 -4.34 0.70 -2.64
CA ASP A 34 -4.26 -0.57 -3.34
C ASP A 34 -2.84 -0.84 -3.82
N PHE A 35 -2.44 -2.11 -3.81
CA PHE A 35 -1.11 -2.50 -4.25
C PHE A 35 -1.18 -3.49 -5.41
N LEU A 36 -0.73 -3.06 -6.58
CA LEU A 36 -0.75 -3.90 -7.77
C LEU A 36 0.50 -4.78 -7.81
N LEU A 37 0.29 -6.09 -7.65
CA LEU A 37 1.40 -7.04 -7.69
C LEU A 37 1.11 -8.17 -8.67
N ASP A 38 2.10 -8.50 -9.50
CA ASP A 38 1.95 -9.56 -10.48
C ASP A 38 2.29 -10.92 -9.87
N ILE A 39 1.26 -11.69 -9.53
CA ILE A 39 1.46 -13.00 -8.93
C ILE A 39 0.64 -14.06 -9.66
N SER A 40 1.24 -15.23 -9.88
CA SER A 40 0.57 -16.32 -10.57
C SER A 40 -0.38 -17.05 -9.63
N GLU A 41 -1.18 -16.28 -8.89
CA GLU A 41 -2.14 -16.85 -7.96
C GLU A 41 -3.51 -16.20 -8.10
N THR A 42 -4.52 -17.02 -8.39
CA THR A 42 -5.88 -16.53 -8.57
C THR A 42 -6.70 -16.74 -7.31
N ASP A 43 -7.05 -17.99 -7.03
CA ASP A 43 -7.85 -18.32 -5.85
C ASP A 43 -7.46 -17.43 -4.67
N LEU A 44 -8.35 -16.52 -4.31
CA LEU A 44 -8.11 -15.61 -3.20
C LEU A 44 -8.22 -16.33 -1.86
N SER A 45 -9.41 -16.89 -1.61
CA SER A 45 -9.65 -17.61 -0.36
C SER A 45 -8.51 -18.58 -0.06
N SER A 46 -8.04 -19.27 -1.10
CA SER A 46 -6.96 -20.24 -0.94
C SER A 46 -5.71 -19.57 -0.36
N LEU A 47 -5.51 -18.30 -0.72
CA LEU A 47 -4.36 -17.55 -0.23
C LEU A 47 -4.68 -16.85 1.08
N THR A 48 -3.65 -16.37 1.77
CA THR A 48 -3.82 -15.68 3.04
C THR A 48 -3.39 -14.22 2.93
N ALA A 49 -3.99 -13.37 3.76
CA ALA A 49 -3.66 -11.95 3.76
C ALA A 49 -3.33 -11.46 5.17
N SER A 50 -2.10 -11.01 5.36
CA SER A 50 -1.65 -10.52 6.67
C SER A 50 -0.55 -9.48 6.50
N ILE A 51 -0.57 -8.45 7.35
CA ILE A 51 0.42 -7.39 7.30
C ILE A 51 0.72 -6.87 8.70
N LYS A 52 2.01 -6.67 8.98
CA LYS A 52 2.44 -6.16 10.29
C LYS A 52 3.53 -5.11 10.13
N ALA A 53 3.33 -3.97 10.78
CA ALA A 53 4.30 -2.88 10.72
C ALA A 53 5.57 -3.24 11.49
N PRO A 54 6.62 -2.42 11.29
CA PRO A 54 7.91 -2.63 11.96
C PRO A 54 7.85 -2.36 13.46
N SER A 55 6.76 -1.72 13.89
CA SER A 55 6.57 -1.40 15.29
C SER A 55 5.67 -2.43 15.97
N GLY A 56 5.41 -3.53 15.28
CA GLY A 56 4.58 -4.58 15.83
C GLY A 56 3.11 -4.20 15.83
N ARG A 57 2.73 -3.30 14.94
CA ARG A 57 1.35 -2.86 14.83
C ARG A 57 0.66 -3.49 13.63
N ASP A 58 -0.27 -4.41 13.90
CA ASP A 58 -1.00 -5.10 12.85
C ASP A 58 -1.86 -4.12 12.06
N GLU A 59 -2.08 -4.43 10.79
CA GLU A 59 -2.89 -3.58 9.93
C GLU A 59 -3.95 -4.39 9.18
N PRO A 60 -5.13 -3.78 8.99
CA PRO A 60 -6.25 -4.43 8.30
C PRO A 60 -5.98 -4.61 6.81
N CYS A 61 -5.85 -5.87 6.39
CA CYS A 61 -5.59 -6.18 4.99
C CYS A 61 -6.71 -7.04 4.41
N LEU A 62 -7.08 -6.76 3.17
CA LEU A 62 -8.14 -7.51 2.49
C LEU A 62 -7.78 -7.78 1.04
N LEU A 63 -7.75 -9.06 0.67
CA LEU A 63 -7.42 -9.45 -0.69
C LEU A 63 -8.64 -9.34 -1.61
N LYS A 64 -8.44 -8.74 -2.78
CA LYS A 64 -9.53 -8.57 -3.74
C LYS A 64 -9.01 -8.69 -5.17
N ARG A 65 -9.91 -9.00 -6.09
CA ARG A 65 -9.53 -9.14 -7.50
C ARG A 65 -9.55 -7.80 -8.20
N LEU A 66 -8.50 -7.53 -8.98
CA LEU A 66 -8.39 -6.27 -9.70
C LEU A 66 -8.70 -6.47 -11.19
N PRO A 67 -9.15 -5.39 -11.85
CA PRO A 67 -9.48 -5.42 -13.28
C PRO A 67 -8.26 -5.58 -14.16
N ASN A 68 -8.48 -5.94 -15.41
CA ASN A 68 -7.40 -6.13 -16.37
C ASN A 68 -6.62 -7.41 -16.07
N ASN A 69 -7.33 -8.42 -15.58
CA ASN A 69 -6.71 -9.70 -15.25
C ASN A 69 -5.56 -9.51 -14.26
N HIS A 70 -5.77 -8.64 -13.28
CA HIS A 70 -4.76 -8.37 -12.26
C HIS A 70 -5.33 -8.53 -10.86
N ILE A 71 -4.45 -8.55 -9.87
CA ILE A 71 -4.87 -8.71 -8.48
C ILE A 71 -3.99 -7.87 -7.54
N GLY A 72 -4.59 -7.40 -6.46
CA GLY A 72 -3.87 -6.59 -5.50
C GLY A 72 -4.48 -6.62 -4.11
N ILE A 73 -3.72 -6.22 -3.11
CA ILE A 73 -4.19 -6.21 -1.74
C ILE A 73 -4.52 -4.78 -1.28
N SER A 74 -5.45 -4.67 -0.34
CA SER A 74 -5.85 -3.37 0.19
C SER A 74 -5.75 -3.35 1.70
N PHE A 75 -5.04 -2.35 2.23
CA PHE A 75 -4.86 -2.21 3.67
C PHE A 75 -4.48 -0.78 4.03
N ILE A 76 -4.81 -0.38 5.25
CA ILE A 76 -4.51 0.97 5.73
C ILE A 76 -3.29 0.97 6.65
N PRO A 77 -2.16 1.44 6.12
CA PRO A 77 -0.90 1.51 6.88
C PRO A 77 -0.95 2.56 7.98
N ARG A 78 -0.77 2.12 9.22
CA ARG A 78 -0.79 3.01 10.37
C ARG A 78 0.57 3.66 10.57
N GLU A 79 1.62 2.93 10.22
CA GLU A 79 2.99 3.42 10.38
C GLU A 79 3.67 3.57 9.02
N VAL A 80 4.91 4.05 9.04
CA VAL A 80 5.67 4.24 7.80
C VAL A 80 7.01 3.51 7.86
N GLY A 81 7.41 2.92 6.74
CA GLY A 81 8.66 2.20 6.68
C GLY A 81 8.60 0.99 5.77
N GLU A 82 9.19 -0.11 6.20
CA GLU A 82 9.20 -1.34 5.40
C GLU A 82 8.19 -2.34 5.94
N HIS A 83 7.03 -2.40 5.30
CA HIS A 83 5.98 -3.33 5.72
C HIS A 83 6.13 -4.67 5.01
N LEU A 84 5.85 -5.75 5.72
CA LEU A 84 5.94 -7.09 5.17
C LEU A 84 4.58 -7.77 5.12
N VAL A 85 4.11 -8.07 3.91
CA VAL A 85 2.82 -8.71 3.72
C VAL A 85 2.97 -10.22 3.65
N SER A 86 2.44 -10.91 4.66
CA SER A 86 2.51 -12.36 4.71
C SER A 86 1.43 -13.00 3.85
N ILE A 87 1.83 -13.61 2.74
CA ILE A 87 0.90 -14.25 1.83
C ILE A 87 1.24 -15.72 1.63
N LYS A 88 0.35 -16.60 2.08
CA LYS A 88 0.57 -18.04 1.96
C LYS A 88 -0.65 -18.71 1.35
N LYS A 89 -0.54 -20.01 1.08
CA LYS A 89 -1.63 -20.78 0.50
C LYS A 89 -1.92 -22.02 1.32
N ASN A 90 -3.03 -22.01 2.06
CA ASN A 90 -3.42 -23.14 2.89
C ASN A 90 -2.35 -23.44 3.94
N GLY A 91 -1.59 -22.41 4.30
CA GLY A 91 -0.54 -22.58 5.30
C GLY A 91 0.82 -22.80 4.68
N ASN A 92 0.94 -22.48 3.39
CA ASN A 92 2.19 -22.65 2.68
C ASN A 92 2.55 -21.38 1.90
N HIS A 93 3.49 -20.61 2.45
CA HIS A 93 3.91 -19.37 1.82
C HIS A 93 3.90 -19.51 0.30
N VAL A 94 3.52 -18.42 -0.39
CA VAL A 94 3.47 -18.42 -1.85
C VAL A 94 4.66 -17.68 -2.44
N ALA A 95 4.69 -17.58 -3.77
CA ALA A 95 5.77 -16.90 -4.46
C ALA A 95 5.69 -15.39 -4.26
N ASN A 96 6.85 -14.74 -4.18
CA ASN A 96 6.91 -13.29 -4.00
C ASN A 96 6.34 -12.91 -2.64
N SER A 97 6.37 -13.83 -1.69
CA SER A 97 5.87 -13.59 -0.35
C SER A 97 6.91 -13.93 0.70
N PRO A 98 6.93 -13.16 1.80
CA PRO A 98 6.01 -12.04 1.99
C PRO A 98 6.30 -10.88 1.04
N VAL A 99 5.24 -10.17 0.65
CA VAL A 99 5.39 -9.03 -0.26
C VAL A 99 5.97 -7.82 0.47
N SER A 100 7.01 -7.23 -0.11
CA SER A 100 7.66 -6.07 0.48
C SER A 100 7.02 -4.78 -0.02
N ILE A 101 6.54 -3.96 0.91
CA ILE A 101 5.91 -2.69 0.55
C ILE A 101 6.56 -1.53 1.29
N MET A 102 6.62 -0.37 0.64
CA MET A 102 7.22 0.81 1.25
C MET A 102 6.14 1.84 1.59
N VAL A 103 6.14 2.29 2.84
CA VAL A 103 5.16 3.28 3.30
C VAL A 103 5.86 4.54 3.80
N VAL A 104 5.27 5.69 3.50
CA VAL A 104 5.82 6.97 3.91
C VAL A 104 4.74 8.04 4.02
N GLN A 105 5.00 9.06 4.83
CA GLN A 105 4.04 10.14 5.02
C GLN A 105 4.04 11.09 3.83
N SER A 106 2.86 11.37 3.30
CA SER A 106 2.72 12.25 2.15
C SER A 106 2.80 13.71 2.58
N GLU A 107 2.13 14.04 3.67
CA GLU A 107 2.12 15.40 4.19
C GLU A 107 2.77 15.46 5.58
N ILE A 108 3.78 16.32 5.71
CA ILE A 108 4.48 16.47 6.97
C ILE A 108 3.50 16.50 8.14
N GLY A 109 2.59 17.46 8.12
CA GLY A 109 1.61 17.58 9.18
C GLY A 109 1.34 19.02 9.55
N ASP A 110 0.42 19.66 8.82
CA ASP A 110 0.05 21.04 9.08
C ASP A 110 -0.99 21.14 10.18
N SER A 111 -0.74 22.01 11.16
CA SER A 111 -1.67 22.20 12.27
C SER A 111 -2.75 23.20 11.92
N GLY A 112 -3.87 23.14 12.65
CA GLY A 112 -4.97 24.06 12.39
C GLY A 112 -5.85 24.25 13.61
N PRO A 113 -7.10 24.68 13.38
CA PRO A 113 -8.07 24.91 14.44
C PRO A 113 -8.53 23.62 15.11
N SER A 114 -7.97 23.32 16.29
CA SER A 114 -8.31 22.12 17.02
C SER A 114 -9.81 22.06 17.31
N SER A 115 -10.33 20.85 17.50
CA SER A 115 -11.75 20.67 17.78
C SER A 115 -12.00 19.28 18.38
N GLY A 116 -12.79 19.25 19.45
CA GLY A 116 -13.11 17.98 20.09
C GLY A 116 -13.56 18.16 21.53
#